data_9NND
#
_entry.id   9NND
#
_cell.length_a   1.00
_cell.length_b   1.00
_cell.length_c   1.00
_cell.angle_alpha   90.00
_cell.angle_beta   90.00
_cell.angle_gamma   90.00
#
_symmetry.space_group_name_H-M   'P 1'
#
loop_
_entity.id
_entity.type
_entity.pdbx_description
1 polymer 'Endogenous retrovirus group K member 7 Pol protein'
2 polymer 'Surface protein'
3 branched 2-acetamido-2-deoxy-beta-D-glucopyranose-(1-4)-2-acetamido-2-deoxy-beta-D-glucopyranose
4 branched 2-acetamido-2-deoxy-beta-D-glucopyranose-(1-4)-[alpha-L-fucopyranose-(1-6)]2-acetamido-2-deoxy-beta-D-glucopyranose
5 branched alpha-D-mannopyranose-(1-3)-[alpha-D-mannopyranose-(1-6)]beta-D-mannopyranose-(1-4)-2-acetamido-2-deoxy-beta-D-glucopyranose-(1-4)-2-acetamido-2-deoxy-beta-D-glucopyranose
6 non-polymer 2-acetamido-2-deoxy-beta-D-glucopyranose
7 water water
#
loop_
_entity_poly.entity_id
_entity_poly.type
_entity_poly.pdbx_seq_one_letter_code
_entity_poly.pdbx_strand_id
1 'polypeptide(L)'
;FIFTLIAVIMGLIAVTATAAVAGVALHSSVQSVNFVNDWQKNSTRLWNSQSSIDQKLANQINDLRQTVIWMGDRLMSLEH
RFQLQCDWNTSDFCITPQIYNESEHHWDMVRRHLQGREDNLTLDISKLKEQIFEASKAHLNLVPGTEAIAGVADGLANLN
PVTWVKTIGSTTIINLILILVCLFCLLLVCRCTQQLRRDSDHRERAMMTMAVLSKRKGGNVGKSKRDQIVTVSVGSGGGG
DYKDDDDK
;
a,c,b
2 'polypeptide(L)'
;LPMPAGAAAANYTYWAYVPFPPLIRAVTWMDNPIEVYVNDSVWVPGPIDDRCPAKPEEEGMMINISIGYRYPPICLGRAP
GCLMPAVQNWLVEVPTVSPISRFTYHMVSGMSLRPRVNYLQDFSYQRSLKFRPKGKPCPKEIPKESKNTEVLVWEECVAN
SAVILQNNEFGTIIDWAPRGQFYHNCSGQTQSCPSAQVSPAVDSDLTESLDKHKHKKLQSFYPWEWGEKGISTPRPKIIS
PVSGPEHPELWRLTVASHHIRIWSGNQTLETRDRKPFYTVDLNSSLTVPLQSCVKPPYMLVVGNIVIKPDSQTITCENCR
LLTCIDSTFNWQHRILLVRAREGVWIPVSMDRPWEASPSIHILTEVLKGVLNRSKR
;
A,B,C
#
# COMPACT_ATOMS: atom_id res chain seq x y z
N PHE A 1 -6.44 8.38 -6.94
CA PHE A 1 -7.44 7.35 -6.75
C PHE A 1 -8.63 7.90 -5.96
N ILE A 2 -8.45 9.08 -5.38
CA ILE A 2 -9.51 9.78 -4.67
C ILE A 2 -9.47 11.25 -5.10
N PHE A 3 -10.61 11.78 -5.52
CA PHE A 3 -10.67 13.13 -6.04
C PHE A 3 -11.97 13.80 -5.62
N THR A 4 -11.90 15.13 -5.48
CA THR A 4 -13.07 15.97 -5.26
C THR A 4 -13.29 16.73 -6.56
N LEU A 5 -14.27 16.27 -7.36
CA LEU A 5 -14.52 16.85 -8.67
C LEU A 5 -15.45 18.06 -8.53
N ILE A 6 -14.90 19.10 -7.93
CA ILE A 6 -15.66 20.33 -7.68
C ILE A 6 -15.56 21.30 -8.84
N ALA A 7 -14.34 21.50 -9.37
CA ALA A 7 -14.14 22.48 -10.43
C ALA A 7 -14.65 22.01 -11.78
N VAL A 8 -14.84 20.70 -11.97
CA VAL A 8 -15.27 20.16 -13.25
C VAL A 8 -16.70 20.63 -13.55
N ILE A 9 -17.12 20.48 -14.80
CA ILE A 9 -18.46 20.90 -15.22
C ILE A 9 -19.45 19.76 -15.24
N MET A 10 -19.02 18.54 -14.94
CA MET A 10 -19.92 17.39 -15.04
C MET A 10 -19.37 16.28 -14.16
N GLY A 11 -20.08 15.98 -13.07
CA GLY A 11 -19.64 14.96 -12.14
C GLY A 11 -19.87 13.56 -12.69
N LEU A 12 -19.43 12.58 -11.91
CA LEU A 12 -19.55 11.19 -12.32
C LEU A 12 -21.01 10.79 -12.47
N ILE A 13 -21.87 11.25 -11.56
CA ILE A 13 -23.29 10.91 -11.61
C ILE A 13 -23.89 11.37 -12.94
N ALA A 14 -23.64 12.63 -13.31
CA ALA A 14 -24.21 13.15 -14.54
C ALA A 14 -23.68 12.39 -15.76
N VAL A 15 -22.37 12.08 -15.77
CA VAL A 15 -21.80 11.35 -16.89
C VAL A 15 -22.50 10.01 -17.06
N THR A 16 -22.62 9.24 -15.98
CA THR A 16 -23.24 7.93 -16.06
C THR A 16 -24.70 8.03 -16.48
N ALA A 17 -25.46 8.89 -15.81
CA ALA A 17 -26.90 8.98 -16.06
C ALA A 17 -27.18 9.45 -17.48
N THR A 18 -26.47 10.48 -17.95
CA THR A 18 -26.75 11.00 -19.29
C THR A 18 -26.24 10.06 -20.38
N ALA A 19 -25.24 9.23 -20.08
CA ALA A 19 -24.76 8.30 -21.08
C ALA A 19 -25.58 7.01 -21.16
N ALA A 20 -26.31 6.66 -20.10
CA ALA A 20 -27.06 5.40 -20.10
C ALA A 20 -28.05 5.32 -21.27
N VAL A 21 -28.61 6.45 -21.68
CA VAL A 21 -29.62 6.45 -22.74
C VAL A 21 -29.05 5.90 -24.04
N ALA A 22 -27.88 6.41 -24.45
CA ALA A 22 -27.21 5.86 -25.62
C ALA A 22 -26.56 4.53 -25.34
N GLY A 23 -26.22 4.24 -24.08
CA GLY A 23 -25.65 2.95 -23.74
C GLY A 23 -26.62 1.81 -24.00
N VAL A 24 -27.93 2.10 -23.93
CA VAL A 24 -28.92 1.10 -24.30
C VAL A 24 -28.68 0.60 -25.73
N ALA A 25 -28.70 1.53 -26.69
CA ALA A 25 -28.46 1.15 -28.09
C ALA A 25 -27.07 0.58 -28.28
N LEU A 26 -26.09 1.06 -27.50
CA LEU A 26 -24.75 0.48 -27.58
C LEU A 26 -24.77 -0.99 -27.19
N HIS A 27 -25.53 -1.35 -26.16
CA HIS A 27 -25.70 -2.74 -25.79
C HIS A 27 -26.48 -3.51 -26.86
N SER A 28 -27.33 -2.82 -27.62
CA SER A 28 -28.18 -3.53 -28.57
C SER A 28 -27.39 -4.06 -29.77
N SER A 29 -26.50 -3.25 -30.35
CA SER A 29 -25.91 -3.61 -31.64
C SER A 29 -24.65 -2.78 -31.88
N VAL A 30 -23.90 -3.17 -32.91
CA VAL A 30 -22.72 -2.41 -33.32
C VAL A 30 -23.15 -1.01 -33.76
N GLN A 31 -22.48 0.00 -33.22
CA GLN A 31 -22.74 1.39 -33.56
C GLN A 31 -21.57 1.96 -34.35
N SER A 32 -21.78 3.16 -34.89
CA SER A 32 -20.73 3.83 -35.63
C SER A 32 -19.76 4.51 -34.68
N VAL A 33 -18.62 4.94 -35.23
CA VAL A 33 -17.59 5.59 -34.42
C VAL A 33 -18.10 6.90 -33.84
N ASN A 34 -18.87 7.66 -34.62
CA ASN A 34 -19.42 8.91 -34.11
C ASN A 34 -20.33 8.66 -32.91
N PHE A 35 -21.18 7.63 -32.99
CA PHE A 35 -22.06 7.29 -31.88
C PHE A 35 -21.25 6.99 -30.61
N VAL A 36 -20.24 6.12 -30.74
CA VAL A 36 -19.46 5.72 -29.57
C VAL A 36 -18.70 6.92 -29.01
N ASN A 37 -18.14 7.75 -29.88
CA ASN A 37 -17.41 8.93 -29.43
C ASN A 37 -18.31 9.88 -28.68
N ASP A 38 -19.51 10.14 -29.21
CA ASP A 38 -20.49 10.98 -28.51
C ASP A 38 -20.85 10.37 -27.16
N TRP A 39 -20.94 9.05 -27.10
CA TRP A 39 -21.35 8.38 -25.88
C TRP A 39 -20.27 8.39 -24.81
N GLN A 40 -18.99 8.40 -25.20
CA GLN A 40 -17.89 8.32 -24.23
C GLN A 40 -17.17 9.65 -23.98
N LYS A 41 -17.49 10.70 -24.74
CA LYS A 41 -16.68 11.91 -24.69
C LYS A 41 -16.69 12.56 -23.31
N ASN A 42 -17.85 12.61 -22.66
CA ASN A 42 -17.92 13.30 -21.37
C ASN A 42 -17.19 12.51 -20.28
N SER A 43 -17.29 11.18 -20.31
CA SER A 43 -16.53 10.38 -19.36
C SER A 43 -15.04 10.55 -19.56
N THR A 44 -14.58 10.55 -20.82
CA THR A 44 -13.16 10.77 -21.08
C THR A 44 -12.72 12.15 -20.62
N ARG A 45 -13.54 13.17 -20.87
CA ARG A 45 -13.21 14.52 -20.42
C ARG A 45 -13.11 14.58 -18.91
N LEU A 46 -14.05 13.97 -18.20
CA LEU A 46 -14.01 13.99 -16.74
C LEU A 46 -12.76 13.29 -16.22
N TRP A 47 -12.40 12.16 -16.81
CA TRP A 47 -11.22 11.44 -16.34
C TRP A 47 -9.92 11.97 -16.92
N ASN A 48 -9.97 13.02 -17.73
CA ASN A 48 -8.78 13.74 -18.14
C ASN A 48 -8.71 15.15 -17.54
N SER A 49 -9.48 15.41 -16.48
CA SER A 49 -9.61 16.76 -15.96
C SER A 49 -9.38 16.90 -14.46
N GLN A 50 -9.23 15.80 -13.72
CA GLN A 50 -8.96 15.93 -12.29
C GLN A 50 -7.59 16.56 -12.06
N SER A 51 -7.52 17.43 -11.05
CA SER A 51 -6.32 18.23 -10.81
C SER A 51 -5.28 17.45 -10.00
N SER A 52 -5.65 16.98 -8.82
CA SER A 52 -4.75 16.22 -7.97
C SER A 52 -5.56 15.39 -6.99
N ILE A 53 -4.90 14.42 -6.38
CA ILE A 53 -5.56 13.59 -5.37
C ILE A 53 -5.84 14.45 -4.13
N ASP A 54 -7.06 14.37 -3.63
CA ASP A 54 -7.49 15.17 -2.49
C ASP A 54 -6.84 14.62 -1.23
N GLN A 55 -5.94 15.39 -0.63
CA GLN A 55 -5.18 14.92 0.53
C GLN A 55 -6.08 14.75 1.75
N LYS A 56 -7.05 15.65 1.93
CA LYS A 56 -7.94 15.58 3.08
C LYS A 56 -8.62 14.22 3.17
N LEU A 57 -8.95 13.62 2.03
CA LEU A 57 -9.53 12.29 2.00
C LEU A 57 -8.47 11.19 1.95
N ALA A 58 -7.40 11.41 1.18
CA ALA A 58 -6.41 10.36 0.98
C ALA A 58 -5.68 10.01 2.27
N ASN A 59 -5.32 11.01 3.08
CA ASN A 59 -4.51 10.74 4.25
C ASN A 59 -5.25 9.98 5.34
N GLN A 60 -6.56 9.82 5.23
CA GLN A 60 -7.34 9.07 6.22
C GLN A 60 -7.50 7.60 5.88
N ILE A 61 -6.99 7.15 4.73
CA ILE A 61 -7.19 5.76 4.32
C ILE A 61 -6.40 4.84 5.24
N ASN A 62 -7.10 3.88 5.84
CA ASN A 62 -6.46 2.89 6.71
C ASN A 62 -6.10 1.62 5.92
N ASP A 63 -7.09 1.04 5.25
CA ASP A 63 -6.90 -0.17 4.45
C ASP A 63 -6.57 0.25 3.02
N LEU A 64 -5.34 0.03 2.61
CA LEU A 64 -4.88 0.42 1.27
C LEU A 64 -5.08 -0.68 0.23
N ARG A 65 -5.69 -1.82 0.60
CA ARG A 65 -5.77 -2.95 -0.32
C ARG A 65 -6.62 -2.61 -1.55
N GLN A 66 -7.81 -2.05 -1.34
CA GLN A 66 -8.67 -1.71 -2.47
C GLN A 66 -8.03 -0.65 -3.35
N THR A 67 -7.40 0.35 -2.73
CA THR A 67 -6.73 1.41 -3.49
C THR A 67 -5.57 0.83 -4.31
N VAL A 68 -4.78 -0.06 -3.71
CA VAL A 68 -3.63 -0.62 -4.41
C VAL A 68 -4.10 -1.50 -5.57
N ILE A 69 -5.17 -2.27 -5.37
CA ILE A 69 -5.70 -3.11 -6.45
C ILE A 69 -6.22 -2.24 -7.59
N TRP A 70 -6.95 -1.18 -7.26
CA TRP A 70 -7.45 -0.26 -8.29
C TRP A 70 -6.30 0.39 -9.05
N MET A 71 -5.26 0.81 -8.32
CA MET A 71 -4.09 1.40 -8.96
C MET A 71 -3.38 0.39 -9.86
N GLY A 72 -3.30 -0.86 -9.42
CA GLY A 72 -2.68 -1.88 -10.26
C GLY A 72 -3.45 -2.12 -11.53
N ASP A 73 -4.78 -2.14 -11.45
CA ASP A 73 -5.58 -2.27 -12.66
C ASP A 73 -5.38 -1.08 -13.59
N ARG A 74 -5.34 0.14 -13.02
CA ARG A 74 -5.10 1.33 -13.84
C ARG A 74 -3.73 1.27 -14.51
N LEU A 75 -2.71 0.83 -13.77
CA LEU A 75 -1.36 0.75 -14.34
C LEU A 75 -1.28 -0.31 -15.43
N MET A 76 -1.93 -1.46 -15.22
CA MET A 76 -1.97 -2.48 -16.26
C MET A 76 -2.67 -1.98 -17.51
N SER A 77 -3.80 -1.27 -17.33
CA SER A 77 -4.50 -0.70 -18.46
C SER A 77 -3.64 0.32 -19.21
N LEU A 78 -2.95 1.18 -18.47
CA LEU A 78 -2.07 2.16 -19.12
C LEU A 78 -0.94 1.47 -19.87
N GLU A 79 -0.35 0.43 -19.27
CA GLU A 79 0.71 -0.31 -19.94
C GLU A 79 0.21 -0.92 -21.23
N HIS A 80 -0.98 -1.52 -21.21
CA HIS A 80 -1.52 -2.11 -22.43
C HIS A 80 -1.86 -1.02 -23.45
N ARG A 81 -2.39 0.12 -23.01
CA ARG A 81 -2.74 1.19 -23.92
C ARG A 81 -1.50 1.74 -24.62
N PHE A 82 -0.38 1.83 -23.90
CA PHE A 82 0.83 2.39 -24.49
C PHE A 82 1.29 1.63 -25.71
N GLN A 83 0.96 0.34 -25.82
CA GLN A 83 1.40 -0.48 -26.94
C GLN A 83 0.31 -0.71 -27.98
N LEU A 84 -0.89 -0.17 -27.78
CA LEU A 84 -1.95 -0.30 -28.76
C LEU A 84 -1.68 0.58 -29.98
N GLN A 85 -2.10 0.10 -31.15
CA GLN A 85 -2.04 0.87 -32.38
C GLN A 85 -3.43 1.42 -32.67
N CYS A 86 -3.52 2.73 -32.85
CA CYS A 86 -4.79 3.43 -32.84
C CYS A 86 -4.95 4.22 -34.13
N ASP A 87 -6.18 4.32 -34.60
CA ASP A 87 -6.47 5.18 -35.75
C ASP A 87 -6.19 6.63 -35.40
N TRP A 88 -5.57 7.35 -36.33
CA TRP A 88 -5.10 8.69 -36.04
C TRP A 88 -6.24 9.68 -35.80
N ASN A 89 -7.40 9.44 -36.39
CA ASN A 89 -8.47 10.44 -36.33
C ASN A 89 -9.27 10.38 -35.03
N THR A 90 -9.04 9.38 -34.18
CA THR A 90 -9.75 9.26 -32.91
C THR A 90 -8.73 9.28 -31.79
N SER A 91 -8.70 10.37 -31.02
CA SER A 91 -7.78 10.50 -29.91
C SER A 91 -8.41 10.23 -28.55
N ASP A 92 -9.75 10.28 -28.46
CA ASP A 92 -10.41 10.02 -27.18
C ASP A 92 -10.25 8.57 -26.74
N PHE A 93 -10.34 7.64 -27.69
CA PHE A 93 -10.18 6.22 -27.43
C PHE A 93 -9.41 5.61 -28.59
N CYS A 94 -9.04 4.34 -28.44
CA CYS A 94 -8.14 3.68 -29.38
C CYS A 94 -8.93 2.73 -30.26
N ILE A 95 -8.98 3.03 -31.56
CA ILE A 95 -9.55 2.13 -32.56
C ILE A 95 -8.40 1.32 -33.14
N THR A 96 -8.36 0.03 -32.84
CA THR A 96 -7.31 -0.84 -33.34
C THR A 96 -7.60 -1.26 -34.78
N PRO A 97 -6.58 -1.71 -35.51
CA PRO A 97 -6.81 -2.24 -36.86
C PRO A 97 -7.33 -3.67 -36.90
N GLN A 98 -7.75 -4.23 -35.78
CA GLN A 98 -8.28 -5.59 -35.75
C GLN A 98 -9.73 -5.57 -36.22
N ILE A 99 -10.00 -6.24 -37.33
CA ILE A 99 -11.34 -6.28 -37.90
C ILE A 99 -12.26 -7.10 -37.03
N TYR A 100 -13.45 -6.57 -36.76
CA TYR A 100 -14.48 -7.32 -36.04
C TYR A 100 -14.92 -8.53 -36.86
N ASN A 101 -14.82 -9.71 -36.27
CA ASN A 101 -15.16 -10.96 -36.96
C ASN A 101 -16.40 -11.54 -36.29
N GLU A 102 -17.56 -11.35 -36.93
CA GLU A 102 -18.84 -11.67 -36.30
C GLU A 102 -18.98 -13.17 -36.02
N SER A 103 -18.47 -14.02 -36.90
CA SER A 103 -18.61 -15.46 -36.69
C SER A 103 -17.88 -15.92 -35.44
N GLU A 104 -16.67 -15.39 -35.21
CA GLU A 104 -15.92 -15.76 -34.02
C GLU A 104 -16.52 -15.17 -32.75
N HIS A 105 -16.92 -13.89 -32.81
CA HIS A 105 -17.47 -13.18 -31.65
C HIS A 105 -18.88 -12.72 -31.99
N HIS A 106 -19.86 -13.58 -31.73
CA HIS A 106 -21.25 -13.17 -31.92
C HIS A 106 -21.61 -12.09 -30.90
N TRP A 107 -22.61 -11.28 -31.25
CA TRP A 107 -22.86 -10.05 -30.52
C TRP A 107 -23.18 -10.30 -29.05
N ASP A 108 -23.69 -11.48 -28.71
CA ASP A 108 -24.05 -11.75 -27.32
C ASP A 108 -22.84 -11.70 -26.40
N MET A 109 -21.69 -12.20 -26.88
CA MET A 109 -20.46 -12.10 -26.09
C MET A 109 -20.09 -10.64 -25.83
N VAL A 110 -20.23 -9.79 -26.85
CA VAL A 110 -19.91 -8.38 -26.70
C VAL A 110 -20.87 -7.72 -25.72
N ARG A 111 -22.17 -8.03 -25.82
CA ARG A 111 -23.14 -7.44 -24.90
C ARG A 111 -22.87 -7.87 -23.47
N ARG A 112 -22.51 -9.14 -23.27
CA ARG A 112 -22.18 -9.62 -21.94
C ARG A 112 -20.93 -8.94 -21.40
N HIS A 113 -19.93 -8.71 -22.26
CA HIS A 113 -18.75 -7.98 -21.84
C HIS A 113 -19.10 -6.55 -21.43
N LEU A 114 -19.93 -5.88 -22.24
CA LEU A 114 -20.36 -4.53 -21.89
C LEU A 114 -21.18 -4.52 -20.61
N GLN A 115 -21.87 -5.61 -20.32
CA GLN A 115 -22.62 -5.74 -19.07
C GLN A 115 -21.74 -6.00 -17.87
N GLY A 116 -20.45 -6.27 -18.07
CA GLY A 116 -19.56 -6.55 -16.97
C GLY A 116 -19.51 -7.98 -16.52
N ARG A 117 -19.87 -8.93 -17.37
CA ARG A 117 -19.87 -10.35 -17.02
C ARG A 117 -18.53 -10.99 -17.38
N GLU A 118 -18.28 -12.14 -16.75
CA GLU A 118 -17.07 -12.91 -17.04
C GLU A 118 -17.37 -14.41 -17.11
N ASP A 119 -18.58 -14.78 -17.54
CA ASP A 119 -18.93 -16.18 -17.63
C ASP A 119 -18.42 -16.77 -18.95
N ASN A 120 -18.75 -18.03 -19.18
CA ASN A 120 -18.24 -18.77 -20.34
C ASN A 120 -18.89 -18.35 -21.65
N LEU A 121 -19.93 -17.52 -21.61
CA LEU A 121 -20.50 -16.94 -22.82
C LEU A 121 -20.01 -15.53 -23.09
N THR A 122 -19.16 -14.98 -22.23
CA THR A 122 -18.66 -13.63 -22.41
C THR A 122 -17.47 -13.59 -23.33
N LEU A 123 -17.28 -12.45 -23.98
CA LEU A 123 -16.10 -12.22 -24.82
C LEU A 123 -14.82 -12.45 -24.02
N ASP A 124 -13.92 -13.24 -24.59
CA ASP A 124 -12.67 -13.60 -23.93
C ASP A 124 -11.66 -12.49 -24.18
N ILE A 125 -11.42 -11.68 -23.14
CA ILE A 125 -10.59 -10.48 -23.30
C ILE A 125 -9.14 -10.86 -23.58
N SER A 126 -8.61 -11.87 -22.89
CA SER A 126 -7.21 -12.25 -23.07
C SER A 126 -6.95 -12.73 -24.49
N LYS A 127 -7.82 -13.59 -25.02
CA LYS A 127 -7.65 -14.09 -26.38
C LYS A 127 -7.77 -12.96 -27.40
N LEU A 128 -8.73 -12.05 -27.20
CA LEU A 128 -8.88 -10.92 -28.10
C LEU A 128 -7.66 -10.03 -28.07
N LYS A 129 -7.11 -9.78 -26.88
CA LYS A 129 -5.90 -8.98 -26.77
C LYS A 129 -4.72 -9.66 -27.45
N GLU A 130 -4.62 -10.98 -27.33
CA GLU A 130 -3.57 -11.71 -28.04
C GLU A 130 -3.69 -11.52 -29.54
N GLN A 131 -4.90 -11.68 -30.08
CA GLN A 131 -5.11 -11.51 -31.51
C GLN A 131 -4.78 -10.08 -31.94
N ILE A 132 -5.22 -9.09 -31.18
CA ILE A 132 -4.98 -7.70 -31.53
C ILE A 132 -3.48 -7.39 -31.50
N PHE A 133 -2.79 -7.86 -30.46
CA PHE A 133 -1.36 -7.62 -30.35
C PHE A 133 -0.61 -8.26 -31.53
N GLU A 134 -0.99 -9.48 -31.89
CA GLU A 134 -0.33 -10.14 -33.02
C GLU A 134 -0.61 -9.42 -34.33
N ALA A 135 -1.83 -8.94 -34.53
CA ALA A 135 -2.20 -8.32 -35.80
C ALA A 135 -1.82 -6.85 -35.91
N SER A 136 -1.48 -6.18 -34.80
CA SER A 136 -1.24 -4.74 -34.81
C SER A 136 0.24 -4.39 -34.85
N LYS A 137 1.05 -5.19 -35.54
CA LYS A 137 2.47 -4.87 -35.64
C LYS A 137 2.67 -3.60 -36.48
N ALA A 138 3.67 -2.81 -36.10
CA ALA A 138 3.97 -1.59 -36.85
C ALA A 138 4.37 -1.91 -38.29
N HIS A 139 5.03 -3.05 -38.51
CA HIS A 139 5.46 -3.40 -39.86
C HIS A 139 4.32 -3.92 -40.72
N LEU A 140 3.13 -4.11 -40.17
CA LEU A 140 1.98 -4.56 -40.94
C LEU A 140 0.94 -3.47 -41.16
N ASN A 141 1.00 -2.36 -40.42
CA ASN A 141 -0.10 -1.40 -40.45
C ASN A 141 0.36 0.03 -40.70
N LEU A 142 1.55 0.40 -40.23
CA LEU A 142 1.99 1.79 -40.32
C LEU A 142 2.17 2.24 -41.77
N VAL A 143 2.69 1.36 -42.61
CA VAL A 143 2.85 1.70 -44.04
C VAL A 143 1.48 1.56 -44.72
N PRO A 144 0.99 2.60 -45.38
CA PRO A 144 -0.30 2.48 -46.08
C PRO A 144 -0.23 1.44 -47.20
N GLY A 145 -1.37 0.83 -47.47
CA GLY A 145 -1.44 -0.23 -48.45
C GLY A 145 -1.18 0.27 -49.86
N THR A 146 -1.00 -0.70 -50.76
CA THR A 146 -0.69 -0.37 -52.15
C THR A 146 -1.84 0.38 -52.83
N GLU A 147 -3.08 0.12 -52.41
CA GLU A 147 -4.21 0.82 -53.00
C GLU A 147 -4.16 2.31 -52.73
N ALA A 148 -3.84 2.70 -51.49
CA ALA A 148 -3.76 4.13 -51.17
C ALA A 148 -2.61 4.80 -51.91
N ILE A 149 -1.46 4.14 -51.98
CA ILE A 149 -0.31 4.69 -52.68
C ILE A 149 -0.62 4.86 -54.17
N ALA A 150 -1.27 3.87 -54.77
CA ALA A 150 -1.68 3.98 -56.17
C ALA A 150 -2.68 5.11 -56.37
N GLY A 151 -3.63 5.25 -55.44
CA GLY A 151 -4.60 6.33 -55.54
C GLY A 151 -3.95 7.70 -55.47
N VAL A 152 -2.96 7.85 -54.59
CA VAL A 152 -2.21 9.10 -54.54
C VAL A 152 -1.45 9.32 -55.85
N ALA A 153 -0.81 8.28 -56.35
CA ALA A 153 -0.06 8.36 -57.61
C ALA A 153 -1.01 8.32 -58.81
N ALA B 10 -17.32 1.73 -48.09
CA ALA B 10 -18.15 0.69 -47.49
C ALA B 10 -18.20 0.83 -45.98
N ASN B 11 -18.39 -0.30 -45.29
CA ASN B 11 -18.44 -0.34 -43.84
C ASN B 11 -17.31 -1.23 -43.33
N TYR B 12 -16.55 -0.74 -42.36
CA TYR B 12 -15.42 -1.46 -41.80
C TYR B 12 -15.52 -1.42 -40.29
N THR B 13 -15.65 -2.59 -39.66
CA THR B 13 -15.81 -2.66 -38.21
C THR B 13 -14.49 -3.10 -37.58
N TYR B 14 -14.07 -2.38 -36.55
CA TYR B 14 -12.82 -2.62 -35.86
C TYR B 14 -13.04 -2.66 -34.36
N TRP B 15 -12.20 -3.43 -33.67
CA TRP B 15 -12.21 -3.43 -32.22
C TRP B 15 -11.63 -2.12 -31.70
N ALA B 16 -12.27 -1.57 -30.68
CA ALA B 16 -11.81 -0.35 -30.04
C ALA B 16 -11.79 -0.55 -28.54
N TYR B 17 -10.85 0.12 -27.89
CA TYR B 17 -10.72 0.09 -26.44
C TYR B 17 -11.14 1.45 -25.89
N VAL B 18 -12.10 1.45 -24.97
CA VAL B 18 -12.57 2.65 -24.30
C VAL B 18 -11.97 2.65 -22.90
N PRO B 19 -10.96 3.48 -22.62
CA PRO B 19 -10.29 3.41 -21.30
C PRO B 19 -11.17 3.86 -20.15
N PHE B 20 -11.99 4.89 -20.34
CA PHE B 20 -12.82 5.46 -19.28
C PHE B 20 -14.27 5.49 -19.76
N PRO B 21 -14.93 4.33 -19.81
CA PRO B 21 -16.30 4.30 -20.27
C PRO B 21 -17.24 4.86 -19.22
N PRO B 22 -18.37 5.45 -19.62
CA PRO B 22 -19.34 5.95 -18.65
C PRO B 22 -20.16 4.86 -17.97
N LEU B 23 -19.72 3.62 -18.04
CA LEU B 23 -20.41 2.49 -17.41
C LEU B 23 -20.08 2.42 -15.92
N ILE B 24 -20.84 1.58 -15.21
CA ILE B 24 -20.58 1.29 -13.81
C ILE B 24 -20.64 -0.22 -13.62
N ARG B 25 -19.96 -0.69 -12.58
CA ARG B 25 -20.00 -2.08 -12.18
C ARG B 25 -20.27 -2.15 -10.69
N ALA B 26 -21.00 -3.19 -10.29
CA ALA B 26 -21.33 -3.35 -8.88
C ALA B 26 -20.09 -3.64 -8.06
N VAL B 27 -20.01 -3.00 -6.89
CA VAL B 27 -19.03 -3.41 -5.89
C VAL B 27 -19.47 -4.75 -5.31
N THR B 28 -18.57 -5.71 -5.27
CA THR B 28 -18.89 -7.06 -4.84
C THR B 28 -18.29 -7.33 -3.47
N TRP B 29 -18.75 -8.43 -2.86
CA TRP B 29 -18.20 -8.90 -1.59
C TRP B 29 -16.77 -9.37 -1.71
N MET B 30 -16.28 -9.62 -2.92
CA MET B 30 -14.88 -9.95 -3.14
C MET B 30 -13.98 -8.72 -3.20
N ASP B 31 -14.56 -7.53 -3.34
CA ASP B 31 -13.79 -6.30 -3.24
C ASP B 31 -13.30 -6.09 -1.82
N ASN B 32 -12.20 -5.38 -1.68
CA ASN B 32 -11.74 -4.94 -0.38
C ASN B 32 -12.53 -3.72 0.07
N PRO B 33 -12.57 -3.42 1.36
CA PRO B 33 -13.45 -2.35 1.85
C PRO B 33 -13.18 -1.02 1.18
N ILE B 34 -14.25 -0.28 0.91
CA ILE B 34 -14.17 1.03 0.29
C ILE B 34 -14.32 2.08 1.38
N GLU B 35 -14.04 3.34 1.01
CA GLU B 35 -14.11 4.44 1.95
C GLU B 35 -15.52 5.03 1.99
N VAL B 36 -16.09 5.11 3.19
CA VAL B 36 -17.33 5.83 3.44
C VAL B 36 -17.03 6.93 4.45
N TYR B 37 -17.33 8.17 4.09
CA TYR B 37 -16.98 9.32 4.89
C TYR B 37 -18.20 9.86 5.62
N VAL B 38 -18.09 10.00 6.94
CA VAL B 38 -19.16 10.53 7.77
C VAL B 38 -18.77 11.92 8.24
N ASN B 39 -19.76 12.79 8.39
CA ASN B 39 -19.52 14.20 8.66
C ASN B 39 -19.48 14.56 10.13
N ASP B 40 -19.59 13.59 11.03
CA ASP B 40 -19.59 13.86 12.48
C ASP B 40 -18.59 12.94 13.16
N SER B 41 -17.43 13.49 13.51
CA SER B 41 -16.40 12.73 14.21
C SER B 41 -16.68 12.60 15.70
N VAL B 42 -17.67 13.33 16.23
CA VAL B 42 -18.01 13.21 17.65
C VAL B 42 -18.56 11.83 17.96
N TRP B 43 -19.42 11.30 17.08
CA TRP B 43 -20.11 10.04 17.34
C TRP B 43 -19.69 8.89 16.44
N VAL B 44 -19.05 9.18 15.31
CA VAL B 44 -18.69 8.14 14.35
C VAL B 44 -17.19 8.20 14.07
N PRO B 45 -16.49 7.06 14.03
CA PRO B 45 -15.06 7.09 13.70
C PRO B 45 -14.84 7.47 12.24
N GLY B 46 -13.56 7.66 11.91
CA GLY B 46 -13.18 8.12 10.59
C GLY B 46 -13.38 7.05 9.53
N PRO B 47 -13.15 7.43 8.27
CA PRO B 47 -12.71 8.75 7.79
C PRO B 47 -13.82 9.79 7.84
N ILE B 48 -13.46 11.07 7.93
CA ILE B 48 -14.42 12.14 8.18
C ILE B 48 -14.40 13.11 7.00
N ASP B 49 -15.59 13.56 6.61
CA ASP B 49 -15.73 14.65 5.64
C ASP B 49 -17.07 15.33 5.88
N ASP B 50 -17.04 16.59 6.30
CA ASP B 50 -18.26 17.35 6.54
C ASP B 50 -18.73 18.13 5.31
N ARG B 51 -18.04 18.00 4.18
CA ARG B 51 -18.42 18.74 2.99
C ARG B 51 -19.65 18.11 2.33
N CYS B 52 -20.42 18.95 1.65
CA CYS B 52 -21.49 18.48 0.80
C CYS B 52 -20.89 17.86 -0.47
N PRO B 53 -21.70 17.09 -1.21
CA PRO B 53 -21.20 16.54 -2.47
C PRO B 53 -20.69 17.65 -3.39
N ALA B 54 -19.62 17.34 -4.13
CA ALA B 54 -19.03 18.33 -5.02
C ALA B 54 -20.03 18.84 -6.04
N LYS B 55 -21.01 18.00 -6.42
CA LYS B 55 -22.05 18.35 -7.37
C LYS B 55 -23.41 18.04 -6.75
N PRO B 56 -23.85 18.87 -5.80
CA PRO B 56 -25.14 18.58 -5.14
C PRO B 56 -26.32 18.58 -6.11
N GLU B 57 -26.24 19.36 -7.18
CA GLU B 57 -27.34 19.42 -8.15
C GLU B 57 -27.47 18.14 -8.95
N GLU B 58 -26.43 17.31 -9.01
CA GLU B 58 -26.49 16.07 -9.76
C GLU B 58 -27.01 14.89 -8.94
N GLU B 59 -27.06 15.02 -7.62
CA GLU B 59 -27.57 13.94 -6.79
C GLU B 59 -29.03 13.65 -7.11
N GLY B 60 -29.33 12.37 -7.29
CA GLY B 60 -30.69 11.94 -7.55
C GLY B 60 -31.07 11.75 -9.00
N MET B 61 -30.12 11.84 -9.93
CA MET B 61 -30.42 11.66 -11.34
C MET B 61 -30.89 10.24 -11.61
N MET B 62 -31.96 10.10 -12.39
CA MET B 62 -32.52 8.80 -12.68
C MET B 62 -31.67 8.04 -13.70
N ILE B 63 -31.78 6.71 -13.65
CA ILE B 63 -31.04 5.83 -14.54
C ILE B 63 -31.69 4.45 -14.49
N ASN B 64 -31.74 3.79 -15.65
CA ASN B 64 -32.04 2.37 -15.70
C ASN B 64 -30.75 1.57 -15.64
N ILE B 65 -30.74 0.50 -14.85
CA ILE B 65 -29.56 -0.31 -14.62
C ILE B 65 -29.84 -1.72 -15.11
N SER B 66 -28.93 -2.27 -15.91
CA SER B 66 -28.99 -3.67 -16.31
C SER B 66 -27.55 -4.15 -16.51
N ILE B 67 -27.00 -4.82 -15.50
CA ILE B 67 -25.60 -5.24 -15.49
C ILE B 67 -25.51 -6.68 -15.03
N GLY B 68 -24.34 -7.27 -15.27
CA GLY B 68 -23.99 -8.57 -14.72
C GLY B 68 -22.95 -8.44 -13.63
N TYR B 69 -22.59 -9.60 -13.06
CA TYR B 69 -21.56 -9.63 -12.04
C TYR B 69 -20.96 -11.02 -11.98
N ARG B 70 -19.74 -11.09 -11.45
CA ARG B 70 -19.07 -12.37 -11.20
C ARG B 70 -19.18 -12.82 -9.75
N TYR B 71 -19.15 -11.89 -8.81
CA TYR B 71 -19.26 -12.18 -7.39
C TYR B 71 -20.46 -11.44 -6.81
N PRO B 72 -21.06 -11.97 -5.73
CA PRO B 72 -22.30 -11.38 -5.21
C PRO B 72 -22.14 -9.91 -4.90
N PRO B 73 -23.00 -9.06 -5.47
CA PRO B 73 -22.87 -7.62 -5.25
C PRO B 73 -23.22 -7.23 -3.82
N ILE B 74 -22.67 -6.11 -3.38
CA ILE B 74 -22.97 -5.55 -2.08
C ILE B 74 -24.22 -4.68 -2.22
N CYS B 75 -25.31 -5.11 -1.59
CA CYS B 75 -26.57 -4.40 -1.63
C CYS B 75 -27.14 -4.34 -0.22
N LEU B 76 -27.72 -3.20 0.14
CA LEU B 76 -28.38 -3.00 1.42
C LEU B 76 -29.85 -2.65 1.19
N GLY B 77 -30.71 -3.23 2.01
CA GLY B 77 -32.14 -2.99 1.93
C GLY B 77 -32.90 -4.26 2.16
N ARG B 78 -34.22 -4.18 1.95
CA ARG B 78 -35.12 -5.30 2.17
C ARG B 78 -35.52 -5.87 0.81
N ALA B 79 -34.66 -6.75 0.28
CA ALA B 79 -34.88 -7.42 -0.99
C ALA B 79 -33.93 -8.61 -1.09
N PRO B 80 -34.26 -9.63 -1.87
CA PRO B 80 -33.34 -10.76 -2.03
C PRO B 80 -31.98 -10.29 -2.54
N GLY B 81 -30.92 -10.81 -1.93
CA GLY B 81 -29.57 -10.40 -2.24
C GLY B 81 -29.10 -9.13 -1.57
N CYS B 82 -29.92 -8.51 -0.72
CA CYS B 82 -29.56 -7.28 -0.04
C CYS B 82 -29.68 -7.49 1.47
N LEU B 83 -28.73 -6.93 2.22
CA LEU B 83 -28.73 -7.05 3.67
C LEU B 83 -29.75 -6.10 4.28
N MET B 84 -30.66 -6.64 5.07
CA MET B 84 -31.71 -5.85 5.68
C MET B 84 -31.14 -5.02 6.84
N PRO B 85 -31.61 -3.80 7.03
CA PRO B 85 -31.17 -2.99 8.17
C PRO B 85 -32.09 -3.09 9.38
N ALA B 86 -31.49 -2.88 10.54
CA ALA B 86 -32.21 -2.82 11.81
C ALA B 86 -31.37 -2.05 12.81
N VAL B 87 -32.00 -1.65 13.91
CA VAL B 87 -31.29 -0.88 14.93
C VAL B 87 -30.34 -1.80 15.69
N GLN B 88 -29.11 -1.33 15.88
CA GLN B 88 -28.14 -1.94 16.78
C GLN B 88 -27.85 -0.96 17.91
N ASN B 89 -27.69 -1.52 19.12
CA ASN B 89 -27.48 -0.73 20.32
C ASN B 89 -26.10 -1.02 20.89
N TRP B 90 -25.32 0.04 21.11
CA TRP B 90 -24.03 -0.05 21.78
C TRP B 90 -24.16 0.58 23.15
N LEU B 91 -23.86 -0.18 24.20
CA LEU B 91 -24.08 0.22 25.57
C LEU B 91 -22.76 0.31 26.32
N VAL B 92 -22.53 1.43 27.00
CA VAL B 92 -21.42 1.61 27.92
C VAL B 92 -22.01 1.64 29.34
N GLU B 93 -21.51 0.77 30.19
CA GLU B 93 -22.00 0.64 31.56
C GLU B 93 -20.89 0.91 32.56
N VAL B 94 -21.14 1.84 33.46
CA VAL B 94 -20.20 2.25 34.51
C VAL B 94 -20.72 1.73 35.83
N PRO B 95 -19.99 0.84 36.52
CA PRO B 95 -20.46 0.36 37.82
C PRO B 95 -20.55 1.49 38.84
N THR B 96 -21.53 1.39 39.73
CA THR B 96 -21.75 2.39 40.76
C THR B 96 -21.59 1.76 42.14
N VAL B 97 -20.95 2.48 43.04
CA VAL B 97 -20.70 1.97 44.39
C VAL B 97 -21.93 1.99 45.27
N SER B 98 -23.00 2.65 44.84
CA SER B 98 -24.21 2.73 45.65
C SER B 98 -24.85 1.35 45.79
N PRO B 99 -25.40 1.04 46.97
CA PRO B 99 -26.02 -0.28 47.14
C PRO B 99 -27.35 -0.44 46.43
N ILE B 100 -28.00 0.66 46.02
CA ILE B 100 -29.29 0.59 45.35
C ILE B 100 -29.16 0.79 43.84
N SER B 101 -27.94 0.92 43.33
CA SER B 101 -27.70 1.10 41.90
C SER B 101 -26.60 0.14 41.45
N ARG B 102 -26.79 -0.47 40.28
CA ARG B 102 -25.83 -1.39 39.71
C ARG B 102 -24.93 -0.72 38.68
N PHE B 103 -25.51 0.04 37.75
CA PHE B 103 -24.76 0.64 36.67
C PHE B 103 -25.37 1.98 36.28
N THR B 104 -24.55 2.81 35.65
CA THR B 104 -25.01 3.96 34.88
C THR B 104 -24.74 3.69 33.41
N TYR B 105 -25.70 4.07 32.56
CA TYR B 105 -25.71 3.64 31.18
C TYR B 105 -25.52 4.83 30.23
N HIS B 106 -24.82 4.55 29.13
CA HIS B 106 -24.75 5.45 27.99
C HIS B 106 -24.93 4.61 26.73
N MET B 107 -26.03 4.81 26.03
CA MET B 107 -26.37 3.96 24.90
C MET B 107 -26.41 4.78 23.61
N VAL B 108 -25.98 4.15 22.53
CA VAL B 108 -26.09 4.71 21.18
C VAL B 108 -26.88 3.73 20.33
N SER B 109 -27.94 4.21 19.70
CA SER B 109 -28.76 3.41 18.82
C SER B 109 -28.53 3.87 17.39
N GLY B 110 -28.22 2.93 16.50
CA GLY B 110 -27.94 3.28 15.12
C GLY B 110 -28.39 2.21 14.16
N MET B 111 -28.80 2.64 12.97
CA MET B 111 -29.22 1.70 11.94
C MET B 111 -28.00 0.97 11.38
N SER B 112 -28.04 -0.36 11.41
CA SER B 112 -26.93 -1.20 11.00
C SER B 112 -27.50 -2.48 10.41
N LEU B 113 -26.67 -3.52 10.31
CA LEU B 113 -27.02 -4.72 9.55
C LEU B 113 -27.78 -5.70 10.44
N ARG B 114 -28.99 -6.03 10.03
CA ARG B 114 -29.85 -6.92 10.81
C ARG B 114 -29.36 -8.36 10.71
N PRO B 115 -29.13 -9.04 11.83
CA PRO B 115 -28.86 -10.47 11.78
C PRO B 115 -30.13 -11.29 11.60
N ARG B 116 -29.98 -12.44 10.97
CA ARG B 116 -31.08 -13.38 10.82
C ARG B 116 -31.50 -13.94 12.17
N VAL B 117 -32.77 -14.30 12.29
CA VAL B 117 -33.32 -14.76 13.56
C VAL B 117 -33.65 -16.25 13.46
N ASN B 118 -33.56 -16.92 14.61
CA ASN B 118 -33.95 -18.32 14.73
C ASN B 118 -35.39 -18.37 15.18
N TYR B 119 -36.31 -18.58 14.23
CA TYR B 119 -37.73 -18.62 14.57
C TYR B 119 -38.04 -19.80 15.48
N LEU B 120 -37.38 -20.94 15.26
CA LEU B 120 -37.61 -22.09 16.13
C LEU B 120 -36.93 -21.92 17.48
N GLN B 121 -35.73 -21.35 17.52
CA GLN B 121 -34.92 -21.30 18.74
C GLN B 121 -35.18 -20.01 19.52
N ASP B 122 -36.45 -19.80 19.85
CA ASP B 122 -36.87 -18.73 20.77
C ASP B 122 -36.43 -17.34 20.28
N PHE B 123 -36.50 -17.12 18.97
CA PHE B 123 -36.27 -15.81 18.37
C PHE B 123 -34.90 -15.24 18.75
N SER B 124 -33.88 -16.08 18.78
CA SER B 124 -32.51 -15.64 18.98
C SER B 124 -31.89 -15.28 17.64
N TYR B 125 -30.58 -15.08 17.62
CA TYR B 125 -29.86 -14.81 16.38
C TYR B 125 -29.30 -16.10 15.79
N GLN B 126 -29.42 -16.24 14.47
CA GLN B 126 -28.70 -17.29 13.77
C GLN B 126 -27.21 -17.00 13.88
N ARG B 127 -26.45 -18.03 14.27
CA ARG B 127 -25.04 -17.84 14.60
C ARG B 127 -24.19 -18.89 13.89
N SER B 128 -22.98 -18.47 13.51
CA SER B 128 -22.03 -19.32 12.81
C SER B 128 -20.66 -19.21 13.49
N LEU B 129 -19.99 -20.35 13.64
CA LEU B 129 -18.66 -20.42 14.23
C LEU B 129 -17.56 -20.52 13.18
N LYS B 130 -17.89 -20.39 11.90
CA LYS B 130 -16.93 -20.65 10.84
C LYS B 130 -16.03 -19.45 10.61
N PHE B 131 -14.75 -19.73 10.35
CA PHE B 131 -13.76 -18.72 9.94
C PHE B 131 -13.67 -17.58 10.94
N ARG B 132 -13.30 -17.94 12.16
CA ARG B 132 -13.11 -16.94 13.21
C ARG B 132 -11.88 -16.10 12.90
N PRO B 133 -12.01 -14.78 12.83
CA PRO B 133 -10.86 -13.95 12.48
C PRO B 133 -10.00 -13.62 13.69
N LYS B 134 -8.77 -13.21 13.39
CA LYS B 134 -7.87 -12.72 14.43
C LYS B 134 -8.35 -11.38 14.96
N GLY B 135 -7.99 -11.09 16.19
CA GLY B 135 -8.32 -9.83 16.81
C GLY B 135 -8.57 -9.98 18.29
N LYS B 136 -8.65 -8.85 18.96
CA LYS B 136 -8.95 -8.85 20.38
C LYS B 136 -10.36 -9.37 20.62
N PRO B 137 -10.54 -10.37 21.48
CA PRO B 137 -11.90 -10.84 21.78
C PRO B 137 -12.71 -9.76 22.47
N CYS B 138 -14.01 -9.77 22.22
CA CYS B 138 -14.89 -8.81 22.86
C CYS B 138 -14.91 -9.05 24.37
N PRO B 139 -14.89 -7.99 25.17
CA PRO B 139 -14.78 -8.18 26.63
C PRO B 139 -16.00 -8.88 27.21
N LYS B 140 -15.75 -9.72 28.22
CA LYS B 140 -16.82 -10.40 28.94
C LYS B 140 -17.09 -9.79 30.31
N GLU B 141 -16.15 -9.03 30.85
CA GLU B 141 -16.29 -8.35 32.13
C GLU B 141 -16.48 -6.85 31.89
N ILE B 142 -16.68 -6.13 32.98
CA ILE B 142 -16.92 -4.69 32.95
C ILE B 142 -15.70 -4.00 33.54
N PRO B 143 -15.02 -3.12 32.81
CA PRO B 143 -13.86 -2.39 33.37
C PRO B 143 -14.33 -1.45 34.48
N LYS B 144 -13.71 -1.58 35.66
CA LYS B 144 -14.11 -0.77 36.80
C LYS B 144 -13.80 0.71 36.56
N GLU B 145 -12.65 1.01 35.97
CA GLU B 145 -12.24 2.39 35.72
C GLU B 145 -12.69 2.78 34.32
N SER B 146 -13.90 3.33 34.23
CA SER B 146 -14.46 3.76 32.95
C SER B 146 -14.29 5.28 32.84
N LYS B 147 -13.08 5.69 32.45
CA LYS B 147 -12.79 7.10 32.24
C LYS B 147 -13.29 7.56 30.88
N ASN B 148 -13.45 8.87 30.74
CA ASN B 148 -13.96 9.49 29.52
C ASN B 148 -15.33 8.90 29.15
N THR B 149 -16.24 8.94 30.13
CA THR B 149 -17.54 8.31 29.96
C THR B 149 -18.36 8.98 28.86
N GLU B 150 -18.29 10.32 28.76
CA GLU B 150 -19.10 11.02 27.77
C GLU B 150 -18.64 10.73 26.35
N VAL B 151 -17.32 10.60 26.15
CA VAL B 151 -16.76 10.39 24.82
C VAL B 151 -16.82 8.90 24.50
N LEU B 152 -17.57 8.54 23.46
CA LEU B 152 -17.67 7.15 23.04
C LEU B 152 -16.44 6.76 22.22
N VAL B 153 -15.86 5.62 22.56
CA VAL B 153 -14.68 5.11 21.88
C VAL B 153 -15.06 3.78 21.22
N TRP B 154 -14.90 3.72 19.89
CA TRP B 154 -15.25 2.53 19.13
C TRP B 154 -14.03 1.63 19.03
N GLU B 155 -14.07 0.50 19.71
CA GLU B 155 -13.01 -0.51 19.65
C GLU B 155 -13.52 -1.72 18.87
N GLU B 156 -12.76 -2.13 17.86
CA GLU B 156 -13.08 -3.34 17.12
C GLU B 156 -12.74 -4.57 17.95
N CYS B 157 -13.68 -5.51 18.02
CA CYS B 157 -13.47 -6.73 18.79
C CYS B 157 -14.14 -7.91 18.08
N VAL B 158 -13.66 -9.10 18.41
CA VAL B 158 -14.13 -10.34 17.81
C VAL B 158 -15.11 -11.01 18.77
N ALA B 159 -16.34 -11.21 18.32
CA ALA B 159 -17.37 -11.79 19.16
C ALA B 159 -17.10 -13.27 19.42
N ASN B 160 -17.80 -13.81 20.42
CA ASN B 160 -17.67 -15.23 20.73
C ASN B 160 -18.10 -16.09 19.56
N SER B 161 -19.19 -15.71 18.89
CA SER B 161 -19.62 -16.34 17.65
C SER B 161 -20.13 -15.26 16.71
N ALA B 162 -20.08 -15.56 15.42
CA ALA B 162 -20.56 -14.62 14.42
C ALA B 162 -22.07 -14.73 14.25
N VAL B 163 -22.69 -13.63 13.84
CA VAL B 163 -24.11 -13.62 13.51
C VAL B 163 -24.25 -13.76 11.99
N ILE B 164 -25.23 -14.55 11.57
CA ILE B 164 -25.51 -14.74 10.16
C ILE B 164 -26.43 -13.62 9.69
N LEU B 165 -26.04 -12.94 8.62
CA LEU B 165 -26.87 -11.90 8.02
C LEU B 165 -27.61 -12.38 6.78
N GLN B 166 -27.14 -13.46 6.15
CA GLN B 166 -27.75 -13.99 4.93
C GLN B 166 -27.23 -15.40 4.68
N ASN B 167 -28.13 -16.37 4.53
CA ASN B 167 -27.75 -17.76 4.33
C ASN B 167 -28.60 -18.41 3.23
N ASN B 168 -28.67 -17.75 2.08
CA ASN B 168 -29.50 -18.26 0.99
C ASN B 168 -28.70 -18.44 -0.29
N GLU B 169 -29.40 -18.64 -1.42
CA GLU B 169 -28.74 -18.85 -2.70
C GLU B 169 -27.94 -17.65 -3.17
N PHE B 170 -28.16 -16.47 -2.59
CA PHE B 170 -27.35 -15.30 -2.91
C PHE B 170 -25.99 -15.33 -2.22
N GLY B 171 -25.76 -16.27 -1.32
CA GLY B 171 -24.52 -16.38 -0.59
C GLY B 171 -24.74 -16.41 0.91
N THR B 172 -23.67 -16.78 1.60
CA THR B 172 -23.65 -16.83 3.06
C THR B 172 -22.77 -15.70 3.56
N ILE B 173 -23.35 -14.78 4.31
CA ILE B 173 -22.66 -13.62 4.86
C ILE B 173 -22.74 -13.71 6.39
N ILE B 174 -21.58 -13.66 7.04
CA ILE B 174 -21.50 -13.73 8.49
C ILE B 174 -20.74 -12.51 8.99
N ASP B 175 -20.96 -12.18 10.26
CA ASP B 175 -20.40 -10.99 10.86
C ASP B 175 -19.90 -11.34 12.26
N TRP B 176 -18.59 -11.24 12.45
CA TRP B 176 -17.97 -11.58 13.72
C TRP B 176 -17.94 -10.41 14.70
N ALA B 177 -18.51 -9.28 14.34
CA ALA B 177 -18.69 -8.19 15.28
C ALA B 177 -19.82 -8.50 16.26
N PRO B 178 -19.72 -8.04 17.50
CA PRO B 178 -20.73 -8.39 18.50
C PRO B 178 -22.06 -7.67 18.28
N ARG B 179 -23.11 -8.27 18.84
CA ARG B 179 -24.43 -7.67 18.90
C ARG B 179 -24.86 -7.62 20.36
N GLY B 180 -25.19 -6.44 20.84
CA GLY B 180 -25.53 -6.24 22.24
C GLY B 180 -27.04 -6.29 22.46
N GLN B 181 -27.41 -6.96 23.55
CA GLN B 181 -28.80 -7.08 23.99
C GLN B 181 -28.85 -7.28 25.49
N PHE B 182 -30.01 -6.99 26.06
CA PHE B 182 -30.27 -7.29 27.47
C PHE B 182 -30.76 -8.71 27.61
N TYR B 183 -30.30 -9.38 28.67
CA TYR B 183 -30.67 -10.76 28.92
C TYR B 183 -30.49 -11.07 30.41
N HIS B 184 -30.93 -12.26 30.80
CA HIS B 184 -30.77 -12.75 32.16
C HIS B 184 -29.84 -13.95 32.16
N ASN B 185 -29.00 -14.04 33.19
CA ASN B 185 -28.08 -15.16 33.35
C ASN B 185 -28.80 -16.22 34.17
N CYS B 186 -29.41 -17.18 33.48
CA CYS B 186 -30.29 -18.17 34.11
C CYS B 186 -29.62 -19.54 34.24
N SER B 187 -28.29 -19.59 34.29
CA SER B 187 -27.59 -20.86 34.36
C SER B 187 -27.92 -21.61 35.65
N GLY B 188 -27.95 -20.90 36.77
CA GLY B 188 -28.26 -21.49 38.06
C GLY B 188 -29.66 -21.25 38.55
N GLN B 189 -30.48 -20.49 37.82
CA GLN B 189 -31.83 -20.18 38.25
C GLN B 189 -32.78 -21.31 37.85
N THR B 190 -34.04 -21.15 38.25
CA THR B 190 -35.07 -22.14 37.94
C THR B 190 -35.61 -21.89 36.54
N GLN B 191 -36.64 -22.64 36.15
CA GLN B 191 -37.22 -22.50 34.82
C GLN B 191 -38.01 -21.21 34.65
N SER B 192 -38.35 -20.52 35.74
CA SER B 192 -39.06 -19.26 35.64
C SER B 192 -38.19 -18.11 35.16
N CYS B 193 -36.88 -18.30 35.09
CA CYS B 193 -35.98 -17.27 34.60
C CYS B 193 -36.11 -17.15 33.08
N PRO B 194 -36.54 -16.01 32.55
CA PRO B 194 -36.69 -15.90 31.10
C PRO B 194 -35.34 -16.00 30.39
N SER B 195 -35.35 -16.66 29.23
CA SER B 195 -34.15 -16.82 28.42
C SER B 195 -34.17 -15.99 27.15
N ALA B 196 -35.20 -15.18 26.95
CA ALA B 196 -35.32 -14.39 25.73
C ALA B 196 -34.57 -13.08 25.88
N GLN B 197 -33.78 -12.73 24.85
CA GLN B 197 -33.07 -11.46 24.85
C GLN B 197 -34.01 -10.32 24.50
N VAL B 198 -33.74 -9.15 25.06
CA VAL B 198 -34.55 -7.96 24.87
C VAL B 198 -33.69 -6.87 24.22
N SER B 199 -34.20 -6.27 23.15
CA SER B 199 -33.56 -5.12 22.54
C SER B 199 -34.08 -3.85 23.17
N PRO B 200 -33.21 -3.00 23.74
CA PRO B 200 -33.71 -1.78 24.39
C PRO B 200 -34.31 -0.76 23.43
N ALA B 201 -33.98 -0.82 22.14
CA ALA B 201 -34.48 0.15 21.16
C ALA B 201 -34.95 -0.57 19.92
N VAL B 202 -35.82 0.10 19.17
CA VAL B 202 -36.42 -0.44 17.96
C VAL B 202 -36.27 0.58 16.83
N ASP B 203 -36.78 0.22 15.65
CA ASP B 203 -36.65 1.09 14.49
C ASP B 203 -37.36 2.43 14.70
N SER B 204 -38.57 2.38 15.27
CA SER B 204 -39.34 3.61 15.47
C SER B 204 -38.59 4.61 16.36
N ASP B 205 -37.78 4.11 17.29
CA ASP B 205 -37.00 4.99 18.16
C ASP B 205 -36.04 5.87 17.37
N LEU B 206 -35.71 5.50 16.13
CA LEU B 206 -34.87 6.34 15.30
C LEU B 206 -35.66 7.28 14.41
N THR B 207 -36.96 7.03 14.19
CA THR B 207 -37.71 7.79 13.18
C THR B 207 -38.84 8.62 13.77
N GLU B 208 -39.76 8.00 14.51
CA GLU B 208 -40.99 8.69 14.90
C GLU B 208 -40.79 9.52 16.15
N SER B 209 -41.35 10.73 16.12
CA SER B 209 -41.27 11.68 17.24
C SER B 209 -39.83 11.92 17.65
N LEU B 210 -39.06 12.46 16.70
CA LEU B 210 -37.62 12.63 16.92
C LEU B 210 -37.33 13.57 18.07
N ASP B 211 -38.09 14.66 18.17
CA ASP B 211 -37.84 15.69 19.18
C ASP B 211 -38.55 15.44 20.51
N LYS B 212 -39.28 14.33 20.63
CA LYS B 212 -40.01 14.03 21.85
C LYS B 212 -39.21 13.09 22.74
N HIS B 213 -39.45 13.21 24.05
CA HIS B 213 -38.76 12.40 25.04
C HIS B 213 -39.03 10.92 24.81
N LYS B 214 -37.98 10.11 24.92
CA LYS B 214 -38.07 8.66 24.74
C LYS B 214 -37.61 7.99 26.02
N HIS B 215 -38.37 7.00 26.48
CA HIS B 215 -38.03 6.25 27.68
C HIS B 215 -38.23 4.76 27.44
N LYS B 216 -37.36 3.97 28.06
CA LYS B 216 -37.41 2.52 28.00
C LYS B 216 -37.21 1.98 29.40
N LYS B 217 -38.14 1.12 29.85
CA LYS B 217 -38.12 0.57 31.19
C LYS B 217 -38.16 -0.95 31.11
N LEU B 218 -37.19 -1.61 31.71
CA LEU B 218 -37.13 -3.05 31.81
C LEU B 218 -37.19 -3.43 33.28
N GLN B 219 -38.06 -4.38 33.63
CA GLN B 219 -38.24 -4.76 35.03
C GLN B 219 -38.24 -6.27 35.14
N SER B 220 -37.48 -6.79 36.12
CA SER B 220 -37.46 -8.23 36.33
C SER B 220 -36.95 -8.53 37.72
N PHE B 221 -37.28 -9.72 38.21
CA PHE B 221 -36.72 -10.19 39.48
C PHE B 221 -35.31 -10.72 39.33
N TYR B 222 -34.80 -10.83 38.11
CA TYR B 222 -33.44 -11.26 37.83
C TYR B 222 -32.61 -10.09 37.29
N PRO B 223 -31.32 -10.05 37.61
CA PRO B 223 -30.49 -8.92 37.16
C PRO B 223 -30.40 -8.85 35.65
N TRP B 224 -30.30 -7.62 35.13
CA TRP B 224 -30.20 -7.37 33.71
C TRP B 224 -28.73 -7.32 33.30
N GLU B 225 -28.35 -8.20 32.38
CA GLU B 225 -27.00 -8.24 31.85
C GLU B 225 -27.01 -7.81 30.39
N TRP B 226 -25.90 -7.24 29.95
CA TRP B 226 -25.75 -6.77 28.57
C TRP B 226 -24.69 -7.61 27.87
N GLY B 227 -25.04 -8.13 26.70
CA GLY B 227 -24.10 -8.92 25.93
C GLY B 227 -24.56 -9.19 24.51
N GLU B 228 -23.62 -9.39 23.59
CA GLU B 228 -22.20 -9.34 23.89
C GLU B 228 -21.70 -7.90 23.90
N LYS B 229 -20.73 -7.62 24.77
CA LYS B 229 -20.23 -6.27 24.95
C LYS B 229 -19.24 -5.91 23.84
N GLY B 230 -18.78 -4.66 23.88
CA GLY B 230 -17.81 -4.15 22.91
C GLY B 230 -18.47 -3.09 22.05
N ILE B 231 -17.84 -1.93 21.99
CA ILE B 231 -18.33 -0.83 21.14
C ILE B 231 -17.72 -1.09 19.77
N SER B 232 -18.35 -2.00 19.03
CA SER B 232 -17.79 -2.55 17.81
C SER B 232 -18.88 -2.66 16.76
N THR B 233 -18.55 -2.24 15.56
CA THR B 233 -19.50 -2.12 14.47
C THR B 233 -19.40 -3.29 13.51
N PRO B 234 -20.44 -3.57 12.73
CA PRO B 234 -20.45 -4.76 11.88
C PRO B 234 -19.28 -4.82 10.90
N ARG B 235 -18.73 -6.02 10.75
CA ARG B 235 -17.69 -6.30 9.76
C ARG B 235 -18.06 -7.54 8.96
N PRO B 236 -19.13 -7.47 8.16
CA PRO B 236 -19.59 -8.65 7.44
C PRO B 236 -18.62 -9.09 6.37
N LYS B 237 -18.63 -10.40 6.09
CA LYS B 237 -17.84 -10.98 5.03
C LYS B 237 -18.62 -12.15 4.44
N ILE B 238 -18.31 -12.49 3.19
CA ILE B 238 -18.93 -13.63 2.53
C ILE B 238 -18.03 -14.84 2.71
N ILE B 239 -18.64 -15.98 3.05
CA ILE B 239 -17.91 -17.23 3.22
C ILE B 239 -18.33 -18.29 2.22
N SER B 240 -19.42 -18.09 1.49
CA SER B 240 -19.90 -19.02 0.49
C SER B 240 -20.72 -18.23 -0.52
N PRO B 241 -20.62 -18.53 -1.81
CA PRO B 241 -19.82 -19.58 -2.45
C PRO B 241 -18.37 -19.18 -2.63
N VAL B 242 -18.01 -17.95 -2.24
CA VAL B 242 -16.64 -17.47 -2.25
C VAL B 242 -16.34 -16.88 -0.89
N SER B 243 -15.05 -16.75 -0.60
CA SER B 243 -14.56 -16.18 0.65
C SER B 243 -13.95 -14.81 0.35
N GLY B 244 -14.50 -13.76 0.96
CA GLY B 244 -14.06 -12.42 0.71
C GLY B 244 -13.63 -11.69 1.97
N PRO B 245 -13.04 -10.50 1.81
CA PRO B 245 -12.59 -9.74 2.98
C PRO B 245 -13.76 -9.11 3.72
N GLU B 246 -13.49 -8.71 4.95
CA GLU B 246 -14.49 -8.02 5.76
C GLU B 246 -14.81 -6.65 5.16
N HIS B 247 -16.02 -6.17 5.44
CA HIS B 247 -16.50 -4.88 4.94
C HIS B 247 -17.03 -4.07 6.11
N PRO B 248 -16.14 -3.44 6.87
CA PRO B 248 -16.58 -2.70 8.06
C PRO B 248 -17.09 -1.31 7.75
N GLU B 249 -17.38 -1.03 6.48
CA GLU B 249 -17.81 0.30 6.05
C GLU B 249 -19.28 0.37 5.67
N LEU B 250 -19.96 -0.76 5.49
CA LEU B 250 -21.36 -0.75 5.08
C LEU B 250 -22.26 -0.20 6.18
N TRP B 251 -21.94 -0.53 7.44
CA TRP B 251 -22.69 0.02 8.56
C TRP B 251 -22.63 1.54 8.56
N ARG B 252 -21.56 2.13 8.05
CA ARG B 252 -21.48 3.58 7.96
C ARG B 252 -22.54 4.12 7.02
N LEU B 253 -22.78 3.43 5.90
CA LEU B 253 -23.87 3.82 5.02
C LEU B 253 -25.23 3.64 5.69
N THR B 254 -25.42 2.53 6.40
CA THR B 254 -26.74 2.31 7.01
C THR B 254 -27.01 3.28 8.17
N VAL B 255 -25.97 3.70 8.89
CA VAL B 255 -26.18 4.50 10.10
C VAL B 255 -26.58 5.93 9.77
N ALA B 256 -26.24 6.44 8.59
CA ALA B 256 -26.65 7.78 8.21
C ALA B 256 -28.09 7.83 7.70
N SER B 257 -28.70 6.68 7.38
CA SER B 257 -30.05 6.67 6.85
C SER B 257 -31.09 7.15 7.87
N HIS B 258 -30.75 7.12 9.15
CA HIS B 258 -31.62 7.65 10.20
C HIS B 258 -30.77 8.38 11.22
N HIS B 259 -31.42 9.19 12.04
CA HIS B 259 -30.76 9.78 13.19
C HIS B 259 -30.25 8.68 14.11
N ILE B 260 -29.11 8.91 14.73
CA ILE B 260 -28.72 8.06 15.86
C ILE B 260 -29.32 8.68 17.11
N ARG B 261 -29.62 7.84 18.10
CA ARG B 261 -30.23 8.29 19.33
C ARG B 261 -29.29 8.03 20.49
N ILE B 262 -29.06 9.04 21.32
CA ILE B 262 -28.14 8.95 22.45
C ILE B 262 -28.96 8.81 23.72
N TRP B 263 -28.82 7.68 24.39
CA TRP B 263 -29.53 7.40 25.62
C TRP B 263 -28.59 7.54 26.81
N SER B 264 -29.16 7.87 27.96
CA SER B 264 -28.48 7.74 29.23
C SER B 264 -29.43 7.05 30.20
N GLY B 265 -28.89 6.25 31.09
CA GLY B 265 -29.73 5.49 31.97
C GLY B 265 -28.99 4.89 33.13
N ASN B 266 -29.57 3.82 33.67
CA ASN B 266 -29.09 3.19 34.88
C ASN B 266 -29.84 1.89 35.11
N GLN B 267 -29.31 1.09 36.02
CA GLN B 267 -30.02 -0.06 36.57
C GLN B 267 -30.10 0.12 38.08
N THR B 268 -31.30 0.01 38.62
CA THR B 268 -31.54 0.22 40.05
C THR B 268 -32.17 -1.03 40.64
N LEU B 269 -32.00 -1.18 41.94
CA LEU B 269 -32.46 -2.35 42.68
C LEU B 269 -33.35 -1.91 43.83
N GLU B 270 -34.51 -2.53 43.95
CA GLU B 270 -35.44 -2.28 45.04
C GLU B 270 -35.94 -3.61 45.59
N THR B 271 -36.86 -3.53 46.55
CA THR B 271 -37.42 -4.71 47.19
C THR B 271 -38.88 -4.87 46.78
N ARG B 272 -39.23 -6.07 46.32
CA ARG B 272 -40.60 -6.39 45.93
C ARG B 272 -40.89 -7.81 46.42
N ASP B 273 -41.92 -7.94 47.25
CA ASP B 273 -42.29 -9.22 47.87
C ASP B 273 -41.09 -9.85 48.57
N ARG B 274 -40.32 -9.00 49.28
CA ARG B 274 -39.12 -9.42 49.99
C ARG B 274 -38.10 -10.08 49.05
N LYS B 275 -38.06 -9.63 47.80
CA LYS B 275 -37.13 -10.15 46.82
C LYS B 275 -36.46 -9.01 46.08
N PRO B 276 -35.23 -9.20 45.59
CA PRO B 276 -34.59 -8.15 44.79
C PRO B 276 -35.32 -7.97 43.47
N PHE B 277 -35.56 -6.70 43.11
CA PHE B 277 -36.23 -6.34 41.87
C PHE B 277 -35.36 -5.35 41.13
N TYR B 278 -34.99 -5.68 39.90
CA TYR B 278 -34.04 -4.91 39.10
C TYR B 278 -34.78 -4.20 37.98
N THR B 279 -34.51 -2.89 37.85
CA THR B 279 -35.15 -2.06 36.83
C THR B 279 -34.06 -1.33 36.06
N VAL B 280 -34.05 -1.53 34.74
CA VAL B 280 -33.20 -0.75 33.85
C VAL B 280 -34.05 0.41 33.31
N ASP B 281 -33.60 1.63 33.55
CA ASP B 281 -34.25 2.82 33.02
C ASP B 281 -33.31 3.50 32.04
N LEU B 282 -33.79 3.73 30.83
CA LEU B 282 -33.04 4.46 29.81
C LEU B 282 -33.92 5.60 29.31
N ASN B 283 -33.32 6.76 29.10
CA ASN B 283 -34.05 7.91 28.59
C ASN B 283 -33.18 8.65 27.59
N SER B 284 -33.85 9.29 26.63
CA SER B 284 -33.15 10.03 25.59
C SER B 284 -34.03 11.16 25.07
N SER B 285 -33.44 12.35 24.97
CA SER B 285 -34.03 13.46 24.22
C SER B 285 -33.04 14.00 23.20
N LEU B 286 -32.04 13.20 22.83
CA LEU B 286 -30.95 13.64 21.97
C LEU B 286 -30.84 12.71 20.78
N THR B 287 -30.99 13.28 19.58
CA THR B 287 -30.74 12.57 18.33
C THR B 287 -29.75 13.37 17.50
N VAL B 288 -28.92 12.66 16.76
CA VAL B 288 -27.89 13.25 15.93
C VAL B 288 -28.11 12.83 14.48
N PRO B 289 -28.27 13.76 13.55
CA PRO B 289 -28.33 13.41 12.13
C PRO B 289 -26.94 13.32 11.53
N LEU B 290 -26.75 12.33 10.67
CA LEU B 290 -25.46 12.05 10.07
C LEU B 290 -25.57 12.03 8.55
N GLN B 291 -24.42 12.19 7.89
CA GLN B 291 -24.33 12.08 6.44
C GLN B 291 -23.13 11.23 6.10
N SER B 292 -23.35 10.15 5.36
CA SER B 292 -22.29 9.24 4.93
C SER B 292 -22.18 9.27 3.42
N CYS B 293 -20.97 9.46 2.91
CA CYS B 293 -20.76 9.67 1.49
C CYS B 293 -19.65 8.76 0.97
N VAL B 294 -19.85 8.25 -0.24
CA VAL B 294 -18.77 7.66 -1.01
C VAL B 294 -18.32 8.70 -2.03
N LYS B 295 -17.10 8.52 -2.53
CA LYS B 295 -16.54 9.49 -3.45
C LYS B 295 -16.16 8.82 -4.76
N PRO B 296 -16.12 9.57 -5.86
CA PRO B 296 -15.69 9.01 -7.14
C PRO B 296 -14.36 8.29 -7.01
N PRO B 297 -14.19 7.14 -7.68
CA PRO B 297 -15.08 6.57 -8.70
C PRO B 297 -16.24 5.76 -8.13
N TYR B 298 -16.54 5.84 -6.83
CA TYR B 298 -17.63 5.07 -6.23
C TYR B 298 -18.91 5.90 -6.15
N MET B 299 -20.04 5.23 -6.37
CA MET B 299 -21.36 5.84 -6.29
C MET B 299 -22.33 4.82 -5.72
N LEU B 300 -23.58 5.24 -5.54
CA LEU B 300 -24.64 4.38 -5.04
C LEU B 300 -25.82 4.44 -6.00
N VAL B 301 -26.40 3.27 -6.28
CA VAL B 301 -27.61 3.14 -7.07
C VAL B 301 -28.74 2.81 -6.10
N VAL B 302 -29.70 3.72 -5.99
CA VAL B 302 -30.75 3.64 -4.98
C VAL B 302 -32.08 3.42 -5.66
N GLY B 303 -32.81 2.42 -5.22
CA GLY B 303 -34.14 2.17 -5.77
C GLY B 303 -34.48 0.69 -5.72
N ASN B 304 -35.28 0.27 -6.69
CA ASN B 304 -35.77 -1.11 -6.73
C ASN B 304 -34.74 -2.02 -7.39
N ILE B 305 -33.65 -2.27 -6.66
CA ILE B 305 -32.61 -3.16 -7.15
C ILE B 305 -33.12 -4.61 -7.09
N VAL B 306 -33.09 -5.27 -8.25
CA VAL B 306 -33.49 -6.67 -8.37
C VAL B 306 -32.24 -7.46 -8.75
N ILE B 307 -31.86 -8.40 -7.88
CA ILE B 307 -30.71 -9.26 -8.09
C ILE B 307 -31.21 -10.66 -8.40
N LYS B 308 -30.92 -11.15 -9.61
CA LYS B 308 -31.29 -12.50 -10.01
C LYS B 308 -30.03 -13.34 -10.07
N PRO B 309 -29.83 -14.28 -9.13
CA PRO B 309 -28.57 -15.02 -9.09
C PRO B 309 -28.48 -16.17 -10.07
N ASP B 310 -29.59 -16.64 -10.63
CA ASP B 310 -29.52 -17.74 -11.58
C ASP B 310 -28.80 -17.32 -12.87
N SER B 311 -28.93 -16.05 -13.26
CA SER B 311 -28.18 -15.51 -14.38
C SER B 311 -27.17 -14.46 -13.95
N GLN B 312 -27.09 -14.17 -12.65
CA GLN B 312 -26.19 -13.16 -12.10
C GLN B 312 -26.41 -11.80 -12.76
N THR B 313 -27.63 -11.29 -12.60
CA THR B 313 -28.06 -10.05 -13.23
C THR B 313 -28.56 -9.08 -12.16
N ILE B 314 -28.22 -7.81 -12.32
CA ILE B 314 -28.74 -6.73 -11.49
C ILE B 314 -29.52 -5.78 -12.39
N THR B 315 -30.78 -5.57 -12.07
CA THR B 315 -31.65 -4.70 -12.85
C THR B 315 -32.36 -3.71 -11.94
N CYS B 316 -32.60 -2.52 -12.47
CA CYS B 316 -33.42 -1.54 -11.76
C CYS B 316 -34.02 -0.58 -12.76
N GLU B 317 -35.30 -0.28 -12.58
CA GLU B 317 -36.01 0.70 -13.39
C GLU B 317 -36.15 1.99 -12.60
N ASN B 318 -35.67 3.09 -13.18
CA ASN B 318 -35.78 4.42 -12.57
C ASN B 318 -35.09 4.48 -11.21
N CYS B 319 -33.90 3.90 -11.11
CA CYS B 319 -33.07 4.10 -9.94
C CYS B 319 -32.49 5.51 -9.94
N ARG B 320 -31.94 5.91 -8.80
CA ARG B 320 -31.29 7.20 -8.64
C ARG B 320 -29.82 7.00 -8.34
N LEU B 321 -28.99 7.83 -8.95
CA LEU B 321 -27.56 7.83 -8.66
C LEU B 321 -27.27 8.84 -7.56
N LEU B 322 -26.70 8.37 -6.46
CA LEU B 322 -26.36 9.22 -5.32
C LEU B 322 -24.91 8.98 -4.93
N THR B 323 -24.40 9.85 -4.07
CA THR B 323 -23.13 9.62 -3.40
C THR B 323 -23.23 9.72 -1.89
N CYS B 324 -24.28 10.32 -1.35
CA CYS B 324 -24.42 10.53 0.07
C CYS B 324 -25.75 9.97 0.56
N ILE B 325 -25.77 9.54 1.81
CA ILE B 325 -26.95 9.06 2.49
C ILE B 325 -27.16 9.93 3.72
N ASP B 326 -28.38 10.42 3.91
CA ASP B 326 -28.74 11.19 5.08
C ASP B 326 -30.06 10.68 5.65
N SER B 327 -30.55 11.35 6.69
CA SER B 327 -31.68 10.84 7.46
C SER B 327 -32.99 10.86 6.69
N THR B 328 -33.07 11.52 5.54
CA THR B 328 -34.28 11.51 4.72
C THR B 328 -34.35 10.30 3.81
N PHE B 329 -33.39 9.37 3.92
CA PHE B 329 -33.41 8.17 3.10
C PHE B 329 -34.64 7.33 3.43
N ASN B 330 -35.27 6.79 2.39
CA ASN B 330 -36.46 5.98 2.51
C ASN B 330 -36.08 4.52 2.29
N TRP B 331 -36.31 3.68 3.29
CA TRP B 331 -35.88 2.29 3.23
C TRP B 331 -36.81 1.41 2.41
N GLN B 332 -37.78 2.00 1.70
CA GLN B 332 -38.45 1.27 0.64
C GLN B 332 -37.51 1.00 -0.53
N HIS B 333 -36.45 1.81 -0.67
CA HIS B 333 -35.45 1.63 -1.70
C HIS B 333 -34.24 0.88 -1.13
N ARG B 334 -33.54 0.19 -2.02
CA ARG B 334 -32.29 -0.48 -1.71
C ARG B 334 -31.11 0.33 -2.23
N ILE B 335 -29.93 0.02 -1.70
CA ILE B 335 -28.69 0.69 -2.08
C ILE B 335 -27.75 -0.36 -2.66
N LEU B 336 -27.24 -0.10 -3.86
CA LEU B 336 -26.24 -0.93 -4.50
C LEU B 336 -24.96 -0.11 -4.66
N LEU B 337 -23.87 -0.58 -4.06
CA LEU B 337 -22.59 0.08 -4.23
C LEU B 337 -22.07 -0.17 -5.63
N VAL B 338 -21.63 0.89 -6.31
CA VAL B 338 -21.11 0.76 -7.67
C VAL B 338 -19.83 1.57 -7.79
N ARG B 339 -19.07 1.24 -8.83
CA ARG B 339 -17.83 1.94 -9.15
C ARG B 339 -17.78 2.17 -10.64
N ALA B 340 -17.07 3.23 -11.05
CA ALA B 340 -16.87 3.50 -12.47
C ALA B 340 -16.18 2.32 -13.13
N ARG B 341 -16.70 1.91 -14.29
CA ARG B 341 -16.22 0.71 -14.94
C ARG B 341 -14.85 0.93 -15.57
N GLU B 342 -14.01 -0.11 -15.51
CA GLU B 342 -12.71 -0.09 -16.17
C GLU B 342 -12.88 -0.09 -17.68
N GLY B 343 -11.79 0.03 -18.42
CA GLY B 343 -11.89 0.11 -19.87
C GLY B 343 -12.56 -1.11 -20.46
N VAL B 344 -13.29 -0.90 -21.56
CA VAL B 344 -14.02 -1.98 -22.21
C VAL B 344 -13.58 -2.08 -23.67
N TRP B 345 -13.93 -3.20 -24.29
CA TRP B 345 -13.62 -3.47 -25.69
C TRP B 345 -14.93 -3.59 -26.47
N ILE B 346 -15.02 -2.84 -27.56
CA ILE B 346 -16.28 -2.78 -28.31
C ILE B 346 -16.01 -2.66 -29.81
N PRO B 347 -16.74 -3.37 -30.65
CA PRO B 347 -16.64 -3.11 -32.10
C PRO B 347 -17.26 -1.78 -32.47
N VAL B 348 -16.62 -1.07 -33.39
CA VAL B 348 -17.10 0.21 -33.89
C VAL B 348 -16.98 0.21 -35.41
N SER B 349 -17.94 0.83 -36.07
CA SER B 349 -17.99 0.83 -37.52
C SER B 349 -17.57 2.19 -38.07
N MET B 350 -16.63 2.18 -39.02
CA MET B 350 -16.22 3.33 -39.79
C MET B 350 -16.63 3.15 -41.25
N ASP B 351 -16.51 4.24 -42.00
CA ASP B 351 -16.79 4.25 -43.43
C ASP B 351 -15.52 4.22 -44.27
N ARG B 352 -14.38 3.94 -43.66
CA ARG B 352 -13.10 3.91 -44.36
C ARG B 352 -12.19 2.94 -43.63
N PRO B 353 -11.15 2.43 -44.30
CA PRO B 353 -10.21 1.53 -43.62
C PRO B 353 -9.41 2.25 -42.55
N TRP B 354 -8.95 1.46 -41.58
CA TRP B 354 -8.09 1.97 -40.50
C TRP B 354 -6.83 2.61 -41.08
N GLU B 355 -6.46 3.75 -40.51
CA GLU B 355 -5.26 4.48 -40.93
C GLU B 355 -4.40 4.81 -39.72
N ALA B 356 -3.09 4.63 -39.88
CA ALA B 356 -2.16 4.92 -38.80
C ALA B 356 -1.90 6.42 -38.63
N SER B 357 -1.82 7.14 -39.75
CA SER B 357 -1.46 8.56 -39.73
C SER B 357 -2.15 9.24 -40.90
N PRO B 358 -2.32 10.56 -40.84
CA PRO B 358 -2.98 11.27 -41.95
C PRO B 358 -2.03 11.59 -43.11
N SER B 359 -0.90 10.91 -43.18
CA SER B 359 0.13 11.26 -44.17
C SER B 359 -0.42 11.17 -45.59
N ILE B 360 -1.18 10.13 -45.90
CA ILE B 360 -1.79 10.02 -47.22
C ILE B 360 -2.78 11.16 -47.46
N HIS B 361 -3.56 11.51 -46.43
CA HIS B 361 -4.49 12.63 -46.56
C HIS B 361 -3.75 13.93 -46.81
N ILE B 362 -2.65 14.17 -46.10
CA ILE B 362 -1.87 15.40 -46.28
C ILE B 362 -1.28 15.45 -47.68
N LEU B 363 -0.74 14.32 -48.15
CA LEU B 363 -0.18 14.27 -49.50
C LEU B 363 -1.25 14.53 -50.55
N THR B 364 -2.44 13.96 -50.36
CA THR B 364 -3.54 14.19 -51.30
C THR B 364 -3.95 15.65 -51.32
N GLU B 365 -4.05 16.27 -50.14
CA GLU B 365 -4.40 17.69 -50.08
C GLU B 365 -3.34 18.54 -50.76
N VAL B 366 -2.07 18.22 -50.53
CA VAL B 366 -0.99 18.97 -51.17
C VAL B 366 -1.05 18.84 -52.68
N LEU B 367 -1.28 17.61 -53.17
CA LEU B 367 -1.38 17.41 -54.62
C LEU B 367 -2.57 18.15 -55.21
N LYS B 368 -3.70 18.13 -54.50
CA LYS B 368 -4.88 18.86 -54.97
C LYS B 368 -4.63 20.36 -54.98
N GLY B 369 -3.86 20.88 -54.02
CA GLY B 369 -3.51 22.28 -54.03
C GLY B 369 -2.71 22.69 -55.26
N VAL B 370 -1.84 21.80 -55.73
CA VAL B 370 -1.04 22.06 -56.91
C VAL B 370 -1.92 22.03 -58.15
N PHE C 1 9.72 5.04 -6.29
CA PHE C 1 9.34 6.16 -5.43
C PHE C 1 10.48 6.52 -4.48
N ILE C 2 11.48 5.63 -4.41
CA ILE C 2 12.67 5.86 -3.61
C ILE C 2 13.89 5.47 -4.45
N PHE C 3 14.86 6.36 -4.53
CA PHE C 3 16.02 6.13 -5.38
C PHE C 3 17.28 6.70 -4.74
N THR C 4 18.41 6.11 -5.11
CA THR C 4 19.73 6.62 -4.74
C THR C 4 20.39 7.11 -6.02
N LEU C 5 20.40 8.43 -6.20
CA LEU C 5 20.91 9.04 -7.43
C LEU C 5 22.43 9.24 -7.32
N ILE C 6 23.13 8.11 -7.32
CA ILE C 6 24.59 8.13 -7.18
C ILE C 6 25.28 8.18 -8.55
N ALA C 7 24.79 7.40 -9.50
CA ALA C 7 25.42 7.35 -10.82
C ALA C 7 25.12 8.58 -11.68
N VAL C 8 24.07 9.33 -11.36
CA VAL C 8 23.66 10.47 -12.17
C VAL C 8 24.72 11.56 -12.12
N ILE C 9 24.63 12.51 -13.05
CA ILE C 9 25.57 13.63 -13.10
C ILE C 9 25.05 14.86 -12.39
N MET C 10 23.82 14.83 -11.87
CA MET C 10 23.27 15.99 -11.17
C MET C 10 22.17 15.51 -10.23
N GLY C 11 22.35 15.75 -8.94
CA GLY C 11 21.34 15.40 -7.98
C GLY C 11 20.18 16.39 -7.96
N LEU C 12 19.18 16.06 -7.14
CA LEU C 12 17.99 16.90 -7.05
C LEU C 12 18.34 18.28 -6.51
N ILE C 13 19.24 18.34 -5.53
CA ILE C 13 19.63 19.63 -4.95
C ILE C 13 20.21 20.55 -6.03
N ALA C 14 21.15 20.03 -6.81
CA ALA C 14 21.78 20.85 -7.84
C ALA C 14 20.76 21.31 -8.88
N VAL C 15 19.87 20.40 -9.30
CA VAL C 15 18.86 20.77 -10.29
C VAL C 15 18.01 21.92 -9.77
N THR C 16 17.48 21.79 -8.55
CA THR C 16 16.62 22.83 -8.00
C THR C 16 17.36 24.15 -7.85
N ALA C 17 18.56 24.10 -7.24
CA ALA C 17 19.29 25.32 -6.95
C ALA C 17 19.70 26.04 -8.23
N THR C 18 20.20 25.30 -9.22
CA THR C 18 20.66 25.96 -10.44
C THR C 18 19.50 26.42 -11.31
N ALA C 19 18.32 25.80 -11.16
CA ALA C 19 17.19 26.26 -11.95
C ALA C 19 16.44 27.43 -11.31
N ALA C 20 16.58 27.65 -10.00
CA ALA C 20 15.84 28.73 -9.35
C ALA C 20 16.15 30.10 -9.97
N VAL C 21 17.37 30.31 -10.44
CA VAL C 21 17.76 31.60 -11.00
C VAL C 21 16.87 31.96 -12.19
N ALA C 22 16.72 31.04 -13.14
CA ALA C 22 15.81 31.27 -14.26
C ALA C 22 14.35 31.14 -13.84
N GLY C 23 14.07 30.40 -12.78
CA GLY C 23 12.70 30.31 -12.29
C GLY C 23 12.17 31.65 -11.82
N VAL C 24 13.07 32.53 -11.38
CA VAL C 24 12.66 33.90 -11.02
C VAL C 24 11.98 34.57 -12.22
N ALA C 25 12.69 34.67 -13.34
CA ALA C 25 12.12 35.29 -14.53
C ALA C 25 10.92 34.49 -15.04
N LEU C 26 10.93 33.17 -14.85
CA LEU C 26 9.76 32.38 -15.24
C LEU C 26 8.53 32.79 -14.44
N HIS C 27 8.70 33.05 -13.14
CA HIS C 27 7.61 33.56 -12.33
C HIS C 27 7.22 34.97 -12.75
N SER C 28 8.15 35.73 -13.32
CA SER C 28 7.85 37.12 -13.64
C SER C 28 6.88 37.26 -14.82
N SER C 29 7.08 36.50 -15.89
CA SER C 29 6.34 36.75 -17.13
C SER C 29 6.46 35.54 -18.05
N VAL C 30 5.64 35.56 -19.11
CA VAL C 30 5.70 34.53 -20.15
C VAL C 30 7.07 34.55 -20.81
N GLN C 31 7.69 33.38 -20.90
CA GLN C 31 8.99 33.22 -21.54
C GLN C 31 8.85 32.43 -22.83
N SER C 32 9.92 32.37 -23.59
CA SER C 32 9.92 31.63 -24.84
C SER C 32 10.08 30.13 -24.56
N VAL C 33 9.86 29.34 -25.61
CA VAL C 33 9.99 27.89 -25.49
C VAL C 33 11.42 27.50 -25.16
N ASN C 34 12.39 28.16 -25.80
CA ASN C 34 13.80 27.86 -25.53
C ASN C 34 14.16 28.12 -24.07
N PHE C 35 13.67 29.24 -23.52
CA PHE C 35 13.94 29.56 -22.12
C PHE C 35 13.41 28.47 -21.20
N VAL C 36 12.15 28.07 -21.39
CA VAL C 36 11.55 27.06 -20.53
C VAL C 36 12.26 25.73 -20.67
N ASN C 37 12.59 25.35 -21.92
CA ASN C 37 13.28 24.09 -22.16
C ASN C 37 14.64 24.07 -21.46
N ASP C 38 15.39 25.17 -21.57
CA ASP C 38 16.67 25.27 -20.87
C ASP C 38 16.47 25.20 -19.37
N TRP C 39 15.37 25.77 -18.88
CA TRP C 39 15.11 25.79 -17.45
C TRP C 39 14.76 24.41 -16.91
N GLN C 40 14.11 23.57 -17.71
CA GLN C 40 13.64 22.27 -17.22
C GLN C 40 14.48 21.08 -17.68
N LYS C 41 15.49 21.29 -18.53
CA LYS C 41 16.20 20.15 -19.12
C LYS C 41 16.91 19.31 -18.07
N ASN C 42 17.56 19.94 -17.10
CA ASN C 42 18.24 19.17 -16.05
C ASN C 42 17.26 18.27 -15.31
N SER C 43 16.10 18.83 -14.92
CA SER C 43 15.14 18.06 -14.14
C SER C 43 14.55 16.92 -14.93
N THR C 44 14.23 17.17 -16.21
CA THR C 44 13.70 16.08 -17.04
C THR C 44 14.74 14.98 -17.22
N ARG C 45 16.00 15.36 -17.44
CA ARG C 45 17.05 14.36 -17.56
C ARG C 45 17.18 13.55 -16.27
N LEU C 46 17.15 14.21 -15.13
CA LEU C 46 17.30 13.50 -13.85
C LEU C 46 16.14 12.53 -13.64
N TRP C 47 14.92 12.95 -13.95
CA TRP C 47 13.77 12.06 -13.74
C TRP C 47 13.53 11.12 -14.90
N ASN C 48 14.40 11.11 -15.90
CA ASN C 48 14.39 10.08 -16.93
C ASN C 48 15.63 9.20 -16.88
N SER C 49 16.34 9.18 -15.75
CA SER C 49 17.62 8.51 -15.68
C SER C 49 17.80 7.59 -14.48
N GLN C 50 16.90 7.60 -13.50
CA GLN C 50 17.05 6.70 -12.36
C GLN C 50 16.92 5.25 -12.82
N SER C 51 17.72 4.37 -12.22
CA SER C 51 17.83 2.99 -12.68
C SER C 51 16.72 2.10 -12.13
N SER C 52 16.62 2.01 -10.81
CA SER C 52 15.60 1.19 -10.18
C SER C 52 15.37 1.69 -8.76
N ILE C 53 14.26 1.25 -8.17
CA ILE C 53 13.94 1.62 -6.80
C ILE C 53 14.97 1.00 -5.87
N ASP C 54 15.50 1.80 -4.94
CA ASP C 54 16.53 1.34 -4.01
C ASP C 54 15.89 0.40 -3.01
N GLN C 55 16.24 -0.89 -3.11
CA GLN C 55 15.55 -1.91 -2.32
C GLN C 55 15.90 -1.80 -0.84
N LYS C 56 17.15 -1.43 -0.53
CA LYS C 56 17.58 -1.27 0.85
C LYS C 56 16.71 -0.26 1.59
N LEU C 57 16.35 0.84 0.94
CA LEU C 57 15.48 1.83 1.56
C LEU C 57 14.02 1.44 1.45
N ALA C 58 13.62 0.85 0.32
CA ALA C 58 12.20 0.56 0.08
C ALA C 58 11.67 -0.49 1.04
N ASN C 59 12.44 -1.55 1.30
CA ASN C 59 11.91 -2.64 2.12
C ASN C 59 11.72 -2.26 3.58
N GLN C 60 12.22 -1.11 4.02
CA GLN C 60 12.05 -0.65 5.39
C GLN C 60 10.83 0.23 5.59
N ILE C 61 10.08 0.54 4.53
CA ILE C 61 8.93 1.42 4.67
C ILE C 61 7.84 0.73 5.47
N ASN C 62 7.39 1.38 6.54
CA ASN C 62 6.31 0.85 7.37
C ASN C 62 4.96 1.41 6.94
N ASP C 63 4.83 2.74 6.95
CA ASP C 63 3.60 3.41 6.54
C ASP C 63 3.68 3.68 5.04
N LEU C 64 2.84 3.00 4.26
CA LEU C 64 2.86 3.12 2.82
C LEU C 64 1.91 4.20 2.30
N ARG C 65 1.21 4.91 3.18
CA ARG C 65 0.19 5.85 2.74
C ARG C 65 0.77 6.94 1.85
N GLN C 66 1.86 7.58 2.30
CA GLN C 66 2.46 8.66 1.52
C GLN C 66 3.00 8.15 0.19
N THR C 67 3.62 6.97 0.20
CA THR C 67 4.12 6.38 -1.04
C THR C 67 2.99 6.08 -2.00
N VAL C 68 1.88 5.53 -1.51
CA VAL C 68 0.77 5.19 -2.38
C VAL C 68 0.13 6.45 -2.94
N ILE C 69 0.02 7.51 -2.13
CA ILE C 69 -0.55 8.76 -2.63
C ILE C 69 0.35 9.38 -3.70
N TRP C 70 1.67 9.37 -3.47
CA TRP C 70 2.61 9.89 -4.46
C TRP C 70 2.52 9.09 -5.75
N MET C 71 2.47 7.76 -5.64
CA MET C 71 2.35 6.92 -6.84
C MET C 71 1.03 7.17 -7.55
N GLY C 72 -0.05 7.40 -6.80
CA GLY C 72 -1.33 7.68 -7.43
C GLY C 72 -1.31 8.99 -8.20
N ASP C 73 -0.68 10.02 -7.63
CA ASP C 73 -0.54 11.27 -8.37
C ASP C 73 0.30 11.07 -9.62
N ARG C 74 1.39 10.30 -9.51
CA ARG C 74 2.23 10.04 -10.68
C ARG C 74 1.46 9.29 -11.76
N LEU C 75 0.67 8.28 -11.36
CA LEU C 75 -0.12 7.52 -12.33
C LEU C 75 -1.18 8.37 -12.98
N MET C 76 -1.85 9.23 -12.20
CA MET C 76 -2.83 10.14 -12.78
C MET C 76 -2.17 11.08 -13.79
N SER C 77 -1.00 11.62 -13.44
CA SER C 77 -0.28 12.49 -14.36
C SER C 77 0.13 11.76 -15.63
N LEU C 78 0.59 10.51 -15.50
CA LEU C 78 0.97 9.74 -16.68
C LEU C 78 -0.25 9.45 -17.56
N GLU C 79 -1.38 9.11 -16.94
CA GLU C 79 -2.61 8.89 -17.70
C GLU C 79 -3.00 10.14 -18.48
N HIS C 80 -2.95 11.30 -17.81
CA HIS C 80 -3.29 12.55 -18.49
C HIS C 80 -2.29 12.88 -19.60
N ARG C 81 -1.01 12.64 -19.36
CA ARG C 81 0.01 12.94 -20.36
C ARG C 81 -0.15 12.06 -21.59
N PHE C 82 -0.55 10.79 -21.39
CA PHE C 82 -0.70 9.88 -22.53
C PHE C 82 -1.72 10.40 -23.54
N GLN C 83 -2.71 11.17 -23.10
CA GLN C 83 -3.75 11.67 -23.98
C GLN C 83 -3.52 13.11 -24.44
N LEU C 84 -2.46 13.76 -23.99
CA LEU C 84 -2.18 15.13 -24.40
C LEU C 84 -1.67 15.18 -25.84
N GLN C 85 -1.99 16.27 -26.53
CA GLN C 85 -1.48 16.53 -27.87
C GLN C 85 -0.34 17.53 -27.76
N CYS C 86 0.82 17.16 -28.29
CA CYS C 86 2.05 17.92 -28.09
C CYS C 86 2.68 18.28 -29.41
N ASP C 87 3.32 19.45 -29.44
CA ASP C 87 4.07 19.87 -30.62
C ASP C 87 5.23 18.90 -30.86
N TRP C 88 5.46 18.57 -32.13
CA TRP C 88 6.43 17.53 -32.45
C TRP C 88 7.86 17.93 -32.09
N ASN C 89 8.18 19.22 -32.16
CA ASN C 89 9.58 19.63 -31.99
C ASN C 89 10.05 19.55 -30.54
N THR C 90 9.16 19.69 -29.56
CA THR C 90 9.52 19.62 -28.15
C THR C 90 9.15 18.25 -27.61
N SER C 91 10.16 17.46 -27.23
CA SER C 91 9.93 16.14 -26.66
C SER C 91 10.16 16.09 -25.16
N ASP C 92 10.90 17.05 -24.58
CA ASP C 92 11.13 17.06 -23.15
C ASP C 92 9.82 17.28 -22.38
N PHE C 93 8.98 18.18 -22.87
CA PHE C 93 7.69 18.46 -22.25
C PHE C 93 6.66 18.63 -23.36
N CYS C 94 5.40 18.76 -22.96
CA CYS C 94 4.29 18.76 -23.90
C CYS C 94 3.78 20.18 -24.11
N ILE C 95 3.85 20.66 -25.34
CA ILE C 95 3.26 21.94 -25.72
C ILE C 95 1.94 21.64 -26.41
N THR C 96 0.83 21.99 -25.77
CA THR C 96 -0.49 21.75 -26.32
C THR C 96 -0.82 22.81 -27.37
N PRO C 97 -1.79 22.54 -28.24
CA PRO C 97 -2.27 23.56 -29.18
C PRO C 97 -3.24 24.57 -28.59
N GLN C 98 -3.48 24.54 -27.28
CA GLN C 98 -4.39 25.49 -26.66
C GLN C 98 -3.72 26.85 -26.56
N ILE C 99 -4.34 27.86 -27.18
CA ILE C 99 -3.78 29.20 -27.18
C ILE C 99 -3.94 29.84 -25.81
N TYR C 100 -2.87 30.45 -25.31
CA TYR C 100 -2.94 31.22 -24.07
C TYR C 100 -3.82 32.45 -24.27
N ASN C 101 -4.76 32.65 -23.36
CA ASN C 101 -5.69 33.78 -23.39
C ASN C 101 -5.45 34.60 -22.13
N GLU C 102 -4.79 35.75 -22.29
CA GLU C 102 -4.48 36.59 -21.15
C GLU C 102 -5.74 37.11 -20.47
N SER C 103 -6.79 37.42 -21.23
CA SER C 103 -8.01 37.96 -20.65
C SER C 103 -8.67 36.95 -19.71
N GLU C 104 -8.73 35.69 -20.13
CA GLU C 104 -9.30 34.65 -19.27
C GLU C 104 -8.37 34.31 -18.11
N HIS C 105 -7.08 34.17 -18.38
CA HIS C 105 -6.10 33.78 -17.37
C HIS C 105 -5.02 34.87 -17.30
N HIS C 106 -5.25 35.87 -16.46
CA HIS C 106 -4.24 36.89 -16.25
C HIS C 106 -3.03 36.29 -15.52
N TRP C 107 -1.88 36.95 -15.68
CA TRP C 107 -0.62 36.32 -15.31
C TRP C 107 -0.54 35.97 -13.83
N ASP C 108 -1.28 36.68 -12.97
CA ASP C 108 -1.20 36.41 -11.54
C ASP C 108 -1.65 34.99 -11.21
N MET C 109 -2.68 34.50 -11.91
CA MET C 109 -3.11 33.13 -11.70
C MET C 109 -2.00 32.14 -12.05
N VAL C 110 -1.30 32.38 -13.15
CA VAL C 110 -0.19 31.50 -13.55
C VAL C 110 0.92 31.56 -12.53
N ARG C 111 1.26 32.76 -12.06
CA ARG C 111 2.32 32.91 -11.07
C ARG C 111 1.97 32.19 -9.78
N ARG C 112 0.70 32.27 -9.35
CA ARG C 112 0.27 31.57 -8.15
C ARG C 112 0.31 30.06 -8.36
N HIS C 113 -0.04 29.58 -9.56
CA HIS C 113 0.08 28.16 -9.84
C HIS C 113 1.53 27.71 -9.78
N LEU C 114 2.44 28.48 -10.37
CA LEU C 114 3.86 28.14 -10.32
C LEU C 114 4.37 28.15 -8.89
N GLN C 115 3.89 29.09 -8.08
CA GLN C 115 4.26 29.13 -6.67
C GLN C 115 3.68 27.98 -5.87
N GLY C 116 2.76 27.21 -6.43
CA GLY C 116 2.19 26.08 -5.73
C GLY C 116 0.99 26.37 -4.87
N ARG C 117 0.18 27.36 -5.22
CA ARG C 117 -1.00 27.73 -4.46
C ARG C 117 -2.25 27.11 -5.06
N GLU C 118 -3.29 27.03 -4.25
CA GLU C 118 -4.58 26.52 -4.70
C GLU C 118 -5.72 27.36 -4.12
N ASP C 119 -5.52 28.67 -4.03
CA ASP C 119 -6.54 29.55 -3.52
C ASP C 119 -7.44 30.03 -4.67
N ASN C 120 -8.40 30.89 -4.34
CA ASN C 120 -9.39 31.32 -5.32
C ASN C 120 -8.82 32.24 -6.40
N LEU C 121 -7.59 32.71 -6.25
CA LEU C 121 -6.94 33.51 -7.28
C LEU C 121 -5.99 32.70 -8.16
N THR C 122 -5.84 31.40 -7.89
CA THR C 122 -4.93 30.57 -8.65
C THR C 122 -5.60 30.07 -9.92
N LEU C 123 -4.78 29.79 -10.93
CA LEU C 123 -5.26 29.18 -12.17
C LEU C 123 -5.99 27.87 -11.86
N ASP C 124 -7.18 27.72 -12.45
CA ASP C 124 -8.03 26.56 -12.21
C ASP C 124 -7.55 25.43 -13.13
N ILE C 125 -6.84 24.46 -12.56
CA ILE C 125 -6.22 23.42 -13.36
C ILE C 125 -7.28 22.53 -14.01
N SER C 126 -8.35 22.21 -13.29
CA SER C 126 -9.38 21.33 -13.84
C SER C 126 -10.07 21.98 -15.04
N LYS C 127 -10.43 23.26 -14.92
CA LYS C 127 -11.08 23.95 -16.03
C LYS C 127 -10.14 24.08 -17.23
N LEU C 128 -8.87 24.38 -16.97
CA LEU C 128 -7.89 24.46 -18.05
C LEU C 128 -7.73 23.11 -18.75
N LYS C 129 -7.69 22.02 -17.97
CA LYS C 129 -7.58 20.70 -18.57
C LYS C 129 -8.82 20.37 -19.39
N GLU C 130 -10.00 20.77 -18.93
CA GLU C 130 -11.21 20.60 -19.73
C GLU C 130 -11.10 21.32 -21.06
N GLN C 131 -10.68 22.58 -21.03
CA GLN C 131 -10.56 23.36 -22.26
C GLN C 131 -9.54 22.72 -23.21
N ILE C 132 -8.40 22.30 -22.66
CA ILE C 132 -7.35 21.72 -23.48
C ILE C 132 -7.81 20.40 -24.10
N PHE C 133 -8.47 19.56 -23.30
CA PHE C 133 -8.96 18.28 -23.81
C PHE C 133 -10.00 18.50 -24.92
N GLU C 134 -10.89 19.47 -24.74
CA GLU C 134 -11.90 19.72 -25.76
C GLU C 134 -11.29 20.30 -27.03
N ALA C 135 -10.25 21.13 -26.90
CA ALA C 135 -9.67 21.80 -28.05
C ALA C 135 -8.56 21.00 -28.73
N SER C 136 -8.05 19.94 -28.11
CA SER C 136 -6.92 19.18 -28.65
C SER C 136 -7.35 17.90 -29.35
N LYS C 137 -8.52 17.89 -29.98
CA LYS C 137 -8.96 16.71 -30.70
C LYS C 137 -8.06 16.46 -31.91
N ALA C 138 -7.80 15.18 -32.18
CA ALA C 138 -6.97 14.83 -33.33
C ALA C 138 -7.63 15.27 -34.64
N HIS C 139 -8.96 15.26 -34.71
CA HIS C 139 -9.64 15.70 -35.93
C HIS C 139 -9.58 17.20 -36.12
N LEU C 140 -9.10 17.96 -35.13
CA LEU C 140 -8.98 19.41 -35.25
C LEU C 140 -7.54 19.89 -35.41
N ASN C 141 -6.55 19.04 -35.13
CA ASN C 141 -5.18 19.53 -35.05
C ASN C 141 -4.19 18.73 -35.89
N LEU C 142 -4.43 17.42 -36.05
CA LEU C 142 -3.44 16.58 -36.72
C LEU C 142 -3.26 16.99 -38.18
N VAL C 143 -4.35 17.31 -38.87
CA VAL C 143 -4.26 17.74 -40.26
C VAL C 143 -3.79 19.18 -40.29
N PRO C 144 -2.71 19.50 -41.00
CA PRO C 144 -2.26 20.90 -41.09
C PRO C 144 -3.30 21.77 -41.78
N GLY C 145 -3.31 23.04 -41.41
CA GLY C 145 -4.30 23.96 -41.94
C GLY C 145 -4.12 24.22 -43.42
N THR C 146 -5.13 24.90 -43.99
CA THR C 146 -5.12 25.18 -45.42
C THR C 146 -3.96 26.09 -45.82
N GLU C 147 -3.54 26.97 -44.90
CA GLU C 147 -2.44 27.87 -45.22
C GLU C 147 -1.14 27.12 -45.47
N ALA C 148 -0.83 26.15 -44.61
CA ALA C 148 0.40 25.37 -44.80
C ALA C 148 0.34 24.53 -46.07
N ILE C 149 -0.81 23.92 -46.35
CA ILE C 149 -0.95 23.11 -47.56
C ILE C 149 -0.79 23.98 -48.80
N ALA C 150 -1.40 25.17 -48.78
CA ALA C 150 -1.25 26.09 -49.91
C ALA C 150 0.20 26.55 -50.07
N GLY C 151 0.88 26.82 -48.94
CA GLY C 151 2.28 27.20 -49.02
C GLY C 151 3.15 26.13 -49.62
N VAL C 152 2.90 24.87 -49.23
CA VAL C 152 3.63 23.76 -49.85
C VAL C 152 3.31 23.67 -51.33
N ALA C 153 2.02 23.80 -51.69
CA ALA C 153 1.60 23.74 -53.08
C ALA C 153 1.85 25.07 -53.77
N PHE D 1 -0.97 -6.69 -10.65
CA PHE D 1 0.27 -7.23 -10.09
C PHE D 1 0.12 -8.71 -9.78
N ILE D 2 -1.12 -9.20 -9.82
CA ILE D 2 -1.43 -10.61 -9.65
C ILE D 2 -2.44 -11.01 -10.71
N PHE D 3 -2.16 -12.10 -11.42
CA PHE D 3 -2.98 -12.52 -12.54
C PHE D 3 -3.03 -14.04 -12.60
N THR D 4 -4.11 -14.54 -13.18
CA THR D 4 -4.28 -15.96 -13.48
C THR D 4 -4.31 -16.09 -14.99
N LEU D 5 -3.19 -16.55 -15.57
CA LEU D 5 -3.03 -16.61 -17.02
C LEU D 5 -3.60 -17.93 -17.55
N ILE D 6 -4.93 -18.03 -17.47
CA ILE D 6 -5.62 -19.24 -17.89
C ILE D 6 -6.01 -19.18 -19.36
N ALA D 7 -6.52 -18.04 -19.82
CA ALA D 7 -7.00 -17.93 -21.19
C ALA D 7 -5.87 -17.77 -22.20
N VAL D 8 -4.67 -17.38 -21.78
CA VAL D 8 -3.57 -17.12 -22.70
C VAL D 8 -3.11 -18.42 -23.35
N ILE D 9 -2.33 -18.31 -24.43
CA ILE D 9 -1.82 -19.47 -25.13
C ILE D 9 -0.43 -19.87 -24.67
N MET D 10 0.17 -19.11 -23.76
CA MET D 10 1.54 -19.39 -23.31
C MET D 10 1.72 -18.79 -21.93
N GLY D 11 1.89 -19.65 -20.93
CA GLY D 11 2.16 -19.18 -19.59
C GLY D 11 3.58 -18.69 -19.45
N LEU D 12 3.87 -18.15 -18.26
CA LEU D 12 5.19 -17.58 -17.99
C LEU D 12 6.28 -18.64 -18.09
N ILE D 13 6.00 -19.85 -17.58
CA ILE D 13 6.99 -20.93 -17.61
C ILE D 13 7.40 -21.24 -19.04
N ALA D 14 6.42 -21.42 -19.93
CA ALA D 14 6.73 -21.75 -21.31
C ALA D 14 7.50 -20.63 -21.99
N VAL D 15 7.11 -19.37 -21.74
CA VAL D 15 7.82 -18.24 -22.33
C VAL D 15 9.29 -18.27 -21.92
N THR D 16 9.55 -18.38 -20.63
CA THR D 16 10.94 -18.37 -20.14
C THR D 16 11.72 -19.55 -20.70
N ALA D 17 11.17 -20.76 -20.59
CA ALA D 17 11.89 -21.96 -21.01
C ALA D 17 12.19 -21.95 -22.50
N THR D 18 11.20 -21.59 -23.32
CA THR D 18 11.42 -21.62 -24.75
C THR D 18 12.30 -20.46 -25.21
N ALA D 19 12.38 -19.38 -24.43
CA ALA D 19 13.26 -18.28 -24.81
C ALA D 19 14.71 -18.50 -24.39
N ALA D 20 14.96 -19.30 -23.36
CA ALA D 20 16.33 -19.47 -22.86
C ALA D 20 17.31 -19.93 -23.93
N VAL D 21 16.86 -20.75 -24.88
CA VAL D 21 17.76 -21.29 -25.91
C VAL D 21 18.36 -20.15 -26.72
N ALA D 22 17.53 -19.24 -27.22
CA ALA D 22 18.04 -18.08 -27.94
C ALA D 22 18.68 -17.07 -27.00
N GLY D 23 18.27 -17.06 -25.72
CA GLY D 23 18.91 -16.18 -24.77
C GLY D 23 20.37 -16.49 -24.57
N VAL D 24 20.76 -17.75 -24.78
CA VAL D 24 22.18 -18.11 -24.73
C VAL D 24 22.97 -17.28 -25.74
N ALA D 25 22.58 -17.35 -27.01
CA ALA D 25 23.26 -16.58 -28.04
C ALA D 25 23.11 -15.08 -27.81
N LEU D 26 21.98 -14.66 -27.24
CA LEU D 26 21.83 -13.25 -26.90
C LEU D 26 22.87 -12.80 -25.88
N HIS D 27 23.14 -13.66 -24.90
CA HIS D 27 24.19 -13.37 -23.92
C HIS D 27 25.57 -13.40 -24.55
N SER D 28 25.76 -14.20 -25.60
CA SER D 28 27.10 -14.35 -26.16
C SER D 28 27.56 -13.09 -26.91
N SER D 29 26.70 -12.48 -27.72
CA SER D 29 27.15 -11.44 -28.64
C SER D 29 25.96 -10.61 -29.10
N VAL D 30 26.27 -9.50 -29.78
CA VAL D 30 25.25 -8.65 -30.38
C VAL D 30 24.50 -9.42 -31.46
N GLN D 31 23.17 -9.36 -31.41
CA GLN D 31 22.31 -10.03 -32.37
C GLN D 31 21.57 -9.00 -33.20
N SER D 32 20.98 -9.48 -34.29
CA SER D 32 20.20 -8.62 -35.16
C SER D 32 18.84 -8.30 -34.52
N VAL D 33 18.15 -7.33 -35.11
CA VAL D 33 16.85 -6.91 -34.60
C VAL D 33 15.84 -8.04 -34.73
N ASN D 34 15.88 -8.79 -35.84
CA ASN D 34 14.96 -9.90 -36.02
C ASN D 34 15.15 -10.97 -34.96
N PHE D 35 16.42 -11.27 -34.63
CA PHE D 35 16.70 -12.24 -33.57
C PHE D 35 16.09 -11.82 -32.25
N VAL D 36 16.35 -10.57 -31.84
CA VAL D 36 15.84 -10.08 -30.55
C VAL D 36 14.32 -10.06 -30.55
N ASN D 37 13.71 -9.61 -31.65
CA ASN D 37 12.26 -9.56 -31.75
C ASN D 37 11.65 -10.95 -31.61
N ASP D 38 12.21 -11.94 -32.33
CA ASP D 38 11.72 -13.30 -32.19
C ASP D 38 11.91 -13.82 -30.78
N TRP D 39 12.98 -13.40 -30.12
CA TRP D 39 13.27 -13.85 -28.76
C TRP D 39 12.32 -13.27 -27.73
N GLN D 40 11.84 -12.03 -27.94
CA GLN D 40 11.01 -11.35 -26.96
C GLN D 40 9.52 -11.34 -27.28
N LYS D 41 9.12 -11.82 -28.47
CA LYS D 41 7.74 -11.61 -28.93
C LYS D 41 6.73 -12.30 -28.01
N ASN D 42 7.00 -13.53 -27.58
CA ASN D 42 6.03 -14.23 -26.75
C ASN D 42 5.92 -13.59 -25.36
N SER D 43 7.03 -13.15 -24.80
CA SER D 43 6.97 -12.46 -23.50
C SER D 43 6.15 -11.18 -23.61
N THR D 44 6.39 -10.39 -24.67
CA THR D 44 5.62 -9.16 -24.85
C THR D 44 4.14 -9.46 -25.05
N ARG D 45 3.83 -10.50 -25.84
CA ARG D 45 2.44 -10.89 -26.04
C ARG D 45 1.78 -11.28 -24.72
N LEU D 46 2.48 -12.08 -23.91
CA LEU D 46 1.90 -12.50 -22.63
C LEU D 46 1.65 -11.31 -21.73
N TRP D 47 2.58 -10.36 -21.69
CA TRP D 47 2.41 -9.20 -20.81
C TRP D 47 1.57 -8.10 -21.45
N ASN D 48 1.06 -8.31 -22.65
CA ASN D 48 0.05 -7.42 -23.23
C ASN D 48 -1.31 -8.11 -23.36
N SER D 49 -1.53 -9.20 -22.61
CA SER D 49 -2.73 -10.01 -22.81
C SER D 49 -3.52 -10.30 -21.54
N GLN D 50 -3.02 -9.96 -20.35
CA GLN D 50 -3.77 -10.21 -19.14
C GLN D 50 -5.04 -9.36 -19.11
N SER D 51 -6.12 -9.94 -18.61
CA SER D 51 -7.42 -9.27 -18.64
C SER D 51 -7.62 -8.34 -17.46
N SER D 52 -7.49 -8.85 -16.23
CA SER D 52 -7.65 -8.03 -15.04
C SER D 52 -6.94 -8.71 -13.88
N ILE D 53 -6.71 -7.94 -12.82
CA ILE D 53 -6.11 -8.48 -11.61
C ILE D 53 -7.07 -9.46 -10.96
N ASP D 54 -6.56 -10.63 -10.58
CA ASP D 54 -7.38 -11.67 -9.97
C ASP D 54 -7.76 -11.26 -8.55
N GLN D 55 -9.04 -10.95 -8.34
CA GLN D 55 -9.46 -10.47 -7.02
C GLN D 55 -9.32 -11.54 -5.95
N LYS D 56 -9.61 -12.79 -6.30
CA LYS D 56 -9.53 -13.88 -5.33
C LYS D 56 -8.16 -13.94 -4.67
N LEU D 57 -7.10 -13.70 -5.45
CA LEU D 57 -5.76 -13.68 -4.86
C LEU D 57 -5.41 -12.31 -4.30
N ALA D 58 -5.82 -11.23 -4.98
CA ALA D 58 -5.40 -9.89 -4.58
C ALA D 58 -5.97 -9.50 -3.23
N ASN D 59 -7.23 -9.84 -2.95
CA ASN D 59 -7.87 -9.38 -1.73
C ASN D 59 -7.31 -10.06 -0.48
N GLN D 60 -6.50 -11.10 -0.63
CA GLN D 60 -5.89 -11.79 0.50
C GLN D 60 -4.52 -11.25 0.88
N ILE D 61 -3.99 -10.28 0.13
CA ILE D 61 -2.65 -9.78 0.40
C ILE D 61 -2.65 -9.01 1.71
N ASN D 62 -1.76 -9.41 2.63
CA ASN D 62 -1.62 -8.73 3.92
C ASN D 62 -0.50 -7.69 3.89
N ASP D 63 0.70 -8.10 3.51
CA ASP D 63 1.84 -7.20 3.38
C ASP D 63 1.89 -6.69 1.96
N LEU D 64 1.64 -5.39 1.77
CA LEU D 64 1.61 -4.78 0.45
C LEU D 64 2.96 -4.24 0.01
N ARG D 65 4.01 -4.41 0.81
CA ARG D 65 5.29 -3.77 0.51
C ARG D 65 5.86 -4.25 -0.82
N GLN D 66 5.93 -5.56 -1.01
CA GLN D 66 6.47 -6.09 -2.27
C GLN D 66 5.62 -5.67 -3.47
N THR D 67 4.30 -5.71 -3.31
CA THR D 67 3.41 -5.30 -4.39
C THR D 67 3.62 -3.83 -4.74
N VAL D 68 3.72 -2.98 -3.72
CA VAL D 68 3.87 -1.55 -3.96
C VAL D 68 5.22 -1.26 -4.61
N ILE D 69 6.27 -1.96 -4.19
CA ILE D 69 7.58 -1.75 -4.80
C ILE D 69 7.59 -2.21 -6.25
N TRP D 70 6.99 -3.36 -6.53
CA TRP D 70 6.88 -3.83 -7.90
C TRP D 70 6.08 -2.85 -8.76
N MET D 71 4.99 -2.32 -8.22
CA MET D 71 4.19 -1.33 -8.95
C MET D 71 4.98 -0.04 -9.18
N GLY D 72 5.77 0.38 -8.20
CA GLY D 72 6.60 1.55 -8.38
C GLY D 72 7.63 1.38 -9.48
N ASP D 73 8.26 0.19 -9.52
CA ASP D 73 9.20 -0.09 -10.60
C ASP D 73 8.49 -0.09 -11.95
N ARG D 74 7.29 -0.69 -12.02
CA ARG D 74 6.54 -0.70 -13.28
C ARG D 74 6.17 0.72 -13.71
N LEU D 75 5.74 1.55 -12.75
CA LEU D 75 5.36 2.93 -13.07
C LEU D 75 6.58 3.74 -13.53
N MET D 76 7.72 3.56 -12.87
CA MET D 76 8.95 4.21 -13.31
C MET D 76 9.33 3.80 -14.72
N SER D 77 9.24 2.50 -15.01
CA SER D 77 9.56 2.02 -16.35
C SER D 77 8.61 2.59 -17.39
N LEU D 78 7.31 2.65 -17.06
CA LEU D 78 6.35 3.22 -17.99
C LEU D 78 6.62 4.70 -18.23
N GLU D 79 6.94 5.44 -17.17
CA GLU D 79 7.27 6.85 -17.30
C GLU D 79 8.49 7.04 -18.22
N HIS D 80 9.54 6.25 -18.01
CA HIS D 80 10.71 6.36 -18.86
C HIS D 80 10.41 5.97 -20.30
N ARG D 81 9.61 4.91 -20.49
CA ARG D 81 9.26 4.47 -21.84
C ARG D 81 8.46 5.53 -22.58
N PHE D 82 7.58 6.24 -21.88
CA PHE D 82 6.75 7.24 -22.54
C PHE D 82 7.56 8.35 -23.20
N GLN D 83 8.79 8.59 -22.73
CA GLN D 83 9.62 9.63 -23.30
C GLN D 83 10.73 9.10 -24.20
N LEU D 84 10.82 7.78 -24.39
CA LEU D 84 11.82 7.23 -25.27
C LEU D 84 11.45 7.47 -26.74
N GLN D 85 12.47 7.69 -27.56
CA GLN D 85 12.31 7.78 -29.00
C GLN D 85 12.63 6.44 -29.63
N CYS D 86 11.69 5.91 -30.42
CA CYS D 86 11.79 4.55 -30.91
C CYS D 86 11.68 4.53 -32.43
N ASP D 87 12.35 3.55 -33.04
CA ASP D 87 12.23 3.33 -34.47
C ASP D 87 10.81 2.93 -34.81
N TRP D 88 10.30 3.46 -35.93
CA TRP D 88 8.90 3.27 -36.27
C TRP D 88 8.59 1.82 -36.63
N ASN D 89 9.56 1.06 -37.14
CA ASN D 89 9.25 -0.27 -37.65
C ASN D 89 9.20 -1.34 -36.57
N THR D 90 9.62 -1.05 -35.34
CA THR D 90 9.56 -2.02 -34.25
C THR D 90 8.64 -1.46 -33.16
N SER D 91 7.49 -2.11 -32.97
CA SER D 91 6.54 -1.69 -31.95
C SER D 91 6.55 -2.57 -30.71
N ASP D 92 7.09 -3.79 -30.80
CA ASP D 92 7.15 -4.66 -29.63
C ASP D 92 8.05 -4.09 -28.55
N PHE D 93 9.19 -3.52 -28.95
CA PHE D 93 10.14 -2.92 -28.03
C PHE D 93 10.69 -1.66 -28.69
N CYS D 94 11.41 -0.85 -27.90
CA CYS D 94 11.83 0.47 -28.33
C CYS D 94 13.30 0.43 -28.73
N ILE D 95 13.56 0.70 -30.01
CA ILE D 95 14.93 0.86 -30.50
C ILE D 95 15.22 2.36 -30.54
N THR D 96 16.12 2.80 -29.68
CA THR D 96 16.48 4.21 -29.60
C THR D 96 17.48 4.57 -30.70
N PRO D 97 17.62 5.86 -31.02
CA PRO D 97 18.65 6.28 -31.98
C PRO D 97 20.05 6.39 -31.40
N GLN D 98 20.29 5.90 -30.18
CA GLN D 98 21.62 5.96 -29.58
C GLN D 98 22.49 4.86 -30.16
N ILE D 99 23.58 5.25 -30.82
CA ILE D 99 24.47 4.27 -31.44
C ILE D 99 25.25 3.52 -30.37
N TYR D 100 25.39 2.21 -30.54
CA TYR D 100 26.18 1.39 -29.64
C TYR D 100 27.65 1.70 -29.80
N ASN D 101 28.27 2.18 -28.71
CA ASN D 101 29.71 2.44 -28.65
C ASN D 101 30.38 1.24 -28.01
N GLU D 102 31.04 0.41 -28.82
CA GLU D 102 31.74 -0.75 -28.29
C GLU D 102 32.89 -0.33 -27.38
N SER D 103 33.59 0.75 -27.73
CA SER D 103 34.74 1.18 -26.93
C SER D 103 34.30 1.61 -25.54
N GLU D 104 33.21 2.36 -25.43
CA GLU D 104 32.73 2.79 -24.11
C GLU D 104 32.12 1.62 -23.35
N HIS D 105 31.27 0.83 -24.01
CA HIS D 105 30.55 -0.27 -23.38
C HIS D 105 30.99 -1.57 -24.05
N HIS D 106 32.05 -2.18 -23.53
CA HIS D 106 32.46 -3.47 -24.04
C HIS D 106 31.43 -4.53 -23.66
N TRP D 107 31.44 -5.64 -24.41
CA TRP D 107 30.32 -6.57 -24.35
C TRP D 107 30.14 -7.18 -22.96
N ASP D 108 31.19 -7.24 -22.15
CA ASP D 108 31.06 -7.87 -20.83
C ASP D 108 30.08 -7.11 -19.94
N MET D 109 30.09 -5.77 -20.03
CA MET D 109 29.12 -4.99 -19.27
C MET D 109 27.69 -5.34 -19.69
N VAL D 110 27.46 -5.49 -20.99
CA VAL D 110 26.13 -5.84 -21.49
C VAL D 110 25.73 -7.23 -21.02
N ARG D 111 26.65 -8.19 -21.09
CA ARG D 111 26.34 -9.55 -20.65
C ARG D 111 26.02 -9.58 -19.17
N ARG D 112 26.76 -8.82 -18.37
CA ARG D 112 26.50 -8.76 -16.94
C ARG D 112 25.16 -8.10 -16.65
N HIS D 113 24.80 -7.07 -17.42
CA HIS D 113 23.48 -6.46 -17.27
C HIS D 113 22.38 -7.46 -17.62
N LEU D 114 22.56 -8.21 -18.71
CA LEU D 114 21.58 -9.21 -19.10
C LEU D 114 21.47 -10.30 -18.04
N GLN D 115 22.57 -10.64 -17.39
CA GLN D 115 22.56 -11.61 -16.30
C GLN D 115 21.91 -11.07 -15.03
N GLY D 116 21.66 -9.77 -14.96
CA GLY D 116 21.01 -9.20 -13.79
C GLY D 116 21.95 -8.77 -12.69
N ARG D 117 23.18 -8.40 -13.01
CA ARG D 117 24.17 -7.98 -12.02
C ARG D 117 24.18 -6.46 -11.89
N GLU D 118 24.76 -6.00 -10.77
CA GLU D 118 24.91 -4.57 -10.53
C GLU D 118 26.25 -4.23 -9.89
N ASP D 119 27.30 -5.00 -10.21
CA ASP D 119 28.63 -4.72 -9.67
C ASP D 119 29.32 -3.66 -10.53
N ASN D 120 30.59 -3.37 -10.23
CA ASN D 120 31.23 -2.25 -10.90
C ASN D 120 31.60 -2.55 -12.35
N LEU D 121 31.53 -3.81 -12.77
CA LEU D 121 31.79 -4.19 -14.15
C LEU D 121 30.52 -4.23 -15.00
N THR D 122 29.35 -4.04 -14.39
CA THR D 122 28.10 -4.06 -15.14
C THR D 122 27.86 -2.73 -15.83
N LEU D 123 27.12 -2.79 -16.94
CA LEU D 123 26.69 -1.60 -17.65
C LEU D 123 25.95 -0.65 -16.70
N ASP D 124 26.33 0.62 -16.74
CA ASP D 124 25.75 1.65 -15.87
C ASP D 124 24.46 2.15 -16.52
N ILE D 125 23.33 1.73 -15.97
CA ILE D 125 22.04 2.02 -16.59
C ILE D 125 21.71 3.51 -16.51
N SER D 126 22.01 4.15 -15.38
CA SER D 126 21.71 5.57 -15.22
C SER D 126 22.49 6.42 -16.22
N LYS D 127 23.78 6.14 -16.37
CA LYS D 127 24.60 6.90 -17.31
C LYS D 127 24.14 6.68 -18.75
N LEU D 128 23.80 5.44 -19.09
CA LEU D 128 23.30 5.15 -20.44
C LEU D 128 21.98 5.86 -20.69
N LYS D 129 21.09 5.87 -19.70
CA LYS D 129 19.83 6.58 -19.85
C LYS D 129 20.06 8.07 -20.02
N GLU D 130 21.02 8.64 -19.30
CA GLU D 130 21.36 10.04 -19.50
C GLU D 130 21.82 10.30 -20.93
N GLN D 131 22.71 9.46 -21.44
CA GLN D 131 23.20 9.63 -22.81
C GLN D 131 22.06 9.52 -23.81
N ILE D 132 21.19 8.53 -23.64
CA ILE D 132 20.10 8.32 -24.57
C ILE D 132 19.13 9.50 -24.53
N PHE D 133 18.80 9.97 -23.33
CA PHE D 133 17.89 11.11 -23.21
C PHE D 133 18.50 12.36 -23.86
N GLU D 134 19.80 12.59 -23.65
CA GLU D 134 20.43 13.75 -24.26
C GLU D 134 20.44 13.65 -25.77
N ALA D 135 20.73 12.47 -26.32
CA ALA D 135 20.89 12.32 -27.76
C ALA D 135 19.59 12.09 -28.52
N SER D 136 18.48 11.79 -27.84
CA SER D 136 17.23 11.44 -28.49
C SER D 136 16.24 12.60 -28.54
N LYS D 137 16.72 13.83 -28.65
CA LYS D 137 15.81 14.96 -28.76
C LYS D 137 15.03 14.90 -30.07
N ALA D 138 13.78 15.32 -30.03
CA ALA D 138 12.96 15.32 -31.24
C ALA D 138 13.53 16.27 -32.30
N HIS D 139 14.19 17.34 -31.88
CA HIS D 139 14.77 18.28 -32.83
C HIS D 139 16.05 17.76 -33.47
N LEU D 140 16.57 16.62 -33.01
CA LEU D 140 17.75 16.01 -33.61
C LEU D 140 17.45 14.75 -34.41
N ASN D 141 16.25 14.18 -34.29
CA ASN D 141 16.00 12.87 -34.87
C ASN D 141 14.73 12.80 -35.72
N LEU D 142 13.72 13.59 -35.37
CA LEU D 142 12.43 13.48 -36.07
C LEU D 142 12.55 13.87 -37.53
N VAL D 143 13.30 14.93 -37.83
CA VAL D 143 13.50 15.33 -39.22
C VAL D 143 14.52 14.41 -39.86
N PRO D 144 14.20 13.76 -40.97
CA PRO D 144 15.17 12.89 -41.64
C PRO D 144 16.37 13.69 -42.14
N GLY D 145 17.51 13.02 -42.20
CA GLY D 145 18.75 13.66 -42.58
C GLY D 145 18.75 14.14 -44.02
N THR D 146 19.77 14.94 -44.34
CA THR D 146 19.87 15.49 -45.69
C THR D 146 20.08 14.41 -46.73
N GLU D 147 20.73 13.31 -46.38
CA GLU D 147 20.96 12.23 -47.33
C GLU D 147 19.64 11.62 -47.79
N ALA D 148 18.73 11.35 -46.86
CA ALA D 148 17.44 10.77 -47.22
C ALA D 148 16.61 11.73 -48.07
N ILE D 149 16.61 13.02 -47.71
CA ILE D 149 15.85 14.00 -48.47
C ILE D 149 16.41 14.12 -49.89
N ALA D 150 17.74 14.12 -50.02
CA ALA D 150 18.35 14.17 -51.34
C ALA D 150 18.03 12.92 -52.15
N GLY D 151 18.04 11.75 -51.49
CA GLY D 151 17.69 10.53 -52.19
C GLY D 151 16.26 10.53 -52.70
N VAL D 152 15.33 11.04 -51.89
CA VAL D 152 13.95 11.19 -52.35
C VAL D 152 13.88 12.18 -53.51
N ALA D 153 14.58 13.31 -53.38
CA ALA D 153 14.60 14.31 -54.44
C ALA D 153 15.57 13.93 -55.55
N ALA E 10 5.18 35.44 -36.33
CA ALA E 10 4.87 36.30 -35.20
C ALA E 10 5.12 35.59 -33.88
N ASN E 11 4.26 35.82 -32.90
CA ASN E 11 4.36 35.22 -31.58
C ASN E 11 3.08 34.42 -31.31
N TYR E 12 3.25 33.18 -30.84
CA TYR E 12 2.13 32.30 -30.56
C TYR E 12 2.35 31.66 -29.21
N THR E 13 1.49 31.95 -28.24
CA THR E 13 1.66 31.46 -26.89
C THR E 13 0.69 30.31 -26.64
N TYR E 14 1.22 29.18 -26.17
CA TYR E 14 0.44 27.98 -25.93
C TYR E 14 0.66 27.47 -24.51
N TRP E 15 -0.35 26.79 -23.98
CA TRP E 15 -0.19 26.13 -22.70
C TRP E 15 0.71 24.90 -22.86
N ALA E 16 1.62 24.72 -21.91
CA ALA E 16 2.51 23.57 -21.90
C ALA E 16 2.45 22.92 -20.52
N TYR E 17 2.65 21.62 -20.51
CA TYR E 17 2.71 20.84 -19.27
C TYR E 17 4.15 20.39 -19.05
N VAL E 18 4.71 20.75 -17.90
CA VAL E 18 6.05 20.33 -17.52
C VAL E 18 5.90 19.23 -16.48
N PRO E 19 6.12 17.96 -16.85
CA PRO E 19 5.84 16.86 -15.92
C PRO E 19 6.79 16.81 -14.73
N PHE E 20 8.06 17.12 -14.94
CA PHE E 20 9.08 17.03 -13.88
C PHE E 20 9.78 18.39 -13.79
N PRO E 21 9.11 19.37 -13.22
CA PRO E 21 9.71 20.71 -13.13
C PRO E 21 10.73 20.77 -12.01
N PRO E 22 11.75 21.62 -12.12
CA PRO E 22 12.75 21.74 -11.06
C PRO E 22 12.26 22.51 -9.83
N LEU E 23 10.95 22.66 -9.68
CA LEU E 23 10.37 23.35 -8.54
C LEU E 23 10.31 22.42 -7.32
N ILE E 24 10.01 23.02 -6.17
CA ILE E 24 9.77 22.29 -4.94
C ILE E 24 8.52 22.84 -4.28
N ARG E 25 7.90 22.01 -3.47
CA ARG E 25 6.76 22.42 -2.66
C ARG E 25 6.96 21.94 -1.24
N ALA E 26 6.47 22.73 -0.30
CA ALA E 26 6.63 22.39 1.10
C ALA E 26 5.84 21.14 1.45
N VAL E 27 6.44 20.28 2.27
CA VAL E 27 5.69 19.19 2.89
C VAL E 27 4.81 19.78 3.98
N THR E 28 3.53 19.46 3.94
CA THR E 28 2.56 20.03 4.87
C THR E 28 2.18 19.00 5.93
N TRP E 29 1.52 19.50 6.97
CA TRP E 29 1.00 18.66 8.04
C TRP E 29 -0.12 17.74 7.55
N MET E 30 -0.71 18.00 6.39
CA MET E 30 -1.69 17.11 5.80
C MET E 30 -1.07 15.97 5.01
N ASP E 31 0.23 16.04 4.74
CA ASP E 31 0.94 14.90 4.18
C ASP E 31 1.01 13.77 5.19
N ASN E 32 1.10 12.55 4.69
CA ASN E 32 1.37 11.40 5.53
C ASN E 32 2.87 11.34 5.84
N PRO E 33 3.27 10.61 6.88
CA PRO E 33 4.67 10.66 7.32
C PRO E 33 5.64 10.23 6.22
N ILE E 34 6.76 10.94 6.14
CA ILE E 34 7.79 10.65 5.17
C ILE E 34 8.90 9.86 5.86
N GLU E 35 9.81 9.31 5.06
CA GLU E 35 10.90 8.49 5.57
C GLU E 35 12.09 9.36 5.93
N VAL E 36 12.58 9.21 7.17
CA VAL E 36 13.85 9.79 7.61
C VAL E 36 14.75 8.65 8.05
N TYR E 37 15.95 8.60 7.47
CA TYR E 37 16.86 7.48 7.68
C TYR E 37 17.99 7.90 8.62
N VAL E 38 18.16 7.16 9.70
CA VAL E 38 19.22 7.40 10.66
C VAL E 38 20.27 6.31 10.50
N ASN E 39 21.53 6.69 10.73
CA ASN E 39 22.67 5.83 10.43
C ASN E 39 23.12 4.96 11.61
N ASP E 40 22.42 5.02 12.75
CA ASP E 40 22.81 4.25 13.92
C ASP E 40 21.58 3.51 14.46
N SER E 41 21.49 2.21 14.16
CA SER E 41 20.38 1.40 14.64
C SER E 41 20.55 0.96 16.09
N VAL E 42 21.72 1.20 16.70
CA VAL E 42 21.93 0.84 18.10
C VAL E 42 21.03 1.66 19.00
N TRP E 43 20.89 2.96 18.72
CA TRP E 43 20.16 3.86 19.59
C TRP E 43 18.88 4.42 18.98
N VAL E 44 18.71 4.35 17.67
CA VAL E 44 17.54 4.93 17.01
C VAL E 44 16.85 3.85 16.18
N PRO E 45 15.53 3.74 16.23
CA PRO E 45 14.83 2.75 15.39
C PRO E 45 14.91 3.10 13.91
N GLY E 46 14.39 2.19 13.09
CA GLY E 46 14.48 2.31 11.68
C GLY E 46 13.56 3.40 11.13
N PRO E 47 13.66 3.66 9.83
CA PRO E 47 14.54 3.01 8.84
C PRO E 47 16.00 3.45 8.97
N ILE E 48 16.94 2.60 8.56
CA ILE E 48 18.36 2.80 8.79
C ILE E 48 19.08 2.93 7.46
N ASP E 49 20.02 3.87 7.40
CA ASP E 49 20.91 4.00 6.24
C ASP E 49 22.16 4.72 6.71
N ASP E 50 23.30 4.04 6.69
CA ASP E 50 24.56 4.62 7.12
C ASP E 50 25.34 5.27 5.98
N ARG E 51 24.79 5.27 4.76
CA ARG E 51 25.48 5.86 3.63
C ARG E 51 25.49 7.37 3.71
N CYS E 52 26.56 7.96 3.17
CA CYS E 52 26.61 9.40 2.96
C CYS E 52 25.67 9.77 1.82
N PRO E 53 25.31 11.06 1.70
CA PRO E 53 24.47 11.47 0.57
C PRO E 53 25.08 11.08 -0.76
N ALA E 54 24.23 10.69 -1.71
CA ALA E 54 24.70 10.25 -3.00
C ALA E 54 25.52 11.32 -3.71
N LYS E 55 25.22 12.59 -3.43
CA LYS E 55 25.94 13.72 -4.01
C LYS E 55 26.40 14.62 -2.87
N PRO E 56 27.43 14.21 -2.13
CA PRO E 56 27.87 15.02 -0.99
C PRO E 56 28.33 16.42 -1.37
N GLU E 57 28.85 16.60 -2.59
CA GLU E 57 29.35 17.90 -3.01
C GLU E 57 28.22 18.88 -3.29
N GLU E 58 26.99 18.41 -3.44
CA GLU E 58 25.86 19.30 -3.70
C GLU E 58 25.18 19.79 -2.43
N GLU E 59 25.46 19.18 -1.30
CA GLU E 59 24.85 19.60 -0.04
C GLU E 59 25.26 21.03 0.29
N GLY E 60 24.28 21.84 0.67
CA GLY E 60 24.54 23.22 1.06
C GLY E 60 24.44 24.24 -0.04
N MET E 61 23.98 23.85 -1.23
CA MET E 61 23.84 24.81 -2.32
C MET E 61 22.79 25.85 -1.98
N MET E 62 23.11 27.11 -2.24
CA MET E 62 22.25 28.22 -1.87
C MET E 62 21.07 28.34 -2.83
N ILE E 63 19.98 28.90 -2.32
CA ILE E 63 18.76 29.09 -3.11
C ILE E 63 17.89 30.12 -2.38
N ASN E 64 17.25 31.00 -3.16
CA ASN E 64 16.15 31.81 -2.67
C ASN E 64 14.82 31.09 -2.90
N ILE E 65 13.96 31.12 -1.89
CA ILE E 65 12.69 30.40 -1.90
C ILE E 65 11.56 31.42 -1.78
N SER E 66 10.56 31.29 -2.65
CA SER E 66 9.32 32.05 -2.53
C SER E 66 8.20 31.19 -3.09
N ILE E 67 7.45 30.53 -2.19
CA ILE E 67 6.41 29.61 -2.59
C ILE E 67 5.14 29.89 -1.79
N GLY E 68 4.03 29.32 -2.26
CA GLY E 68 2.80 29.28 -1.51
C GLY E 68 2.53 27.89 -0.95
N TYR E 69 1.42 27.78 -0.23
CA TYR E 69 1.00 26.49 0.31
C TYR E 69 -0.50 26.53 0.59
N ARG E 70 -1.10 25.34 0.61
CA ARG E 70 -2.50 25.19 0.99
C ARG E 70 -2.69 24.77 2.44
N TYR E 71 -1.80 23.96 2.97
CA TYR E 71 -1.86 23.49 4.35
C TYR E 71 -0.59 23.87 5.08
N PRO E 72 -0.66 24.06 6.40
CA PRO E 72 0.51 24.54 7.16
C PRO E 72 1.74 23.70 6.90
N PRO E 73 2.82 24.31 6.44
CA PRO E 73 4.04 23.56 6.15
C PRO E 73 4.68 23.02 7.41
N ILE E 74 5.45 21.95 7.25
CA ILE E 74 6.19 21.36 8.36
C ILE E 74 7.55 22.06 8.43
N CYS E 75 7.74 22.84 9.48
CA CYS E 75 8.98 23.57 9.71
C CYS E 75 9.44 23.34 11.14
N LEU E 76 10.74 23.18 11.32
CA LEU E 76 11.35 23.04 12.63
C LEU E 76 12.33 24.18 12.86
N GLY E 77 12.42 24.63 14.11
CA GLY E 77 13.30 25.71 14.48
C GLY E 77 12.57 26.71 15.34
N ARG E 78 13.23 27.84 15.58
CA ARG E 78 12.71 28.89 16.46
C ARG E 78 12.27 30.07 15.57
N ALA E 79 11.04 30.00 15.10
CA ALA E 79 10.44 31.03 14.27
C ALA E 79 8.94 30.75 14.19
N PRO E 80 8.13 31.78 13.92
CA PRO E 80 6.68 31.56 13.78
C PRO E 80 6.40 30.54 12.68
N GLY E 81 5.49 29.61 12.99
CA GLY E 81 5.17 28.53 12.08
C GLY E 81 6.10 27.34 12.12
N CYS E 82 7.10 27.35 12.98
CA CYS E 82 8.06 26.25 13.09
C CYS E 82 8.07 25.71 14.51
N LEU E 83 8.22 24.40 14.64
CA LEU E 83 8.25 23.75 15.95
C LEU E 83 9.64 23.91 16.57
N MET E 84 9.69 24.52 17.75
CA MET E 84 10.95 24.74 18.43
C MET E 84 11.49 23.43 19.00
N PRO E 85 12.80 23.22 18.96
CA PRO E 85 13.39 22.03 19.56
C PRO E 85 13.86 22.24 21.00
N ALA E 86 13.89 21.12 21.73
CA ALA E 86 14.40 21.09 23.10
C ALA E 86 14.78 19.65 23.42
N VAL E 87 15.55 19.49 24.49
CA VAL E 87 15.97 18.15 24.90
C VAL E 87 14.80 17.39 25.49
N GLN E 88 14.65 16.13 25.09
CA GLN E 88 13.72 15.18 25.70
C GLN E 88 14.52 14.03 26.28
N ASN E 89 14.08 13.55 27.45
CA ASN E 89 14.75 12.49 28.17
C ASN E 89 13.86 11.26 28.25
N TRP E 90 14.41 10.12 27.84
CA TRP E 90 13.76 8.83 27.99
C TRP E 90 14.52 8.03 29.04
N LEU E 91 13.81 7.61 30.09
CA LEU E 91 14.43 6.97 31.24
C LEU E 91 13.93 5.55 31.39
N VAL E 92 14.86 4.62 31.57
CA VAL E 92 14.57 3.22 31.88
C VAL E 92 14.93 3.01 33.35
N GLU E 93 13.96 2.53 34.12
CA GLU E 93 14.08 2.35 35.56
C GLU E 93 14.06 0.87 35.89
N VAL E 94 15.07 0.40 36.62
CA VAL E 94 15.13 -0.99 37.03
C VAL E 94 15.08 -1.04 38.56
N PRO E 95 14.03 -1.62 39.15
CA PRO E 95 13.96 -1.69 40.61
C PRO E 95 15.09 -2.52 41.18
N THR E 96 15.55 -2.13 42.37
CA THR E 96 16.64 -2.81 43.06
C THR E 96 16.15 -3.33 44.40
N VAL E 97 16.55 -4.55 44.73
CA VAL E 97 16.13 -5.19 45.98
C VAL E 97 16.85 -4.63 47.20
N SER E 98 17.90 -3.83 46.99
CA SER E 98 18.65 -3.30 48.12
C SER E 98 17.78 -2.32 48.92
N PRO E 99 17.89 -2.31 50.25
CA PRO E 99 17.08 -1.39 51.04
C PRO E 99 17.52 0.06 50.94
N ILE E 100 18.74 0.33 50.50
CA ILE E 100 19.24 1.71 50.39
C ILE E 100 19.19 2.23 48.97
N SER E 101 18.69 1.44 48.02
CA SER E 101 18.57 1.86 46.63
C SER E 101 17.16 1.59 46.15
N ARG E 102 16.61 2.54 45.39
CA ARG E 102 15.27 2.41 44.83
C ARG E 102 15.31 1.90 43.39
N PHE E 103 16.14 2.51 42.54
CA PHE E 103 16.19 2.14 41.14
C PHE E 103 17.60 2.32 40.61
N THR E 104 17.90 1.60 39.54
CA THR E 104 19.01 1.91 38.65
C THR E 104 18.44 2.52 37.37
N TYR E 105 19.20 3.44 36.77
CA TYR E 105 18.69 4.29 35.71
C TYR E 105 19.53 4.12 34.45
N HIS E 106 18.83 4.16 33.30
CA HIS E 106 19.48 4.28 32.00
C HIS E 106 18.73 5.35 31.23
N MET E 107 19.39 6.47 30.96
CA MET E 107 18.71 7.61 30.35
C MET E 107 19.31 7.93 29.00
N VAL E 108 18.46 8.42 28.10
CA VAL E 108 18.86 8.93 26.80
C VAL E 108 18.29 10.33 26.64
N SER E 109 19.16 11.29 26.36
CA SER E 109 18.75 12.66 26.10
C SER E 109 18.94 12.96 24.62
N GLY E 110 17.90 13.45 23.97
CA GLY E 110 17.97 13.75 22.55
C GLY E 110 17.16 14.97 22.19
N MET E 111 17.64 15.69 21.19
CA MET E 111 16.93 16.87 20.73
C MET E 111 15.65 16.47 20.00
N SER E 112 14.52 17.01 20.45
CA SER E 112 13.20 16.63 19.94
C SER E 112 12.31 17.86 20.02
N LEU E 113 10.99 17.67 19.95
CA LEU E 113 10.05 18.76 19.79
C LEU E 113 9.65 19.32 21.15
N ARG E 114 9.86 20.62 21.33
CA ARG E 114 9.60 21.29 22.60
C ARG E 114 8.10 21.52 22.79
N PRO E 115 7.53 21.10 23.91
CA PRO E 115 6.14 21.46 24.20
C PRO E 115 6.03 22.88 24.75
N ARG E 116 4.88 23.49 24.50
CA ARG E 116 4.59 24.80 25.05
C ARG E 116 4.43 24.72 26.57
N VAL E 117 4.66 25.85 27.24
CA VAL E 117 4.66 25.88 28.70
C VAL E 117 3.55 26.78 29.20
N ASN E 118 3.01 26.44 30.36
CA ASN E 118 2.02 27.26 31.06
C ASN E 118 2.77 28.15 32.03
N TYR E 119 2.95 29.42 31.66
CA TYR E 119 3.67 30.34 32.54
C TYR E 119 2.91 30.58 33.84
N LEU E 120 1.58 30.59 33.79
CA LEU E 120 0.79 30.76 35.01
C LEU E 120 0.77 29.49 35.85
N GLN E 121 0.68 28.32 35.22
CA GLN E 121 0.47 27.07 35.94
C GLN E 121 1.80 26.39 36.26
N ASP E 122 2.63 27.11 37.01
CA ASP E 122 3.87 26.57 37.60
C ASP E 122 4.81 26.01 36.53
N PHE E 123 4.83 26.67 35.37
CA PHE E 123 5.77 26.34 34.29
C PHE E 123 5.68 24.86 33.89
N SER E 124 4.47 24.33 33.84
CA SER E 124 4.24 22.98 33.38
C SER E 124 4.03 22.99 31.86
N TYR E 125 3.62 21.86 31.29
CA TYR E 125 3.38 21.76 29.86
C TYR E 125 1.93 22.08 29.54
N GLN E 126 1.72 22.86 28.48
CA GLN E 126 0.38 23.02 27.94
C GLN E 126 -0.11 21.68 27.41
N ARG E 127 -1.34 21.31 27.77
CA ARG E 127 -1.85 19.98 27.49
C ARG E 127 -3.24 20.05 26.88
N SER E 128 -3.52 19.10 25.98
CA SER E 128 -4.78 19.00 25.28
C SER E 128 -5.29 17.57 25.37
N LEU E 129 -6.60 17.43 25.54
CA LEU E 129 -7.25 16.12 25.61
C LEU E 129 -8.02 15.78 24.34
N LYS E 130 -7.84 16.54 23.27
CA LYS E 130 -8.64 16.38 22.07
C LYS E 130 -8.07 15.31 21.16
N PHE E 131 -8.96 14.53 20.55
CA PHE E 131 -8.61 13.56 19.51
C PHE E 131 -7.57 12.56 20.01
N ARG E 132 -7.93 11.85 21.07
CA ARG E 132 -7.05 10.84 21.63
C ARG E 132 -6.91 9.67 20.67
N PRO E 133 -5.70 9.33 20.23
CA PRO E 133 -5.55 8.24 19.27
C PRO E 133 -5.61 6.87 19.95
N LYS E 134 -5.92 5.87 19.14
CA LYS E 134 -5.89 4.50 19.61
C LYS E 134 -4.45 4.01 19.72
N GLY E 135 -4.24 3.07 20.64
CA GLY E 135 -2.93 2.48 20.82
C GLY E 135 -2.74 2.07 22.27
N LYS E 136 -1.60 1.46 22.51
CA LYS E 136 -1.26 1.00 23.85
C LYS E 136 -1.03 2.20 24.76
N PRO E 137 -1.73 2.31 25.89
CA PRO E 137 -1.46 3.42 26.81
C PRO E 137 -0.06 3.32 27.39
N CYS E 138 0.54 4.47 27.66
CA CYS E 138 1.88 4.49 28.24
C CYS E 138 1.83 3.90 29.65
N PRO E 139 2.82 3.08 30.03
CA PRO E 139 2.76 2.40 31.32
C PRO E 139 2.81 3.37 32.48
N LYS E 140 2.02 3.07 33.51
CA LYS E 140 2.02 3.85 34.74
C LYS E 140 2.85 3.22 35.86
N GLU E 141 3.16 1.93 35.74
CA GLU E 141 3.99 1.22 36.70
C GLU E 141 5.33 0.84 36.07
N ILE E 142 6.23 0.37 36.91
CA ILE E 142 7.58 -0.03 36.50
C ILE E 142 7.63 -1.55 36.47
N PRO E 143 7.90 -2.16 35.31
CA PRO E 143 7.97 -3.63 35.25
C PRO E 143 9.13 -4.16 36.08
N LYS E 144 8.83 -5.15 36.91
CA LYS E 144 9.85 -5.73 37.79
C LYS E 144 10.92 -6.45 37.00
N GLU E 145 10.54 -7.19 35.96
CA GLU E 145 11.48 -7.96 35.14
C GLU E 145 11.90 -7.10 33.96
N SER E 146 13.00 -6.38 34.12
CA SER E 146 13.55 -5.52 33.07
C SER E 146 14.77 -6.21 32.48
N LYS E 147 14.52 -7.10 31.51
CA LYS E 147 15.59 -7.79 30.82
C LYS E 147 16.09 -6.96 29.64
N ASN E 148 17.30 -7.28 29.17
CA ASN E 148 17.95 -6.56 28.07
C ASN E 148 18.01 -5.07 28.36
N THR E 149 18.49 -4.74 29.57
CA THR E 149 18.49 -3.35 30.01
C THR E 149 19.45 -2.48 29.19
N GLU E 150 20.57 -3.05 28.74
CA GLU E 150 21.53 -2.26 27.98
C GLU E 150 20.95 -1.84 26.63
N VAL E 151 20.17 -2.71 26.00
CA VAL E 151 19.58 -2.40 24.70
C VAL E 151 18.29 -1.63 24.90
N LEU E 152 18.24 -0.41 24.40
CA LEU E 152 17.04 0.41 24.51
C LEU E 152 15.99 -0.04 23.51
N VAL E 153 14.78 -0.27 23.98
CA VAL E 153 13.66 -0.72 23.15
C VAL E 153 12.64 0.41 23.08
N TRP E 154 12.44 0.94 21.88
CA TRP E 154 11.49 2.03 21.67
C TRP E 154 10.09 1.45 21.46
N GLU E 155 9.18 1.83 22.34
CA GLU E 155 7.78 1.39 22.29
C GLU E 155 6.90 2.60 22.05
N GLU E 156 6.02 2.50 21.06
CA GLU E 156 5.04 3.55 20.80
C GLU E 156 3.88 3.41 21.78
N CYS E 157 3.62 4.48 22.54
CA CYS E 157 2.55 4.46 23.53
C CYS E 157 1.81 5.79 23.51
N VAL E 158 0.56 5.73 23.99
CA VAL E 158 -0.34 6.88 24.01
C VAL E 158 -0.33 7.47 25.41
N ALA E 159 0.02 8.75 25.51
CA ALA E 159 0.11 9.41 26.80
C ALA E 159 -1.26 9.65 27.39
N ASN E 160 -1.28 9.95 28.70
CA ASN E 160 -2.55 10.25 29.38
C ASN E 160 -3.22 11.48 28.77
N SER E 161 -2.43 12.50 28.44
CA SER E 161 -2.91 13.66 27.71
C SER E 161 -1.81 14.12 26.76
N ALA E 162 -2.22 14.77 25.68
CA ALA E 162 -1.27 15.27 24.69
C ALA E 162 -0.65 16.58 25.16
N VAL E 163 0.57 16.82 24.71
CA VAL E 163 1.23 18.10 24.90
C VAL E 163 1.00 18.97 23.68
N ILE E 164 0.83 20.27 23.91
CA ILE E 164 0.63 21.22 22.82
C ILE E 164 1.98 21.76 22.39
N LEU E 165 2.29 21.65 21.11
CA LEU E 165 3.54 22.20 20.58
C LEU E 165 3.35 23.55 19.91
N GLN E 166 2.14 23.89 19.51
CA GLN E 166 1.85 25.14 18.81
C GLN E 166 0.35 25.37 18.87
N ASN E 167 -0.07 26.54 19.34
CA ASN E 167 -1.49 26.88 19.46
C ASN E 167 -1.74 28.31 19.02
N ASN E 168 -1.23 28.67 17.83
CA ASN E 168 -1.36 30.03 17.35
C ASN E 168 -2.00 30.08 15.97
N GLU E 169 -1.95 31.24 15.31
CA GLU E 169 -2.59 31.42 14.02
C GLU E 169 -1.99 30.53 12.93
N PHE E 170 -0.81 29.96 13.15
CA PHE E 170 -0.23 29.02 12.20
C PHE E 170 -0.84 27.62 12.31
N GLY E 171 -1.65 27.37 13.33
CA GLY E 171 -2.28 26.09 13.53
C GLY E 171 -2.07 25.57 14.94
N THR E 172 -2.86 24.56 15.27
CA THR E 172 -2.80 23.88 16.55
C THR E 172 -2.21 22.49 16.34
N ILE E 173 -1.02 22.25 16.90
CA ILE E 173 -0.33 20.98 16.78
C ILE E 173 -0.22 20.36 18.17
N ILE E 174 -0.69 19.13 18.31
CA ILE E 174 -0.63 18.42 19.58
C ILE E 174 0.12 17.11 19.35
N ASP E 175 0.64 16.56 20.45
CA ASP E 175 1.47 15.38 20.41
C ASP E 175 1.06 14.46 21.54
N TRP E 176 0.57 13.28 21.21
CA TRP E 176 0.10 12.33 22.21
C TRP E 176 1.18 11.38 22.68
N ALA E 177 2.41 11.57 22.24
CA ALA E 177 3.53 10.83 22.80
C ALA E 177 3.89 11.40 24.18
N PRO E 178 4.35 10.56 25.10
CA PRO E 178 4.62 11.03 26.47
C PRO E 178 5.86 11.90 26.53
N ARG E 179 5.89 12.72 27.58
CA ARG E 179 7.06 13.51 27.94
C ARG E 179 7.48 13.13 29.35
N GLY E 180 8.75 12.77 29.52
CA GLY E 180 9.25 12.28 30.79
C GLY E 180 9.93 13.38 31.58
N GLN E 181 9.58 13.46 32.87
CA GLN E 181 10.19 14.41 33.79
C GLN E 181 10.18 13.82 35.18
N PHE E 182 11.07 14.32 36.03
CA PHE E 182 11.07 13.98 37.44
C PHE E 182 10.08 14.86 38.19
N TYR E 183 9.40 14.27 39.17
CA TYR E 183 8.40 14.98 39.96
C TYR E 183 8.23 14.26 41.28
N HIS E 184 7.36 14.81 42.13
CA HIS E 184 7.02 14.24 43.41
C HIS E 184 5.54 13.94 43.48
N ASN E 185 5.19 12.85 44.16
CA ASN E 185 3.80 12.49 44.42
C ASN E 185 3.39 13.20 45.71
N CYS E 186 2.73 14.36 45.56
CA CYS E 186 2.32 15.18 46.69
C CYS E 186 0.83 15.13 46.95
N SER E 187 0.15 14.08 46.48
CA SER E 187 -1.29 13.97 46.69
C SER E 187 -1.63 13.87 48.17
N GLY E 188 -0.87 13.08 48.92
CA GLY E 188 -1.09 12.91 50.34
C GLY E 188 -0.16 13.69 51.24
N GLN E 189 0.80 14.42 50.67
CA GLN E 189 1.76 15.17 51.45
C GLN E 189 1.20 16.54 51.82
N THR E 190 1.97 17.30 52.60
CA THR E 190 1.56 18.65 53.00
C THR E 190 1.92 19.63 51.89
N GLN E 191 1.72 20.92 52.17
CA GLN E 191 2.00 21.95 51.18
C GLN E 191 3.49 22.14 50.92
N SER E 192 4.35 21.57 51.76
CA SER E 192 5.79 21.71 51.56
C SER E 192 6.33 20.81 50.45
N CYS E 193 5.53 19.88 49.95
CA CYS E 193 5.97 19.04 48.84
C CYS E 193 5.99 19.85 47.56
N PRO E 194 7.14 20.00 46.90
CA PRO E 194 7.17 20.77 45.65
C PRO E 194 6.36 20.09 44.56
N SER E 195 5.68 20.90 43.76
CA SER E 195 4.86 20.41 42.65
C SER E 195 5.50 20.65 41.29
N ALA E 196 6.66 21.29 41.24
CA ALA E 196 7.30 21.59 39.97
C ALA E 196 8.02 20.38 39.42
N GLN E 197 7.90 20.18 38.11
CA GLN E 197 8.62 19.10 37.44
C GLN E 197 10.04 19.53 37.11
N VAL E 198 10.96 18.56 37.17
CA VAL E 198 12.38 18.81 36.96
C VAL E 198 12.83 18.00 35.75
N SER E 199 13.54 18.66 34.84
CA SER E 199 14.15 17.99 33.70
C SER E 199 15.57 17.59 34.06
N PRO E 200 15.92 16.30 34.00
CA PRO E 200 17.28 15.90 34.37
C PRO E 200 18.36 16.45 33.45
N ALA E 201 18.03 16.79 32.20
CA ALA E 201 19.01 17.28 31.24
C ALA E 201 18.47 18.51 30.53
N VAL E 202 19.40 19.29 29.98
CA VAL E 202 19.09 20.54 29.31
C VAL E 202 19.81 20.57 27.97
N ASP E 203 19.64 21.68 27.24
CA ASP E 203 20.23 21.82 25.92
C ASP E 203 21.76 21.78 25.97
N SER E 204 22.36 22.43 26.98
CA SER E 204 23.80 22.49 27.07
C SER E 204 24.41 21.10 27.29
N ASP E 205 23.64 20.17 27.85
CA ASP E 205 24.14 18.82 28.04
C ASP E 205 24.39 18.10 26.73
N LEU E 206 23.81 18.57 25.63
CA LEU E 206 24.04 17.97 24.33
C LEU E 206 25.13 18.66 23.53
N THR E 207 25.52 19.88 23.90
CA THR E 207 26.44 20.68 23.09
C THR E 207 27.76 20.95 23.78
N GLU E 208 27.75 21.54 24.97
CA GLU E 208 28.97 22.06 25.57
C GLU E 208 29.73 20.98 26.32
N SER E 209 31.05 20.95 26.13
CA SER E 209 31.95 20.01 26.77
C SER E 209 31.50 18.57 26.51
N LEU E 210 31.52 18.20 25.23
CA LEU E 210 31.01 16.90 24.83
C LEU E 210 31.81 15.76 25.45
N ASP E 211 33.14 15.89 25.49
CA ASP E 211 34.00 14.82 26.00
C ASP E 211 34.21 14.89 27.50
N LYS E 212 33.64 15.87 28.19
CA LYS E 212 33.84 16.00 29.62
C LYS E 212 32.73 15.30 30.40
N HIS E 213 33.08 14.82 31.58
CA HIS E 213 32.13 14.12 32.44
C HIS E 213 30.96 15.02 32.80
N LYS E 214 29.75 14.46 32.74
CA LYS E 214 28.53 15.17 33.06
C LYS E 214 27.84 14.47 34.23
N HIS E 215 27.41 15.25 35.21
CA HIS E 215 26.72 14.72 36.38
C HIS E 215 25.49 15.57 36.67
N LYS E 216 24.45 14.89 37.17
CA LYS E 216 23.21 15.53 37.59
C LYS E 216 22.78 14.94 38.91
N LYS E 217 22.50 15.80 39.89
CA LYS E 217 22.14 15.37 41.24
C LYS E 217 20.83 16.04 41.63
N LEU E 218 19.85 15.24 42.03
CA LEU E 218 18.57 15.71 42.53
C LEU E 218 18.41 15.21 43.96
N GLN E 219 18.03 16.10 44.87
CA GLN E 219 17.91 15.73 46.28
C GLN E 219 16.60 16.27 46.83
N SER E 220 15.89 15.42 47.58
CA SER E 220 14.64 15.86 48.18
C SER E 220 14.27 14.92 49.32
N PHE E 221 13.45 15.43 50.24
CA PHE E 221 12.90 14.60 51.30
C PHE E 221 11.74 13.75 50.83
N TYR E 222 11.28 13.93 49.60
CA TYR E 222 10.21 13.15 48.99
C TYR E 222 10.77 12.29 47.85
N PRO E 223 10.22 11.09 47.64
CA PRO E 223 10.76 10.21 46.60
C PRO E 223 10.61 10.82 45.21
N TRP E 224 11.59 10.53 44.36
CA TRP E 224 11.59 11.03 42.99
C TRP E 224 10.86 10.04 42.09
N GLU E 225 9.89 10.54 41.34
CA GLU E 225 9.11 9.75 40.40
C GLU E 225 9.34 10.25 38.98
N TRP E 226 9.25 9.35 38.02
CA TRP E 226 9.45 9.68 36.62
C TRP E 226 8.14 9.50 35.87
N GLY E 227 7.75 10.52 35.10
CA GLY E 227 6.53 10.44 34.32
C GLY E 227 6.37 11.56 33.32
N GLU E 228 5.65 11.32 32.23
CA GLU E 228 5.04 10.02 31.96
C GLU E 228 6.03 9.05 31.36
N LYS E 229 5.89 7.77 31.70
CA LYS E 229 6.83 6.74 31.28
C LYS E 229 6.60 6.36 29.82
N GLY E 230 7.44 5.47 29.31
CA GLY E 230 7.35 5.00 27.95
C GLY E 230 8.49 5.49 27.09
N ILE E 231 9.18 4.57 26.42
CA ILE E 231 10.29 4.94 25.53
C ILE E 231 9.64 5.23 24.18
N SER E 232 9.08 6.43 24.08
CA SER E 232 8.20 6.78 22.96
C SER E 232 8.55 8.18 22.48
N THR E 233 8.67 8.32 21.18
CA THR E 233 9.12 9.54 20.53
C THR E 233 7.95 10.35 20.01
N PRO E 234 8.13 11.66 19.81
CA PRO E 234 7.01 12.52 19.44
C PRO E 234 6.30 12.08 18.16
N ARG E 235 4.98 12.20 18.19
CA ARG E 235 4.13 11.93 17.02
C ARG E 235 3.17 13.09 16.83
N PRO E 236 3.67 14.28 16.50
CA PRO E 236 2.80 15.44 16.40
C PRO E 236 1.85 15.36 15.22
N LYS E 237 0.66 15.95 15.41
CA LYS E 237 -0.35 16.07 14.36
C LYS E 237 -1.03 17.42 14.50
N ILE E 238 -1.59 17.89 13.40
CA ILE E 238 -2.33 19.15 13.39
C ILE E 238 -3.82 18.84 13.57
N ILE E 239 -4.48 19.60 14.43
CA ILE E 239 -5.90 19.43 14.68
C ILE E 239 -6.73 20.65 14.31
N SER E 240 -6.09 21.79 14.02
CA SER E 240 -6.77 23.00 13.59
C SER E 240 -5.78 23.80 12.75
N PRO E 241 -6.21 24.45 11.67
CA PRO E 241 -7.59 24.53 11.17
C PRO E 241 -7.97 23.31 10.34
N VAL E 242 -7.04 22.37 10.17
CA VAL E 242 -7.31 21.10 9.52
C VAL E 242 -6.80 19.98 10.42
N SER E 243 -7.31 18.78 10.18
CA SER E 243 -6.92 17.59 10.93
C SER E 243 -6.07 16.69 10.03
N GLY E 244 -4.81 16.51 10.40
CA GLY E 244 -3.88 15.75 9.61
C GLY E 244 -3.34 14.53 10.33
N PRO E 245 -2.59 13.70 9.62
CA PRO E 245 -2.04 12.49 10.24
C PRO E 245 -0.82 12.78 11.10
N GLU E 246 -0.53 11.82 11.98
CA GLU E 246 0.63 11.94 12.84
C GLU E 246 1.91 11.93 12.03
N HIS E 247 2.96 12.57 12.57
CA HIS E 247 4.25 12.68 11.91
C HIS E 247 5.34 12.22 12.87
N PRO E 248 5.53 10.91 13.01
CA PRO E 248 6.54 10.38 13.93
C PRO E 248 7.97 10.44 13.41
N GLU E 249 8.22 11.17 12.33
CA GLU E 249 9.54 11.21 11.70
C GLU E 249 10.28 12.52 11.92
N LEU E 250 9.60 13.57 12.40
CA LEU E 250 10.25 14.86 12.56
C LEU E 250 11.27 14.84 13.70
N TRP E 251 10.96 14.10 14.77
CA TRP E 251 11.91 13.95 15.87
C TRP E 251 13.21 13.31 15.37
N ARG E 252 13.13 12.48 14.33
CA ARG E 252 14.34 11.88 13.77
C ARG E 252 15.24 12.95 13.18
N LEU E 253 14.65 13.95 12.53
CA LEU E 253 15.43 15.09 12.04
C LEU E 253 16.02 15.89 13.19
N THR E 254 15.21 16.15 14.22
CA THR E 254 15.72 16.98 15.31
C THR E 254 16.80 16.28 16.14
N VAL E 255 16.73 14.95 16.26
CA VAL E 255 17.65 14.23 17.14
C VAL E 255 19.06 14.17 16.56
N ALA E 256 19.21 14.28 15.24
CA ALA E 256 20.53 14.25 14.64
C ALA E 256 21.24 15.60 14.70
N SER E 257 20.52 16.68 15.01
CA SER E 257 21.15 18.00 15.03
C SER E 257 22.16 18.14 16.16
N HIS E 258 22.08 17.30 17.19
CA HIS E 258 23.06 17.27 18.26
C HIS E 258 23.38 15.83 18.61
N HIS E 259 24.48 15.63 19.33
CA HIS E 259 24.78 14.34 19.91
C HIS E 259 23.67 13.94 20.87
N ILE E 260 23.39 12.65 20.93
CA ILE E 260 22.59 12.13 22.03
C ILE E 260 23.52 11.78 23.17
N ARG E 261 23.04 11.95 24.40
CA ARG E 261 23.85 11.68 25.58
C ARG E 261 23.27 10.48 26.32
N ILE E 262 24.12 9.52 26.65
CA ILE E 262 23.70 8.29 27.31
C ILE E 262 24.09 8.37 28.77
N TRP E 263 23.10 8.38 29.65
CA TRP E 263 23.31 8.48 31.09
C TRP E 263 23.09 7.13 31.75
N SER E 264 23.79 6.92 32.87
CA SER E 264 23.49 5.83 33.78
C SER E 264 23.48 6.39 35.19
N GLY E 265 22.67 5.81 36.04
CA GLY E 265 22.54 6.35 37.38
C GLY E 265 21.72 5.48 38.29
N ASN E 266 21.21 6.10 39.34
CA ASN E 266 20.44 5.40 40.36
C ASN E 266 19.68 6.42 41.20
N GLN E 267 18.80 5.90 42.04
CA GLN E 267 18.19 6.66 43.12
C GLN E 267 18.51 5.93 44.44
N THR E 268 19.06 6.67 45.39
CA THR E 268 19.45 6.11 46.67
C THR E 268 18.71 6.82 47.80
N LEU E 269 18.65 6.14 48.94
CA LEU E 269 17.93 6.63 50.11
C LEU E 269 18.85 6.62 51.31
N GLU E 270 18.90 7.74 52.03
CA GLU E 270 19.68 7.85 53.26
C GLU E 270 18.81 8.50 54.34
N THR E 271 19.42 8.74 55.49
CA THR E 271 18.74 9.34 56.63
C THR E 271 19.27 10.75 56.87
N ARG E 272 18.36 11.71 56.95
CA ARG E 272 18.71 13.10 57.21
C ARG E 272 17.69 13.66 58.19
N ASP E 273 18.17 14.13 59.34
CA ASP E 273 17.31 14.63 60.42
C ASP E 273 16.25 13.60 60.80
N ARG E 274 16.67 12.33 60.86
CA ARG E 274 15.79 11.20 61.18
C ARG E 274 14.62 11.10 60.20
N LYS E 275 14.85 11.48 58.94
CA LYS E 275 13.84 11.40 57.90
C LYS E 275 14.43 10.78 56.65
N PRO E 276 13.62 10.09 55.85
CA PRO E 276 14.13 9.59 54.57
C PRO E 276 14.54 10.73 53.65
N PHE E 277 15.67 10.54 52.97
CA PHE E 277 16.21 11.53 52.04
C PHE E 277 16.57 10.81 50.75
N TYR E 278 15.97 11.23 49.64
CA TYR E 278 16.09 10.55 48.37
C TYR E 278 16.96 11.37 47.42
N THR E 279 17.94 10.72 46.81
CA THR E 279 18.88 11.36 45.90
C THR E 279 18.91 10.59 44.58
N VAL E 280 18.66 11.30 43.50
CA VAL E 280 18.84 10.75 42.15
C VAL E 280 20.19 11.22 41.65
N ASP E 281 21.07 10.27 41.32
CA ASP E 281 22.37 10.55 40.73
C ASP E 281 22.37 10.02 39.30
N LEU E 282 22.77 10.87 38.36
CA LEU E 282 22.93 10.48 36.98
C LEU E 282 24.30 10.95 36.50
N ASN E 283 24.98 10.12 35.73
CA ASN E 283 26.29 10.47 35.20
C ASN E 283 26.41 9.97 33.77
N SER E 284 27.17 10.70 32.98
CA SER E 284 27.39 10.34 31.58
C SER E 284 28.74 10.84 31.11
N SER E 285 29.50 9.95 30.48
CA SER E 285 30.68 10.32 29.71
C SER E 285 30.57 9.83 28.27
N LEU E 286 29.35 9.53 27.81
CA LEU E 286 29.12 8.89 26.51
C LEU E 286 28.12 9.72 25.72
N THR E 287 28.56 10.19 24.55
CA THR E 287 27.69 10.83 23.58
C THR E 287 27.85 10.12 22.24
N VAL E 288 26.75 10.07 21.49
CA VAL E 288 26.71 9.41 20.19
C VAL E 288 26.30 10.44 19.15
N PRO E 289 27.10 10.63 18.09
CA PRO E 289 26.68 11.49 16.98
C PRO E 289 25.83 10.71 15.99
N LEU E 290 24.82 11.40 15.44
CA LEU E 290 23.85 10.78 14.55
C LEU E 290 23.75 11.58 13.26
N GLN E 291 23.30 10.92 12.21
CA GLN E 291 23.01 11.56 10.94
C GLN E 291 21.65 11.08 10.45
N SER E 292 20.76 12.03 10.18
CA SER E 292 19.41 11.73 9.70
C SER E 292 19.23 12.34 8.32
N CYS E 293 18.75 11.53 7.38
CA CYS E 293 18.69 11.92 5.98
C CYS E 293 17.32 11.64 5.39
N VAL E 294 16.85 12.55 4.55
CA VAL E 294 15.73 12.29 3.66
C VAL E 294 16.31 11.99 2.29
N LYS E 295 15.49 11.38 1.44
CA LYS E 295 15.93 10.96 0.13
C LYS E 295 15.02 11.56 -0.94
N PRO E 296 15.54 11.74 -2.16
CA PRO E 296 14.71 12.27 -3.25
C PRO E 296 13.44 11.44 -3.42
N PRO E 297 12.31 12.09 -3.73
CA PRO E 297 12.16 13.50 -4.11
C PRO E 297 12.13 14.48 -2.93
N TYR E 298 12.35 14.02 -1.70
CA TYR E 298 12.30 14.89 -0.53
C TYR E 298 13.67 15.53 -0.26
N MET E 299 13.62 16.79 0.20
CA MET E 299 14.82 17.55 0.55
C MET E 299 14.47 18.47 1.72
N LEU E 300 15.48 19.20 2.20
CA LEU E 300 15.31 20.14 3.29
C LEU E 300 15.84 21.51 2.87
N VAL E 301 15.09 22.55 3.22
CA VAL E 301 15.49 23.93 3.01
C VAL E 301 15.85 24.50 4.36
N VAL E 302 17.11 24.88 4.55
CA VAL E 302 17.64 25.26 5.85
C VAL E 302 18.03 26.73 5.80
N GLY E 303 17.58 27.49 6.77
CA GLY E 303 17.95 28.89 6.86
C GLY E 303 16.82 29.71 7.48
N ASN E 304 16.74 30.96 7.05
CA ASN E 304 15.77 31.91 7.61
C ASN E 304 14.42 31.76 6.91
N ILE E 305 13.74 30.65 7.23
CA ILE E 305 12.41 30.41 6.70
C ILE E 305 11.43 31.36 7.37
N VAL E 306 10.69 32.11 6.56
CA VAL E 306 9.66 33.02 7.03
C VAL E 306 8.32 32.54 6.48
N ILE E 307 7.39 32.24 7.38
CA ILE E 307 6.06 31.77 7.04
C ILE E 307 5.07 32.88 7.36
N LYS E 308 4.39 33.39 6.34
CA LYS E 308 3.35 34.39 6.50
C LYS E 308 2.00 33.72 6.30
N PRO E 309 1.20 33.55 7.35
CA PRO E 309 -0.06 32.81 7.20
C PRO E 309 -1.20 33.62 6.60
N ASP E 310 -1.16 34.95 6.69
CA ASP E 310 -2.25 35.75 6.13
C ASP E 310 -2.31 35.66 4.61
N SER E 311 -1.20 35.33 3.96
CA SER E 311 -1.19 35.07 2.53
C SER E 311 -0.73 33.65 2.19
N GLN E 312 -0.39 32.86 3.21
CA GLN E 312 0.11 31.50 3.04
C GLN E 312 1.33 31.48 2.12
N THR E 313 2.37 32.18 2.57
CA THR E 313 3.60 32.33 1.80
C THR E 313 4.79 31.86 2.62
N ILE E 314 5.71 31.17 1.96
CA ILE E 314 6.99 30.78 2.55
C ILE E 314 8.09 31.47 1.76
N THR E 315 8.94 32.22 2.45
CA THR E 315 10.04 32.93 1.80
C THR E 315 11.32 32.66 2.57
N CYS E 316 12.43 32.64 1.84
CA CYS E 316 13.75 32.58 2.46
C CYS E 316 14.77 33.16 1.52
N GLU E 317 15.65 34.00 2.06
CA GLU E 317 16.76 34.56 1.31
C GLU E 317 18.03 33.79 1.67
N ASN E 318 18.70 33.24 0.65
CA ASN E 318 19.97 32.55 0.82
C ASN E 318 19.84 31.34 1.74
N CYS E 319 18.77 30.56 1.56
CA CYS E 319 18.68 29.27 2.23
C CYS E 319 19.63 28.28 1.57
N ARG E 320 19.83 27.15 2.24
CA ARG E 320 20.65 26.06 1.73
C ARG E 320 19.77 24.83 1.50
N LEU E 321 20.05 24.10 0.44
CA LEU E 321 19.37 22.85 0.17
C LEU E 321 20.22 21.70 0.71
N LEU E 322 19.65 20.92 1.61
CA LEU E 322 20.33 19.78 2.21
C LEU E 322 19.44 18.55 2.09
N THR E 323 20.03 17.39 2.38
CA THR E 323 19.27 16.16 2.57
C THR E 323 19.55 15.50 3.90
N CYS E 324 20.61 15.89 4.61
CA CYS E 324 21.01 15.26 5.85
C CYS E 324 21.24 16.30 6.93
N ILE E 325 20.94 15.90 8.16
CA ILE E 325 21.18 16.70 9.36
C ILE E 325 22.17 15.94 10.22
N ASP E 326 23.20 16.65 10.70
CA ASP E 326 24.18 16.06 11.61
C ASP E 326 24.43 17.03 12.76
N SER E 327 25.37 16.67 13.63
CA SER E 327 25.58 17.38 14.89
C SER E 327 26.14 18.79 14.70
N THR E 328 26.62 19.13 13.51
CA THR E 328 27.11 20.48 13.23
C THR E 328 26.00 21.44 12.83
N PHE E 329 24.75 20.99 12.87
CA PHE E 329 23.64 21.87 12.52
C PHE E 329 23.55 23.03 13.51
N ASN E 330 23.31 24.22 12.98
CA ASN E 330 23.17 25.43 13.78
C ASN E 330 21.68 25.76 13.91
N TRP E 331 21.18 25.77 15.13
CA TRP E 331 19.76 26.01 15.38
C TRP E 331 19.38 27.48 15.28
N GLN E 332 20.30 28.35 14.82
CA GLN E 332 19.88 29.66 14.35
C GLN E 332 19.08 29.55 13.05
N HIS E 333 19.23 28.45 12.33
CA HIS E 333 18.50 28.20 11.10
C HIS E 333 17.31 27.29 11.37
N ARG E 334 16.28 27.45 10.56
CA ARG E 334 15.11 26.59 10.56
C ARG E 334 15.19 25.59 9.42
N ILE E 335 14.42 24.51 9.55
CA ILE E 335 14.37 23.45 8.55
C ILE E 335 12.95 23.37 8.01
N LEU E 336 12.82 23.42 6.69
CA LEU E 336 11.55 23.25 6.01
C LEU E 336 11.63 21.97 5.16
N LEU E 337 10.72 21.03 5.41
CA LEU E 337 10.65 19.84 4.60
C LEU E 337 10.03 20.19 3.25
N VAL E 338 10.66 19.75 2.17
CA VAL E 338 10.17 20.03 0.82
C VAL E 338 10.24 18.76 -0.01
N ARG E 339 9.50 18.78 -1.12
CA ARG E 339 9.48 17.67 -2.06
C ARG E 339 9.47 18.23 -3.47
N ALA E 340 10.05 17.47 -4.40
CA ALA E 340 10.03 17.86 -5.80
C ALA E 340 8.60 18.07 -6.28
N ARG E 341 8.38 19.18 -6.98
CA ARG E 341 7.03 19.57 -7.37
C ARG E 341 6.51 18.67 -8.49
N GLU E 342 5.21 18.36 -8.42
CA GLU E 342 4.53 17.65 -9.49
C GLU E 342 4.48 18.51 -10.76
N GLY E 343 3.94 17.95 -11.83
CA GLY E 343 3.90 18.67 -13.08
C GLY E 343 3.11 19.96 -12.98
N VAL E 344 3.53 20.97 -13.74
CA VAL E 344 2.91 22.28 -13.71
C VAL E 344 2.47 22.66 -15.12
N TRP E 345 1.62 23.68 -15.20
CA TRP E 345 1.10 24.20 -16.46
C TRP E 345 1.57 25.64 -16.63
N ILE E 346 2.14 25.94 -17.80
CA ILE E 346 2.74 27.24 -18.01
C ILE E 346 2.58 27.69 -19.45
N PRO E 347 2.24 28.95 -19.71
CA PRO E 347 2.28 29.46 -21.08
C PRO E 347 3.72 29.56 -21.58
N VAL E 348 3.90 29.23 -22.86
CA VAL E 348 5.20 29.32 -23.52
C VAL E 348 4.99 29.96 -24.88
N SER E 349 5.91 30.83 -25.29
CA SER E 349 5.78 31.56 -26.54
C SER E 349 6.70 30.94 -27.59
N MET E 350 6.13 30.64 -28.75
CA MET E 350 6.85 30.17 -29.93
C MET E 350 6.79 31.24 -31.01
N ASP E 351 7.65 31.06 -32.02
CA ASP E 351 7.69 31.94 -33.18
C ASP E 351 6.97 31.37 -34.39
N ARG E 352 6.19 30.30 -34.20
CA ARG E 352 5.46 29.66 -35.27
C ARG E 352 4.25 28.97 -34.67
N PRO E 353 3.21 28.69 -35.48
CA PRO E 353 2.04 27.99 -34.96
C PRO E 353 2.37 26.56 -34.56
N TRP E 354 1.53 26.03 -33.66
CA TRP E 354 1.65 24.65 -33.19
C TRP E 354 1.55 23.68 -34.36
N GLU E 355 2.39 22.65 -34.34
CA GLU E 355 2.41 21.63 -35.38
C GLU E 355 2.38 20.24 -34.75
N ALA E 356 1.55 19.36 -35.30
CA ALA E 356 1.44 18.00 -34.80
C ALA E 356 2.64 17.15 -35.21
N SER E 357 3.09 17.28 -36.46
CA SER E 357 4.13 16.44 -37.01
C SER E 357 4.98 17.28 -37.95
N PRO E 358 6.21 16.86 -38.24
CA PRO E 358 7.06 17.61 -39.18
C PRO E 358 6.77 17.29 -40.63
N SER E 359 5.62 16.69 -40.93
CA SER E 359 5.33 16.22 -42.28
C SER E 359 5.38 17.35 -43.30
N ILE E 360 4.82 18.51 -42.96
CA ILE E 360 4.89 19.65 -43.86
C ILE E 360 6.35 20.09 -44.05
N HIS E 361 7.13 20.10 -42.97
CA HIS E 361 8.54 20.46 -43.08
C HIS E 361 9.29 19.48 -43.98
N ILE E 362 9.03 18.18 -43.82
CA ILE E 362 9.70 17.19 -44.64
C ILE E 362 9.31 17.34 -46.10
N LEU E 363 8.03 17.58 -46.37
CA LEU E 363 7.58 17.79 -47.75
C LEU E 363 8.22 19.03 -48.35
N THR E 364 8.33 20.11 -47.57
CA THR E 364 8.97 21.32 -48.06
C THR E 364 10.45 21.08 -48.37
N GLU E 365 11.15 20.36 -47.49
CA GLU E 365 12.55 20.05 -47.73
C GLU E 365 12.71 19.19 -48.99
N VAL E 366 11.83 18.20 -49.17
CA VAL E 366 11.89 17.35 -50.36
C VAL E 366 11.66 18.17 -51.62
N LEU E 367 10.66 19.07 -51.59
CA LEU E 367 10.38 19.91 -52.75
C LEU E 367 11.56 20.83 -53.06
N LYS E 368 12.17 21.40 -52.01
CA LYS E 368 13.33 22.26 -52.22
C LYS E 368 14.51 21.47 -52.79
N GLY E 369 14.66 20.21 -52.38
CA GLY E 369 15.72 19.39 -52.95
C GLY E 369 15.56 19.17 -54.44
N VAL E 370 14.31 19.05 -54.89
CA VAL E 370 14.03 18.87 -56.32
C VAL E 370 14.30 20.18 -57.07
N ALA F 10 24.71 -1.03 -44.70
CA ALA F 10 25.72 -1.59 -43.80
C ALA F 10 25.07 -2.13 -42.53
N ASN F 11 25.75 -1.97 -41.41
CA ASN F 11 25.28 -2.42 -40.11
C ASN F 11 25.27 -1.24 -39.15
N TYR F 12 24.16 -1.06 -38.43
CA TYR F 12 24.01 0.03 -37.48
C TYR F 12 23.47 -0.54 -36.18
N THR F 13 24.24 -0.43 -35.10
CA THR F 13 23.85 -0.98 -33.81
C THR F 13 23.31 0.13 -32.93
N TYR F 14 22.12 -0.09 -32.36
CA TYR F 14 21.46 0.88 -31.51
C TYR F 14 21.07 0.24 -30.18
N TRP F 15 21.05 1.06 -29.14
CA TRP F 15 20.52 0.60 -27.86
C TRP F 15 19.01 0.45 -27.96
N ALA F 16 18.50 -0.65 -27.42
CA ALA F 16 17.07 -0.92 -27.39
C ALA F 16 16.67 -1.29 -25.97
N TYR F 17 15.45 -0.93 -25.62
CA TYR F 17 14.86 -1.26 -24.33
C TYR F 17 13.79 -2.31 -24.52
N VAL F 18 13.92 -3.42 -23.80
CA VAL F 18 12.94 -4.51 -23.82
C VAL F 18 12.15 -4.44 -22.52
N PRO F 19 10.92 -3.93 -22.55
CA PRO F 19 10.17 -3.74 -21.29
C PRO F 19 9.80 -5.04 -20.59
N PHE F 20 9.45 -6.08 -21.34
CA PHE F 20 9.00 -7.34 -20.78
C PHE F 20 9.85 -8.47 -21.35
N PRO F 21 11.10 -8.59 -20.89
CA PRO F 21 11.97 -9.63 -21.43
C PRO F 21 11.61 -10.97 -20.86
N PRO F 22 11.84 -12.05 -21.59
CA PRO F 22 11.56 -13.40 -21.07
C PRO F 22 12.59 -13.89 -20.05
N LEU F 23 13.37 -13.00 -19.47
CA LEU F 23 14.37 -13.36 -18.47
C LEU F 23 13.72 -13.51 -17.10
N ILE F 24 14.50 -14.05 -16.16
CA ILE F 24 14.10 -14.14 -14.76
C ILE F 24 15.25 -13.66 -13.90
N ARG F 25 14.90 -13.23 -12.70
CA ARG F 25 15.89 -12.84 -11.70
C ARG F 25 15.53 -13.51 -10.38
N ALA F 26 16.56 -13.81 -9.60
CA ALA F 26 16.35 -14.46 -8.31
C ALA F 26 15.63 -13.53 -7.34
N VAL F 27 14.67 -14.07 -6.61
CA VAL F 27 14.14 -13.37 -5.45
C VAL F 27 15.18 -13.42 -4.34
N THR F 28 15.49 -12.27 -3.77
CA THR F 28 16.56 -12.15 -2.79
C THR F 28 15.99 -11.96 -1.39
N TRP F 29 16.87 -12.11 -0.40
CA TRP F 29 16.50 -11.87 0.99
C TRP F 29 16.20 -10.41 1.27
N MET F 30 16.59 -9.50 0.37
CA MET F 30 16.24 -8.09 0.50
C MET F 30 14.84 -7.79 -0.03
N ASP F 31 14.22 -8.71 -0.76
CA ASP F 31 12.84 -8.54 -1.17
C ASP F 31 11.91 -8.61 0.03
N ASN F 32 10.77 -7.95 -0.09
CA ASN F 32 9.71 -8.13 0.89
C ASN F 32 8.97 -9.44 0.60
N PRO F 33 8.27 -9.99 1.60
CA PRO F 33 7.69 -11.34 1.42
C PRO F 33 6.76 -11.42 0.22
N ILE F 34 6.83 -12.54 -0.48
CA ILE F 34 5.97 -12.80 -1.63
C ILE F 34 4.82 -13.70 -1.20
N GLU F 35 3.83 -13.83 -2.06
CA GLU F 35 2.63 -14.60 -1.76
C GLU F 35 2.82 -16.06 -2.14
N VAL F 36 2.59 -16.95 -1.18
CA VAL F 36 2.52 -18.38 -1.43
C VAL F 36 1.13 -18.85 -1.04
N TYR F 37 0.44 -19.50 -1.96
CA TYR F 37 -0.95 -19.88 -1.78
C TYR F 37 -1.05 -21.38 -1.51
N VAL F 38 -1.69 -21.73 -0.40
CA VAL F 38 -1.89 -23.13 -0.02
C VAL F 38 -3.36 -23.46 -0.23
N ASN F 39 -3.62 -24.71 -0.59
CA ASN F 39 -4.95 -25.14 -1.00
C ASN F 39 -5.79 -25.70 0.13
N ASP F 40 -5.31 -25.67 1.38
CA ASP F 40 -6.04 -26.23 2.52
C ASP F 40 -6.02 -25.22 3.66
N SER F 41 -7.13 -24.50 3.84
CA SER F 41 -7.26 -23.54 4.92
C SER F 41 -7.58 -24.20 6.26
N VAL F 42 -7.89 -25.49 6.26
CA VAL F 42 -8.19 -26.19 7.52
C VAL F 42 -6.94 -26.24 8.39
N TRP F 43 -5.78 -26.51 7.81
CA TRP F 43 -4.56 -26.69 8.57
C TRP F 43 -3.50 -25.61 8.33
N VAL F 44 -3.61 -24.83 7.27
CA VAL F 44 -2.60 -23.82 6.94
C VAL F 44 -3.28 -22.46 6.81
N PRO F 45 -2.71 -21.41 7.38
CA PRO F 45 -3.30 -20.07 7.21
C PRO F 45 -3.20 -19.58 5.77
N GLY F 46 -3.84 -18.44 5.52
CA GLY F 46 -3.91 -17.89 4.19
C GLY F 46 -2.60 -17.30 3.74
N PRO F 47 -2.55 -16.86 2.48
CA PRO F 47 -3.63 -16.84 1.49
C PRO F 47 -3.93 -18.23 0.93
N ILE F 48 -5.17 -18.46 0.48
CA ILE F 48 -5.65 -19.78 0.09
C ILE F 48 -6.02 -19.77 -1.38
N ASP F 49 -5.67 -20.86 -2.07
CA ASP F 49 -6.08 -21.05 -3.46
C ASP F 49 -6.03 -22.55 -3.74
N ASP F 50 -7.19 -23.17 -3.94
CA ASP F 50 -7.26 -24.59 -4.22
C ASP F 50 -7.19 -24.93 -5.70
N ARG F 51 -7.05 -23.93 -6.57
CA ARG F 51 -7.00 -24.19 -7.99
C ARG F 51 -5.67 -24.83 -8.39
N CYS F 52 -5.73 -25.64 -9.44
CA CYS F 52 -4.53 -26.14 -10.08
C CYS F 52 -3.85 -25.00 -10.85
N PRO F 53 -2.59 -25.16 -11.21
CA PRO F 53 -1.92 -24.13 -12.01
C PRO F 53 -2.69 -23.83 -13.29
N ALA F 54 -2.69 -22.56 -13.68
CA ALA F 54 -3.42 -22.14 -14.88
C ALA F 54 -2.96 -22.91 -16.11
N LYS F 55 -1.68 -23.29 -16.16
CA LYS F 55 -1.12 -24.06 -17.26
C LYS F 55 -0.44 -25.29 -16.67
N PRO F 56 -1.22 -26.30 -16.27
CA PRO F 56 -0.60 -27.51 -15.70
C PRO F 56 0.32 -28.23 -16.67
N GLU F 57 0.06 -28.12 -17.98
CA GLU F 57 0.89 -28.78 -18.98
C GLU F 57 2.28 -28.17 -19.07
N GLU F 58 2.46 -26.93 -18.63
CA GLU F 58 3.76 -26.27 -18.72
C GLU F 58 4.64 -26.52 -17.51
N GLU F 59 4.08 -27.03 -16.42
CA GLU F 59 4.87 -27.30 -15.22
C GLU F 59 5.93 -28.36 -15.51
N GLY F 60 7.15 -28.09 -15.08
CA GLY F 60 8.25 -29.02 -15.24
C GLY F 60 9.11 -28.81 -16.47
N MET F 61 8.90 -27.75 -17.22
CA MET F 61 9.71 -27.49 -18.41
C MET F 61 11.16 -27.24 -18.02
N MET F 62 12.07 -27.87 -18.75
CA MET F 62 13.50 -27.78 -18.45
C MET F 62 14.07 -26.45 -18.91
N ILE F 63 15.14 -26.04 -18.23
CA ILE F 63 15.81 -24.78 -18.53
C ILE F 63 17.20 -24.82 -17.90
N ASN F 64 18.18 -24.23 -18.60
CA ASN F 64 19.48 -23.94 -18.05
C ASN F 64 19.50 -22.51 -17.54
N ILE F 65 20.00 -22.32 -16.31
CA ILE F 65 20.02 -21.03 -15.64
C ILE F 65 21.46 -20.60 -15.43
N SER F 66 21.77 -19.35 -15.79
CA SER F 66 23.06 -18.75 -15.47
C SER F 66 22.82 -17.24 -15.28
N ILE F 67 22.67 -16.83 -14.02
CA ILE F 67 22.32 -15.46 -13.70
C ILE F 67 23.26 -14.94 -12.62
N GLY F 68 23.26 -13.62 -12.45
CA GLY F 68 23.90 -12.98 -11.32
C GLY F 68 22.88 -12.46 -10.32
N TYR F 69 23.40 -11.88 -9.24
CA TYR F 69 22.53 -11.28 -8.23
C TYR F 69 23.32 -10.23 -7.45
N ARG F 70 22.57 -9.32 -6.82
CA ARG F 70 23.16 -8.32 -5.94
C ARG F 70 23.04 -8.69 -4.46
N TYR F 71 21.94 -9.30 -4.07
CA TYR F 71 21.71 -9.72 -2.69
C TYR F 71 21.50 -11.22 -2.64
N PRO F 72 21.83 -11.87 -1.51
CA PRO F 72 21.78 -13.34 -1.44
C PRO F 72 20.42 -13.87 -1.86
N PRO F 73 20.39 -14.78 -2.84
CA PRO F 73 19.11 -15.31 -3.31
C PRO F 73 18.45 -16.18 -2.26
N ILE F 74 17.13 -16.27 -2.35
CA ILE F 74 16.35 -17.13 -1.47
C ILE F 74 16.30 -18.51 -2.13
N CYS F 75 16.97 -19.48 -1.51
CA CYS F 75 17.01 -20.85 -1.99
C CYS F 75 16.71 -21.80 -0.83
N LEU F 76 15.95 -22.84 -1.12
CA LEU F 76 15.65 -23.90 -0.15
C LEU F 76 16.19 -25.22 -0.67
N GLY F 77 16.73 -26.01 0.24
CA GLY F 77 17.27 -27.31 -0.10
C GLY F 77 18.58 -27.55 0.62
N ARG F 78 19.23 -28.66 0.27
CA ARG F 78 20.48 -29.07 0.90
C ARG F 78 21.63 -28.77 -0.06
N ALA F 79 22.10 -27.53 -0.01
CA ALA F 79 23.21 -27.06 -0.83
C ALA F 79 23.71 -25.75 -0.25
N PRO F 80 24.97 -25.39 -0.49
CA PRO F 80 25.48 -24.10 -0.02
C PRO F 80 24.64 -22.95 -0.56
N GLY F 81 24.29 -22.02 0.33
CA GLY F 81 23.42 -20.91 -0.03
C GLY F 81 21.94 -21.22 0.01
N CYS F 82 21.55 -22.43 0.39
CA CYS F 82 20.15 -22.80 0.46
C CYS F 82 19.81 -23.27 1.87
N LEU F 83 18.60 -22.94 2.33
CA LEU F 83 18.15 -23.30 3.67
C LEU F 83 17.68 -24.75 3.67
N MET F 84 18.31 -25.58 4.50
CA MET F 84 17.95 -26.98 4.56
C MET F 84 16.61 -27.16 5.27
N PRO F 85 15.79 -28.11 4.83
CA PRO F 85 14.53 -28.38 5.50
C PRO F 85 14.63 -29.51 6.52
N ALA F 86 13.72 -29.44 7.50
CA ALA F 86 13.57 -30.47 8.53
C ALA F 86 12.18 -30.35 9.11
N VAL F 87 11.75 -31.40 9.83
CA VAL F 87 10.43 -31.39 10.42
C VAL F 87 10.39 -30.45 11.61
N GLN F 88 9.35 -29.63 11.68
CA GLN F 88 9.02 -28.82 12.84
C GLN F 88 7.70 -29.30 13.42
N ASN F 89 7.62 -29.32 14.75
CA ASN F 89 6.45 -29.79 15.47
C ASN F 89 5.81 -28.64 16.23
N TRP F 90 4.51 -28.44 16.01
CA TRP F 90 3.71 -27.48 16.78
C TRP F 90 2.76 -28.28 17.66
N LEU F 91 2.84 -28.05 18.97
CA LEU F 91 2.11 -28.83 19.96
C LEU F 91 1.13 -27.94 20.71
N VAL F 92 -0.12 -28.39 20.79
CA VAL F 92 -1.15 -27.76 21.60
C VAL F 92 -1.42 -28.66 22.79
N GLU F 93 -1.35 -28.08 23.99
CA GLU F 93 -1.46 -28.81 25.24
C GLU F 93 -2.67 -28.33 26.03
N VAL F 94 -3.51 -29.27 26.44
CA VAL F 94 -4.70 -28.99 27.24
C VAL F 94 -4.51 -29.63 28.60
N PRO F 95 -4.43 -28.86 29.69
CA PRO F 95 -4.28 -29.48 31.01
C PRO F 95 -5.51 -30.29 31.37
N THR F 96 -5.28 -31.37 32.11
CA THR F 96 -6.33 -32.28 32.54
C THR F 96 -6.40 -32.31 34.06
N VAL F 97 -7.63 -32.32 34.58
CA VAL F 97 -7.84 -32.32 36.03
C VAL F 97 -7.58 -33.69 36.66
N SER F 98 -7.42 -34.73 35.85
CA SER F 98 -7.19 -36.07 36.41
C SER F 98 -5.84 -36.13 37.11
N PRO F 99 -5.75 -36.84 38.23
CA PRO F 99 -4.46 -36.92 38.95
C PRO F 99 -3.42 -37.78 38.25
N ILE F 100 -3.82 -38.65 37.32
CA ILE F 100 -2.89 -39.53 36.63
C ILE F 100 -2.55 -39.03 35.23
N SER F 101 -3.10 -37.89 34.81
CA SER F 101 -2.83 -37.31 33.50
C SER F 101 -2.41 -35.87 33.68
N ARG F 102 -1.39 -35.45 32.93
CA ARG F 102 -0.91 -34.07 32.98
C ARG F 102 -1.51 -33.23 31.86
N PHE F 103 -1.50 -33.74 30.63
CA PHE F 103 -1.96 -32.97 29.49
C PHE F 103 -2.56 -33.91 28.45
N THR F 104 -3.40 -33.33 27.61
CA THR F 104 -3.78 -33.93 26.32
C THR F 104 -3.14 -33.12 25.21
N TYR F 105 -2.74 -33.82 24.15
CA TYR F 105 -1.87 -33.26 23.13
C TYR F 105 -2.54 -33.25 21.78
N HIS F 106 -2.24 -32.21 21.00
CA HIS F 106 -2.57 -32.16 19.57
C HIS F 106 -1.36 -31.61 18.85
N MET F 107 -0.70 -32.44 18.04
CA MET F 107 0.55 -32.05 17.43
C MET F 107 0.43 -32.06 15.91
N VAL F 108 1.11 -31.11 15.28
CA VAL F 108 1.22 -31.04 13.83
C VAL F 108 2.69 -31.05 13.46
N SER F 109 3.08 -31.97 12.58
CA SER F 109 4.44 -32.08 12.09
C SER F 109 4.47 -31.65 10.63
N GLY F 110 5.33 -30.69 10.32
CA GLY F 110 5.41 -30.17 8.96
C GLY F 110 6.83 -29.83 8.59
N MET F 111 7.14 -30.03 7.31
CA MET F 111 8.47 -29.71 6.81
C MET F 111 8.66 -28.20 6.76
N SER F 112 9.71 -27.72 7.41
CA SER F 112 9.98 -26.30 7.55
C SER F 112 11.50 -26.10 7.58
N LEU F 113 11.95 -24.95 8.04
CA LEU F 113 13.35 -24.56 7.92
C LEU F 113 14.15 -25.12 9.10
N ARG F 114 15.21 -25.85 8.78
CA ARG F 114 16.03 -26.51 9.79
C ARG F 114 16.98 -25.51 10.43
N PRO F 115 17.01 -25.41 11.76
CA PRO F 115 18.03 -24.60 12.41
C PRO F 115 19.37 -25.31 12.48
N ARG F 116 20.44 -24.52 12.50
CA ARG F 116 21.78 -25.05 12.70
C ARG F 116 21.91 -25.59 14.11
N VAL F 117 22.81 -26.56 14.28
CA VAL F 117 22.96 -27.25 15.56
C VAL F 117 24.35 -26.95 16.13
N ASN F 118 24.42 -26.91 17.45
CA ASN F 118 25.68 -26.77 18.17
C ASN F 118 26.22 -28.16 18.47
N TYR F 119 27.16 -28.62 17.65
CA TYR F 119 27.72 -29.96 17.85
C TYR F 119 28.47 -30.05 19.17
N LEU F 120 29.13 -28.97 19.60
CA LEU F 120 29.83 -28.98 20.88
C LEU F 120 28.87 -28.86 22.05
N GLN F 121 27.82 -28.05 21.91
CA GLN F 121 26.92 -27.74 23.03
C GLN F 121 25.74 -28.71 23.07
N ASP F 122 26.07 -30.00 23.14
CA ASP F 122 25.10 -31.06 23.37
C ASP F 122 23.98 -31.07 22.33
N PHE F 123 24.35 -30.80 21.08
CA PHE F 123 23.43 -30.93 19.93
C PHE F 123 22.17 -30.10 20.11
N SER F 124 22.32 -28.90 20.65
CA SER F 124 21.20 -27.97 20.76
C SER F 124 21.14 -27.13 19.48
N TYR F 125 20.31 -26.08 19.49
CA TYR F 125 20.19 -25.20 18.34
C TYR F 125 21.15 -24.02 18.48
N GLN F 126 21.81 -23.67 17.38
CA GLN F 126 22.56 -22.42 17.34
C GLN F 126 21.59 -21.26 17.46
N ARG F 127 21.89 -20.32 18.35
CA ARG F 127 20.95 -19.26 18.69
C ARG F 127 21.63 -17.91 18.65
N SER F 128 20.86 -16.90 18.25
CA SER F 128 21.32 -15.52 18.14
C SER F 128 20.32 -14.58 18.81
N LEU F 129 20.84 -13.60 19.53
CA LEU F 129 20.01 -12.61 20.22
C LEU F 129 19.95 -11.29 19.47
N LYS F 130 20.47 -11.22 18.25
CA LYS F 130 20.60 -9.96 17.54
C LYS F 130 19.30 -9.56 16.86
N PHE F 131 19.00 -8.26 16.90
CA PHE F 131 17.89 -7.65 16.16
C PHE F 131 16.55 -8.31 16.51
N ARG F 132 16.23 -8.27 17.80
CA ARG F 132 14.96 -8.83 18.26
C ARG F 132 13.80 -8.02 17.71
N PRO F 133 12.87 -8.63 17.00
CA PRO F 133 11.77 -7.85 16.41
C PRO F 133 10.68 -7.54 17.41
N LYS F 134 9.97 -6.45 17.14
CA LYS F 134 8.79 -6.11 17.93
C LYS F 134 7.68 -7.13 17.67
N GLY F 135 6.96 -7.47 18.73
CA GLY F 135 5.85 -8.39 18.60
C GLY F 135 5.51 -9.04 19.92
N LYS F 136 4.40 -9.76 19.91
CA LYS F 136 3.96 -10.47 21.11
C LYS F 136 4.93 -11.59 21.44
N PRO F 137 5.49 -11.63 22.65
CA PRO F 137 6.39 -12.73 23.00
C PRO F 137 5.65 -14.06 23.03
N CYS F 138 6.37 -15.12 22.69
CA CYS F 138 5.78 -16.45 22.71
C CYS F 138 5.43 -16.83 24.16
N PRO F 139 4.31 -17.49 24.38
CA PRO F 139 3.87 -17.76 25.76
C PRO F 139 4.80 -18.72 26.46
N LYS F 140 4.94 -18.51 27.78
CA LYS F 140 5.72 -19.41 28.63
C LYS F 140 4.85 -20.29 29.51
N GLU F 141 3.59 -19.93 29.72
CA GLU F 141 2.67 -20.70 30.53
C GLU F 141 1.67 -21.44 29.63
N ILE F 142 0.78 -22.20 30.26
CA ILE F 142 -0.22 -23.00 29.57
C ILE F 142 -1.58 -22.36 29.83
N PRO F 143 -2.29 -21.92 28.78
CA PRO F 143 -3.64 -21.37 28.99
C PRO F 143 -4.59 -22.46 29.48
N LYS F 144 -5.21 -22.22 30.65
CA LYS F 144 -6.09 -23.21 31.24
C LYS F 144 -7.33 -23.45 30.39
N GLU F 145 -7.91 -22.38 29.84
CA GLU F 145 -9.11 -22.48 29.00
C GLU F 145 -8.68 -22.61 27.55
N SER F 146 -8.46 -23.85 27.11
CA SER F 146 -8.04 -24.13 25.74
C SER F 146 -9.26 -24.54 24.93
N LYS F 147 -10.07 -23.55 24.58
CA LYS F 147 -11.25 -23.79 23.77
C LYS F 147 -10.86 -23.99 22.30
N ASN F 148 -11.77 -24.62 21.56
CA ASN F 148 -11.56 -24.92 20.14
C ASN F 148 -10.26 -25.72 19.94
N THR F 149 -10.16 -26.83 20.68
CA THR F 149 -8.94 -27.64 20.65
C THR F 149 -8.71 -28.26 19.28
N GLU F 150 -9.78 -28.71 18.62
CA GLU F 150 -9.62 -29.36 17.32
C GLU F 150 -9.12 -28.40 16.26
N VAL F 151 -9.56 -27.14 16.29
CA VAL F 151 -9.19 -26.15 15.29
C VAL F 151 -7.87 -25.53 15.70
N LEU F 152 -6.85 -25.72 14.87
CA LEU F 152 -5.53 -25.16 15.14
C LEU F 152 -5.50 -23.68 14.78
N VAL F 153 -5.00 -22.86 15.69
CA VAL F 153 -4.92 -21.41 15.50
C VAL F 153 -3.45 -21.04 15.42
N TRP F 154 -3.02 -20.55 14.25
CA TRP F 154 -1.64 -20.12 14.06
C TRP F 154 -1.50 -18.67 14.48
N GLU F 155 -0.72 -18.41 15.51
CA GLU F 155 -0.50 -17.07 16.02
C GLU F 155 0.99 -16.75 15.99
N GLU F 156 1.35 -15.65 15.34
CA GLU F 156 2.73 -15.21 15.28
C GLU F 156 3.21 -14.75 16.65
N CYS F 157 4.41 -15.18 17.04
CA CYS F 157 4.97 -14.77 18.32
C CYS F 157 6.49 -14.69 18.20
N VAL F 158 7.09 -13.93 19.11
CA VAL F 158 8.53 -13.67 19.11
C VAL F 158 9.17 -14.56 20.17
N ALA F 159 10.11 -15.39 19.73
CA ALA F 159 10.76 -16.33 20.63
C ALA F 159 11.71 -15.61 21.58
N ASN F 160 12.11 -16.31 22.64
CA ASN F 160 13.04 -15.75 23.60
C ASN F 160 14.38 -15.41 22.93
N SER F 161 14.85 -16.30 22.06
CA SER F 161 16.01 -16.04 21.22
C SER F 161 15.75 -16.63 19.84
N ALA F 162 16.42 -16.09 18.84
CA ALA F 162 16.28 -16.57 17.48
C ALA F 162 17.16 -17.79 17.24
N VAL F 163 16.75 -18.63 16.30
CA VAL F 163 17.55 -19.76 15.85
C VAL F 163 18.30 -19.37 14.58
N ILE F 164 19.55 -19.77 14.49
CA ILE F 164 20.36 -19.50 13.31
C ILE F 164 20.10 -20.59 12.28
N LEU F 165 19.75 -20.19 11.05
CA LEU F 165 19.57 -21.14 9.96
C LEU F 165 20.77 -21.21 9.04
N GLN F 166 21.62 -20.18 9.02
CA GLN F 166 22.76 -20.12 8.14
C GLN F 166 23.70 -19.03 8.66
N ASN F 167 24.96 -19.39 8.89
CA ASN F 167 25.95 -18.45 9.41
C ASN F 167 27.28 -18.60 8.68
N ASN F 168 27.23 -18.59 7.35
CA ASN F 168 28.44 -18.78 6.56
C ASN F 168 28.65 -17.63 5.58
N GLU F 169 29.57 -17.81 4.63
CA GLU F 169 29.90 -16.75 3.67
C GLU F 169 28.74 -16.41 2.74
N PHE F 170 27.70 -17.23 2.69
CA PHE F 170 26.50 -16.88 1.93
C PHE F 170 25.60 -15.91 2.67
N GLY F 171 25.88 -15.62 3.93
CA GLY F 171 25.08 -14.73 4.73
C GLY F 171 24.65 -15.35 6.04
N THR F 172 24.19 -14.49 6.93
CA THR F 172 23.68 -14.90 8.24
C THR F 172 22.17 -14.71 8.25
N ILE F 173 21.44 -15.81 8.43
CA ILE F 173 19.99 -15.80 8.46
C ILE F 173 19.54 -16.31 9.83
N ILE F 174 18.70 -15.53 10.50
CA ILE F 174 18.18 -15.89 11.80
C ILE F 174 16.65 -15.90 11.73
N ASP F 175 16.05 -16.60 12.68
CA ASP F 175 14.61 -16.82 12.71
C ASP F 175 14.13 -16.64 14.14
N TRP F 176 13.38 -15.57 14.39
CA TRP F 176 12.87 -15.28 15.71
C TRP F 176 11.55 -15.99 16.02
N ALA F 177 11.07 -16.83 15.11
CA ALA F 177 9.95 -17.68 15.42
C ALA F 177 10.40 -18.84 16.32
N PRO F 178 9.53 -19.32 17.20
CA PRO F 178 9.95 -20.36 18.15
C PRO F 178 10.11 -21.72 17.49
N ARG F 179 10.90 -22.56 18.14
CA ARG F 179 11.06 -23.97 17.78
C ARG F 179 10.66 -24.81 18.97
N GLY F 180 9.75 -25.75 18.75
CA GLY F 180 9.20 -26.57 19.83
C GLY F 180 9.92 -27.90 19.95
N GLN F 181 10.19 -28.29 21.20
CA GLN F 181 10.84 -29.55 21.51
C GLN F 181 10.46 -29.97 22.92
N PHE F 182 10.60 -31.26 23.19
CA PHE F 182 10.43 -31.79 24.53
C PHE F 182 11.75 -31.71 25.30
N TYR F 183 11.66 -31.39 26.58
CA TYR F 183 12.83 -31.26 27.42
C TYR F 183 12.43 -31.50 28.87
N HIS F 184 13.37 -31.32 29.78
CA HIS F 184 13.15 -31.52 31.21
C HIS F 184 13.54 -30.26 31.97
N ASN F 185 12.79 -29.98 33.03
CA ASN F 185 13.09 -28.88 33.96
C ASN F 185 14.18 -29.37 34.91
N CYS F 186 15.44 -29.21 34.50
CA CYS F 186 16.58 -29.72 35.25
C CYS F 186 17.28 -28.65 36.08
N SER F 187 16.68 -27.46 36.21
CA SER F 187 17.35 -26.38 36.93
C SER F 187 17.56 -26.74 38.41
N GLY F 188 16.56 -27.34 39.04
CA GLY F 188 16.63 -27.71 40.43
C GLY F 188 16.94 -29.17 40.70
N GLN F 189 17.09 -29.99 39.67
CA GLN F 189 17.34 -31.41 39.84
C GLN F 189 18.84 -31.67 39.97
N THR F 190 19.20 -32.94 40.11
CA THR F 190 20.59 -33.35 40.23
C THR F 190 21.20 -33.51 38.83
N GLN F 191 22.43 -34.01 38.77
CA GLN F 191 23.11 -34.18 37.49
C GLN F 191 22.53 -35.30 36.64
N SER F 192 21.69 -36.16 37.23
CA SER F 192 21.08 -37.25 36.47
C SER F 192 19.94 -36.78 35.58
N CYS F 193 19.50 -35.54 35.71
CA CYS F 193 18.46 -35.01 34.84
C CYS F 193 19.02 -34.77 33.44
N PRO F 194 18.50 -35.43 32.40
CA PRO F 194 19.03 -35.21 31.06
C PRO F 194 18.70 -33.81 30.55
N SER F 195 19.70 -33.15 29.98
CA SER F 195 19.55 -31.81 29.45
C SER F 195 19.33 -31.78 27.94
N ALA F 196 19.24 -32.93 27.30
CA ALA F 196 19.09 -32.98 25.85
C ALA F 196 17.63 -32.82 25.45
N GLN F 197 17.41 -32.01 24.41
CA GLN F 197 16.06 -31.84 23.88
C GLN F 197 15.71 -32.98 22.93
N VAL F 198 14.45 -33.39 22.95
CA VAL F 198 13.96 -34.50 22.15
C VAL F 198 12.92 -33.98 21.17
N SER F 199 13.09 -34.30 19.90
CA SER F 199 12.08 -34.00 18.90
C SER F 199 11.08 -35.14 18.82
N PRO F 200 9.78 -34.88 19.04
CA PRO F 200 8.80 -35.97 18.99
C PRO F 200 8.67 -36.61 17.62
N ALA F 201 9.00 -35.91 16.53
CA ALA F 201 8.86 -36.44 15.19
C ALA F 201 10.12 -36.12 14.39
N VAL F 202 10.34 -36.92 13.34
CA VAL F 202 11.51 -36.81 12.49
C VAL F 202 11.04 -36.77 11.03
N ASP F 203 12.02 -36.72 10.12
CA ASP F 203 11.71 -36.62 8.70
C ASP F 203 10.95 -37.85 8.21
N SER F 204 11.32 -39.04 8.69
CA SER F 204 10.69 -40.26 8.22
C SER F 204 9.21 -40.32 8.60
N ASP F 205 8.81 -39.59 9.64
CA ASP F 205 7.40 -39.57 10.03
C ASP F 205 6.52 -38.87 8.99
N LEU F 206 7.11 -38.16 8.02
CA LEU F 206 6.32 -37.49 7.01
C LEU F 206 6.26 -38.23 5.69
N THR F 207 7.17 -39.18 5.45
CA THR F 207 7.26 -39.83 4.14
C THR F 207 6.95 -41.33 4.18
N GLU F 208 7.67 -42.11 4.99
CA GLU F 208 7.56 -43.55 4.91
C GLU F 208 6.33 -44.07 5.65
N SER F 209 5.66 -45.04 5.04
CA SER F 209 4.47 -45.69 5.61
C SER F 209 3.41 -44.64 5.98
N LEU F 210 2.98 -43.90 4.96
CA LEU F 210 2.06 -42.79 5.19
C LEU F 210 0.75 -43.26 5.79
N ASP F 211 0.20 -44.37 5.29
CA ASP F 211 -1.10 -44.86 5.71
C ASP F 211 -1.04 -45.77 6.94
N LYS F 212 0.15 -46.03 7.47
CA LYS F 212 0.30 -46.93 8.60
C LYS F 212 0.32 -46.15 9.91
N HIS F 213 -0.12 -46.82 10.98
CA HIS F 213 -0.18 -46.20 12.29
C HIS F 213 1.21 -45.78 12.75
N LYS F 214 1.29 -44.59 13.34
CA LYS F 214 2.53 -44.04 13.84
C LYS F 214 2.37 -43.76 15.34
N HIS F 215 3.36 -44.18 16.12
CA HIS F 215 3.35 -43.96 17.56
C HIS F 215 4.70 -43.46 18.04
N LYS F 216 4.68 -42.60 19.05
CA LYS F 216 5.87 -42.07 19.67
C LYS F 216 5.69 -42.13 21.18
N LYS F 217 6.70 -42.65 21.88
CA LYS F 217 6.64 -42.83 23.32
C LYS F 217 7.90 -42.26 23.96
N LEU F 218 7.71 -41.39 24.95
CA LEU F 218 8.81 -40.80 25.70
C LEU F 218 8.61 -41.13 27.17
N GLN F 219 9.64 -41.70 27.80
CA GLN F 219 9.54 -42.12 29.20
C GLN F 219 10.67 -41.50 29.99
N SER F 220 10.35 -40.95 31.16
CA SER F 220 11.39 -40.39 32.01
C SER F 220 10.89 -40.29 33.44
N PHE F 221 11.82 -40.25 34.38
CA PHE F 221 11.48 -39.99 35.77
C PHE F 221 11.26 -38.51 36.06
N TYR F 222 11.49 -37.64 35.07
CA TYR F 222 11.26 -36.21 35.18
C TYR F 222 10.14 -35.78 34.24
N PRO F 223 9.36 -34.77 34.63
CA PRO F 223 8.23 -34.34 33.77
C PRO F 223 8.71 -33.80 32.44
N TRP F 224 7.91 -34.06 31.40
CA TRP F 224 8.22 -33.61 30.05
C TRP F 224 7.61 -32.23 29.84
N GLU F 225 8.44 -31.27 29.42
CA GLU F 225 8.00 -29.92 29.13
C GLU F 225 8.19 -29.63 27.64
N TRP F 226 7.35 -28.77 27.09
CA TRP F 226 7.40 -28.41 25.69
C TRP F 226 7.80 -26.94 25.57
N GLY F 227 8.80 -26.68 24.72
CA GLY F 227 9.25 -25.31 24.53
C GLY F 227 10.21 -25.22 23.36
N GLU F 228 10.27 -24.04 22.75
CA GLU F 228 9.43 -22.90 23.13
C GLU F 228 8.04 -23.02 22.53
N LYS F 229 7.03 -22.57 23.28
CA LYS F 229 5.65 -22.72 22.87
C LYS F 229 5.29 -21.67 21.82
N GLY F 230 4.06 -21.79 21.32
CA GLY F 230 3.54 -20.86 20.31
C GLY F 230 3.33 -21.58 19.00
N ILE F 231 2.13 -21.46 18.45
CA ILE F 231 1.82 -22.05 17.15
C ILE F 231 2.23 -21.01 16.12
N SER F 232 3.52 -20.98 15.84
CA SER F 232 4.14 -19.90 15.08
C SER F 232 5.11 -20.49 14.08
N THR F 233 5.06 -20.00 12.86
CA THR F 233 5.82 -20.55 11.76
C THR F 233 7.07 -19.70 11.48
N PRO F 234 8.07 -20.27 10.81
CA PRO F 234 9.34 -19.57 10.63
C PRO F 234 9.19 -18.24 9.92
N ARG F 235 9.94 -17.25 10.40
CA ARG F 235 10.00 -15.92 9.78
C ARG F 235 11.47 -15.52 9.61
N PRO F 236 12.22 -16.22 8.76
CA PRO F 236 13.65 -15.94 8.63
C PRO F 236 13.92 -14.58 8.00
N LYS F 237 15.06 -14.01 8.37
CA LYS F 237 15.53 -12.76 7.78
C LYS F 237 17.05 -12.80 7.75
N ILE F 238 17.63 -12.02 6.85
CA ILE F 238 19.08 -11.90 6.74
C ILE F 238 19.53 -10.70 7.56
N ILE F 239 20.61 -10.88 8.34
CA ILE F 239 21.16 -9.81 9.14
C ILE F 239 22.58 -9.44 8.74
N SER F 240 23.24 -10.25 7.90
CA SER F 240 24.57 -9.96 7.39
C SER F 240 24.70 -10.69 6.07
N PRO F 241 25.38 -10.10 5.07
CA PRO F 241 26.08 -8.81 5.07
C PRO F 241 25.12 -7.64 4.88
N VAL F 242 23.83 -7.93 4.67
CA VAL F 242 22.80 -6.91 4.59
C VAL F 242 21.67 -7.29 5.54
N SER F 243 20.84 -6.31 5.86
CA SER F 243 19.70 -6.50 6.75
C SER F 243 18.43 -6.42 5.92
N GLY F 244 17.70 -7.52 5.85
CA GLY F 244 16.50 -7.59 5.04
C GLY F 244 15.25 -7.88 5.86
N PRO F 245 14.09 -7.81 5.22
CA PRO F 245 12.84 -8.05 5.93
C PRO F 245 12.59 -9.53 6.18
N GLU F 246 11.68 -9.79 7.11
CA GLU F 246 11.28 -11.16 7.41
C GLU F 246 10.57 -11.78 6.21
N HIS F 247 10.66 -13.11 6.13
CA HIS F 247 10.05 -13.88 5.04
C HIS F 247 9.23 -15.01 5.64
N PRO F 248 8.01 -14.73 6.08
CA PRO F 248 7.16 -15.76 6.66
C PRO F 248 6.45 -16.66 5.66
N GLU F 249 6.88 -16.67 4.39
CA GLU F 249 6.23 -17.43 3.34
C GLU F 249 7.03 -18.62 2.86
N LEU F 250 8.32 -18.71 3.18
CA LEU F 250 9.15 -19.82 2.70
C LEU F 250 8.73 -21.14 3.33
N TRP F 251 8.35 -21.11 4.62
CA TRP F 251 7.84 -22.31 5.26
C TRP F 251 6.61 -22.85 4.55
N ARG F 252 5.82 -21.97 3.93
CA ARG F 252 4.66 -22.45 3.18
C ARG F 252 5.09 -23.31 2.00
N LEU F 253 6.18 -22.92 1.33
CA LEU F 253 6.72 -23.75 0.26
C LEU F 253 7.26 -25.07 0.81
N THR F 254 7.99 -25.02 1.93
CA THR F 254 8.58 -26.25 2.44
C THR F 254 7.54 -27.22 2.98
N VAL F 255 6.43 -26.71 3.53
CA VAL F 255 5.47 -27.58 4.19
C VAL F 255 4.67 -28.40 3.19
N ALA F 256 4.55 -27.92 1.95
CA ALA F 256 3.81 -28.67 0.94
C ALA F 256 4.64 -29.79 0.31
N SER F 257 5.96 -29.79 0.51
CA SER F 257 6.80 -30.82 -0.11
C SER F 257 6.56 -32.21 0.46
N HIS F 258 5.96 -32.30 1.65
CA HIS F 258 5.57 -33.57 2.24
C HIS F 258 4.20 -33.43 2.86
N HIS F 259 3.57 -34.57 3.14
CA HIS F 259 2.37 -34.58 3.93
C HIS F 259 2.65 -33.99 5.32
N ILE F 260 1.68 -33.29 5.87
CA ILE F 260 1.75 -32.96 7.28
C ILE F 260 1.08 -34.09 8.05
N ARG F 261 1.52 -34.32 9.29
CA ARG F 261 0.99 -35.41 10.10
C ARG F 261 0.30 -34.84 11.33
N ILE F 262 -0.91 -35.32 11.59
CA ILE F 262 -1.71 -34.83 12.70
C ILE F 262 -1.69 -35.88 13.80
N TRP F 263 -1.13 -35.52 14.95
CA TRP F 263 -1.03 -36.39 16.10
C TRP F 263 -1.99 -35.95 17.20
N SER F 264 -2.44 -36.92 17.99
CA SER F 264 -3.03 -36.65 19.29
C SER F 264 -2.25 -37.44 20.33
N GLY F 265 -2.58 -37.23 21.59
CA GLY F 265 -1.92 -37.99 22.63
C GLY F 265 -2.14 -37.39 24.00
N ASN F 266 -1.21 -37.69 24.90
CA ASN F 266 -1.29 -37.23 26.28
C ASN F 266 0.05 -37.44 26.95
N GLN F 267 0.15 -36.91 28.18
CA GLN F 267 1.21 -37.26 29.11
C GLN F 267 0.56 -37.84 30.36
N THR F 268 1.03 -39.00 30.78
CA THR F 268 0.47 -39.70 31.92
C THR F 268 1.55 -39.94 32.97
N LEU F 269 1.10 -40.15 34.20
CA LEU F 269 1.98 -40.32 35.35
C LEU F 269 1.63 -41.63 36.04
N GLU F 270 2.65 -42.43 36.33
CA GLU F 270 2.48 -43.68 37.07
C GLU F 270 3.57 -43.76 38.15
N THR F 271 3.60 -44.88 38.86
CA THR F 271 4.56 -45.10 39.93
C THR F 271 5.54 -46.18 39.52
N ARG F 272 6.84 -45.87 39.62
CA ARG F 272 7.91 -46.81 39.31
C ARG F 272 8.98 -46.67 40.37
N ASP F 273 9.27 -47.77 41.06
CA ASP F 273 10.24 -47.78 42.17
C ASP F 273 9.88 -46.71 43.20
N ARG F 274 8.59 -46.58 43.49
CA ARG F 274 8.07 -45.59 44.43
C ARG F 274 8.45 -44.16 44.02
N LYS F 275 8.54 -43.92 42.72
CA LYS F 275 8.86 -42.60 42.19
C LYS F 275 7.90 -42.25 41.06
N PRO F 276 7.64 -40.96 40.86
CA PRO F 276 6.79 -40.56 39.72
C PRO F 276 7.50 -40.85 38.39
N PHE F 277 6.76 -41.46 37.47
CA PHE F 277 7.26 -41.81 36.14
C PHE F 277 6.33 -41.21 35.11
N TYR F 278 6.88 -40.40 34.21
CA TYR F 278 6.10 -39.62 33.26
C TYR F 278 6.30 -40.19 31.85
N THR F 279 5.19 -40.43 31.17
CA THR F 279 5.19 -41.00 29.82
C THR F 279 4.38 -40.10 28.90
N VAL F 280 5.02 -39.58 27.86
CA VAL F 280 4.33 -38.88 26.79
C VAL F 280 4.03 -39.89 25.69
N ASP F 281 2.75 -40.05 25.36
CA ASP F 281 2.32 -40.93 24.29
C ASP F 281 1.69 -40.08 23.19
N LEU F 282 2.11 -40.31 21.96
CA LEU F 282 1.54 -39.63 20.80
C LEU F 282 1.22 -40.65 19.73
N ASN F 283 0.05 -40.54 19.12
CA ASN F 283 -0.35 -41.39 18.02
C ASN F 283 -0.79 -40.55 16.84
N SER F 284 -0.67 -41.13 15.65
CA SER F 284 -1.19 -40.52 14.44
C SER F 284 -1.50 -41.58 13.41
N SER F 285 -2.70 -41.52 12.85
CA SER F 285 -3.04 -42.25 11.63
C SER F 285 -3.56 -41.30 10.56
N LEU F 286 -3.28 -40.00 10.69
CA LEU F 286 -3.85 -38.97 9.83
C LEU F 286 -2.72 -38.14 9.24
N THR F 287 -2.65 -38.10 7.91
CA THR F 287 -1.77 -37.21 7.18
C THR F 287 -2.58 -36.42 6.18
N VAL F 288 -2.16 -35.18 5.94
CA VAL F 288 -2.83 -34.27 5.04
C VAL F 288 -1.85 -33.88 3.94
N PRO F 289 -2.19 -34.10 2.67
CA PRO F 289 -1.35 -33.58 1.58
C PRO F 289 -1.71 -32.15 1.26
N LEU F 290 -0.69 -31.36 0.94
CA LEU F 290 -0.84 -29.93 0.68
C LEU F 290 -0.26 -29.57 -0.67
N GLN F 291 -0.68 -28.42 -1.18
CA GLN F 291 -0.11 -27.86 -2.40
C GLN F 291 0.09 -26.37 -2.20
N SER F 292 1.32 -25.90 -2.37
CA SER F 292 1.66 -24.49 -2.22
C SER F 292 2.15 -23.95 -3.55
N CYS F 293 1.64 -22.79 -3.94
CA CYS F 293 1.90 -22.25 -5.27
C CYS F 293 2.27 -20.79 -5.21
N VAL F 294 3.20 -20.39 -6.07
CA VAL F 294 3.43 -18.99 -6.36
C VAL F 294 2.75 -18.67 -7.68
N LYS F 295 2.52 -17.40 -7.93
CA LYS F 295 1.80 -16.97 -9.11
C LYS F 295 2.64 -15.97 -9.90
N PRO F 296 2.43 -15.89 -11.21
CA PRO F 296 3.15 -14.91 -12.03
C PRO F 296 3.04 -13.52 -11.45
N PRO F 297 4.12 -12.73 -11.50
CA PRO F 297 5.37 -12.98 -12.21
C PRO F 297 6.36 -13.88 -11.47
N TYR F 298 5.98 -14.50 -10.36
CA TYR F 298 6.87 -15.34 -9.58
C TYR F 298 6.80 -16.80 -10.04
N MET F 299 7.96 -17.46 -10.01
CA MET F 299 8.09 -18.87 -10.36
C MET F 299 9.15 -19.50 -9.47
N LEU F 300 9.33 -20.81 -9.62
CA LEU F 300 10.36 -21.55 -8.91
C LEU F 300 11.23 -22.30 -9.90
N VAL F 301 12.54 -22.30 -9.62
CA VAL F 301 13.51 -23.06 -10.39
C VAL F 301 13.98 -24.20 -9.51
N VAL F 302 13.71 -25.44 -9.92
CA VAL F 302 13.92 -26.62 -9.10
C VAL F 302 15.00 -27.48 -9.73
N GLY F 303 15.99 -27.86 -8.95
CA GLY F 303 17.04 -28.73 -9.44
C GLY F 303 18.35 -28.45 -8.73
N ASN F 304 19.45 -28.70 -9.44
CA ASN F 304 20.78 -28.57 -8.87
C ASN F 304 21.25 -27.11 -8.95
N ILE F 305 20.66 -26.29 -8.08
CA ILE F 305 21.04 -24.88 -8.02
C ILE F 305 22.41 -24.78 -7.34
N VAL F 306 23.35 -24.13 -8.03
CA VAL F 306 24.68 -23.87 -7.51
C VAL F 306 24.83 -22.37 -7.34
N ILE F 307 25.09 -21.94 -6.11
CA ILE F 307 25.28 -20.53 -5.77
C ILE F 307 26.75 -20.32 -5.45
N LYS F 308 27.42 -19.50 -6.25
CA LYS F 308 28.81 -19.15 -6.03
C LYS F 308 28.89 -17.70 -5.56
N PRO F 309 29.19 -17.46 -4.28
CA PRO F 309 29.14 -16.07 -3.77
C PRO F 309 30.38 -15.25 -4.09
N ASP F 310 31.51 -15.88 -4.43
CA ASP F 310 32.69 -15.11 -4.77
C ASP F 310 32.50 -14.30 -6.06
N SER F 311 31.61 -14.73 -6.94
CA SER F 311 31.24 -13.97 -8.12
C SER F 311 29.75 -13.64 -8.14
N GLN F 312 29.00 -14.04 -7.13
CA GLN F 312 27.56 -13.83 -7.04
C GLN F 312 26.85 -14.36 -8.30
N THR F 313 26.98 -15.67 -8.49
CA THR F 313 26.44 -16.34 -9.67
C THR F 313 25.55 -17.49 -9.23
N ILE F 314 24.43 -17.65 -9.94
CA ILE F 314 23.53 -18.80 -9.76
C ILE F 314 23.51 -19.56 -11.08
N THR F 315 23.83 -20.85 -11.01
CA THR F 315 23.85 -21.70 -12.19
C THR F 315 23.06 -22.96 -11.92
N CYS F 316 22.43 -23.48 -12.96
CA CYS F 316 21.80 -24.79 -12.89
C CYS F 316 21.70 -25.38 -14.29
N GLU F 317 22.02 -26.66 -14.39
CA GLU F 317 21.90 -27.41 -15.63
C GLU F 317 20.66 -28.29 -15.55
N ASN F 318 19.76 -28.14 -16.53
CA ASN F 318 18.56 -28.96 -16.63
C ASN F 318 17.68 -28.81 -15.39
N CYS F 319 17.52 -27.58 -14.91
CA CYS F 319 16.52 -27.30 -13.88
C CYS F 319 15.12 -27.35 -14.51
N ARG F 320 14.12 -27.36 -13.64
CA ARG F 320 12.73 -27.35 -14.05
C ARG F 320 12.06 -26.09 -13.54
N LEU F 321 11.23 -25.48 -14.38
CA LEU F 321 10.44 -24.33 -13.97
C LEU F 321 9.08 -24.82 -13.48
N LEU F 322 8.75 -24.49 -12.24
CA LEU F 322 7.48 -24.86 -11.63
C LEU F 322 6.84 -23.63 -11.02
N THR F 323 5.58 -23.78 -10.61
CA THR F 323 4.92 -22.80 -9.78
C THR F 323 4.33 -23.40 -8.51
N CYS F 324 4.22 -24.72 -8.42
CA CYS F 324 3.58 -25.36 -7.28
C CYS F 324 4.47 -26.46 -6.72
N ILE F 325 4.37 -26.65 -5.41
CA ILE F 325 5.07 -27.72 -4.69
C ILE F 325 4.01 -28.62 -4.07
N ASP F 326 4.14 -29.92 -4.26
CA ASP F 326 3.25 -30.90 -3.64
C ASP F 326 4.08 -32.00 -3.01
N SER F 327 3.40 -33.00 -2.45
CA SER F 327 4.06 -34.02 -1.63
C SER F 327 5.00 -34.92 -2.41
N THR F 328 4.91 -34.94 -3.74
CA THR F 328 5.82 -35.73 -4.54
C THR F 328 7.15 -35.02 -4.82
N PHE F 329 7.38 -33.88 -4.17
CA PHE F 329 8.65 -33.18 -4.34
C PHE F 329 9.80 -34.01 -3.81
N ASN F 330 10.90 -34.02 -4.54
CA ASN F 330 12.10 -34.76 -4.19
C ASN F 330 13.15 -33.79 -3.67
N TRP F 331 13.54 -33.95 -2.41
CA TRP F 331 14.46 -33.01 -1.77
C TRP F 331 15.91 -33.24 -2.17
N GLN F 332 16.18 -34.08 -3.15
CA GLN F 332 17.48 -34.05 -3.80
C GLN F 332 17.67 -32.78 -4.61
N HIS F 333 16.57 -32.13 -5.00
CA HIS F 333 16.61 -30.87 -5.72
C HIS F 333 16.43 -29.70 -4.75
N ARG F 334 16.96 -28.55 -5.15
CA ARG F 334 16.78 -27.30 -4.45
C ARG F 334 15.75 -26.45 -5.18
N ILE F 335 15.21 -25.46 -4.46
CA ILE F 335 14.22 -24.53 -4.99
C ILE F 335 14.79 -23.13 -4.92
N LEU F 336 14.77 -22.42 -6.05
CA LEU F 336 15.17 -21.03 -6.13
C LEU F 336 13.95 -20.21 -6.51
N LEU F 337 13.58 -19.27 -5.65
CA LEU F 337 12.49 -18.35 -5.97
C LEU F 337 12.95 -17.36 -7.03
N VAL F 338 12.15 -17.16 -8.07
CA VAL F 338 12.50 -16.25 -9.15
C VAL F 338 11.28 -15.42 -9.52
N ARG F 339 11.55 -14.31 -10.20
CA ARG F 339 10.52 -13.41 -10.68
C ARG F 339 10.86 -12.99 -12.09
N ALA F 340 9.83 -12.71 -12.89
CA ALA F 340 10.03 -12.22 -14.24
C ALA F 340 10.87 -10.94 -14.21
N ARG F 341 11.87 -10.89 -15.08
CA ARG F 341 12.83 -9.78 -15.06
C ARG F 341 12.20 -8.50 -15.58
N GLU F 342 12.54 -7.39 -14.95
CA GLU F 342 12.11 -6.08 -15.42
C GLU F 342 12.79 -5.76 -16.76
N GLY F 343 12.45 -4.60 -17.32
CA GLY F 343 12.98 -4.25 -18.63
C GLY F 343 14.49 -4.17 -18.64
N VAL F 344 15.08 -4.52 -19.79
CA VAL F 344 16.53 -4.55 -19.92
C VAL F 344 16.93 -3.71 -21.13
N TRP F 345 18.23 -3.37 -21.17
CA TRP F 345 18.80 -2.59 -22.26
C TRP F 345 19.81 -3.44 -23.00
N ILE F 346 19.72 -3.46 -24.33
CA ILE F 346 20.54 -4.35 -25.14
C ILE F 346 20.85 -3.71 -26.50
N PRO F 347 22.08 -3.80 -26.97
CA PRO F 347 22.36 -3.38 -28.35
C PRO F 347 21.72 -4.34 -29.35
N VAL F 348 21.22 -3.79 -30.45
CA VAL F 348 20.62 -4.56 -31.54
C VAL F 348 21.15 -4.00 -32.85
N SER F 349 21.42 -4.89 -33.80
CA SER F 349 21.98 -4.48 -35.09
C SER F 349 20.89 -4.46 -36.15
N MET F 350 20.81 -3.35 -36.87
CA MET F 350 19.94 -3.14 -38.01
C MET F 350 20.77 -3.04 -39.28
N ASP F 351 20.10 -3.18 -40.42
CA ASP F 351 20.72 -3.04 -41.72
C ASP F 351 20.47 -1.66 -42.34
N ARG F 352 19.97 -0.71 -41.56
CA ARG F 352 19.66 0.62 -42.05
C ARG F 352 19.69 1.57 -40.86
N PRO F 353 19.86 2.88 -41.11
CA PRO F 353 19.86 3.84 -40.00
C PRO F 353 18.50 3.95 -39.33
N TRP F 354 18.53 4.38 -38.08
CA TRP F 354 17.32 4.60 -37.29
C TRP F 354 16.40 5.61 -37.97
N GLU F 355 15.10 5.34 -37.94
CA GLU F 355 14.10 6.20 -38.55
C GLU F 355 12.97 6.47 -37.56
N ALA F 356 12.56 7.73 -37.48
CA ALA F 356 11.46 8.09 -36.57
C ALA F 356 10.11 7.66 -37.12
N SER F 357 9.89 7.84 -38.42
CA SER F 357 8.59 7.62 -39.03
C SER F 357 8.82 7.07 -40.44
N PRO F 358 7.82 6.40 -41.02
CA PRO F 358 7.98 5.88 -42.39
C PRO F 358 7.68 6.93 -43.46
N SER F 359 7.69 8.22 -43.10
CA SER F 359 7.28 9.26 -44.04
C SER F 359 8.14 9.25 -45.30
N ILE F 360 9.45 9.10 -45.15
CA ILE F 360 10.34 9.02 -46.32
C ILE F 360 10.00 7.79 -47.15
N HIS F 361 9.74 6.65 -46.50
CA HIS F 361 9.37 5.45 -47.23
C HIS F 361 8.06 5.65 -48.00
N ILE F 362 7.07 6.28 -47.36
CA ILE F 362 5.79 6.52 -48.03
C ILE F 362 5.97 7.46 -49.21
N LEU F 363 6.78 8.51 -49.05
CA LEU F 363 7.03 9.42 -50.16
C LEU F 363 7.74 8.71 -51.30
N THR F 364 8.71 7.85 -50.99
CA THR F 364 9.41 7.09 -52.03
C THR F 364 8.45 6.16 -52.76
N GLU F 365 7.57 5.48 -52.03
CA GLU F 365 6.59 4.60 -52.67
C GLU F 365 5.65 5.40 -53.56
N VAL F 366 5.20 6.56 -53.10
CA VAL F 366 4.31 7.39 -53.91
C VAL F 366 5.01 7.85 -55.18
N LEU F 367 6.27 8.28 -55.06
CA LEU F 367 7.01 8.72 -56.23
C LEU F 367 7.22 7.57 -57.21
N LYS F 368 7.52 6.38 -56.70
CA LYS F 368 7.68 5.22 -57.57
C LYS F 368 6.38 4.86 -58.26
N GLY F 369 5.25 5.03 -57.58
CA GLY F 369 3.97 4.78 -58.21
C GLY F 369 3.70 5.70 -59.39
N VAL F 370 4.15 6.95 -59.29
CA VAL F 370 3.99 7.91 -60.37
C VAL F 370 4.90 7.54 -61.55
#